data_8JSI
#
_entry.id   8JSI
#
_cell.length_a   1.00
_cell.length_b   1.00
_cell.length_c   1.00
_cell.angle_alpha   90.00
_cell.angle_beta   90.00
_cell.angle_gamma   90.00
#
_symmetry.space_group_name_H-M   'P 1'
#
loop_
_entity.id
_entity.type
_entity.pdbx_description
1 polymer 'Argonaute family protein'
2 polymer "DNA (5'-D(P*AP*CP*AP*AP*CP*CP*TP*AP*CP*TP*AP*CP*CP*TP*CP*C)-3')"
3 polymer "DNA (5'-D(P*GP*GP*AP*GP*GP*TP*AP*GP*TP*AP*GP*GP*TP*TP*GP*T)-3')"
4 non-polymer 'ZINC ION'
5 non-polymer 'MAGNESIUM ION'
#
loop_
_entity_poly.entity_id
_entity_poly.type
_entity_poly.pdbx_seq_one_letter_code
_entity_poly.pdbx_strand_id
1 'polypeptide(L)'
;MLMKVLTNMVKLNQDIIPNEIYLYKIFNKPEDGMNIYKIAYRNHGIVIDPQNRIIATPSELEYSGKFAIEDEISFNELPE
NYQNRLVLRILRDNGISDHALSRTLQKYRKPKPFGDFEVIPEIRSSVIKHGGDFYLVLHLSHQIRSKKTLWELVGRNKDA
LRDFLKEHRGTILLRDIASEHKVVYKPIFKRYNGDPDLIEDNSNDVEHWYDYHLERYWNTPELKKEFYKKFGPVDLNQPI
ILAKPLRQHNRGDLVHLLPQFVVPVYNAEQLNDILASEILEYLKLTSNQRISLLSRLINDIKTNTNIIVSSLTELEANTF
DVDLNDMLQVRNADNVKVTLSELEISKTRLFTWMKSRKYPVILPYDIPQKLKKIEKIPVFIIVDSALSRDIQTFAKDEFR
YLISSLQKSLSNWVDFPILDIRDKYIFTIDLTSDKDIVNLSIKLVNLMKNAELGLALIATRTKLPNETFDEVKKRLFSVN
IISQVVNEATLYKRDKYNESRLNLYVQHNLLFQILSKLGIKYYVLRHKFSYDYIVGIDVTPMKLSHGYIGGSAVMFDSQG
YIRKIIPVEIGEQMGESIDMKEFFKDMVVQFGKFGIDLEGKSILILRDGKITKDEEEGLAYISKVFGIKITTFNIVKRHL
LRIFANRKLYLRLANSVYLLPHRIKQSVGTPVPLKLSEKRLILDGTITSQEITYNDIFEILLLSELNYGSISADMKLPAP
VHYAHKFVRALRKGWRIREELLAEGFLYFV
;
A,B
2 'polydeoxyribonucleotide' (DA)(DC)(DA)(DA)(DC)(DC)(DT)(DA)(DC)(DT)(DA)(DC)(DC)(DT)(DC)(DC) T,U
3 'polydeoxyribonucleotide' (DG)(DG)(DA)(DG)(DG)(DT)(DA)(DG)(DT)(DA)(DG)(DG)(DT)(DT)(DG)(DT) G,H
#
loop_
_chem_comp.id
_chem_comp.type
_chem_comp.name
_chem_comp.formula
DA DNA linking 2'-DEOXYADENOSINE-5'-MONOPHOSPHATE 'C10 H14 N5 O6 P'
DC DNA linking 2'-DEOXYCYTIDINE-5'-MONOPHOSPHATE 'C9 H14 N3 O7 P'
DG DNA linking 2'-DEOXYGUANOSINE-5'-MONOPHOSPHATE 'C10 H14 N5 O7 P'
DT DNA linking THYMIDINE-5'-MONOPHOSPHATE 'C10 H15 N2 O8 P'
MG non-polymer 'MAGNESIUM ION' 'Mg 2'
ZN non-polymer 'ZINC ION' 'Zn 2'
#
# COMPACT_ATOMS: atom_id res chain seq x y z
N MET A 1 -17.78 18.53 44.51
CA MET A 1 -17.58 18.36 43.08
C MET A 1 -17.09 19.65 42.43
N LEU A 2 -16.14 20.31 43.10
CA LEU A 2 -15.54 21.53 42.58
C LEU A 2 -14.21 21.74 43.29
N MET A 3 -13.12 21.78 42.53
CA MET A 3 -11.79 21.88 43.09
C MET A 3 -10.95 22.85 42.30
N LYS A 4 -10.07 23.57 43.00
CA LYS A 4 -9.11 24.47 42.38
C LYS A 4 -7.89 23.68 41.92
N VAL A 5 -7.50 23.87 40.67
CA VAL A 5 -6.34 23.18 40.11
C VAL A 5 -5.42 24.20 39.46
N LEU A 6 -4.15 23.82 39.34
CA LEU A 6 -3.15 24.62 38.67
C LEU A 6 -2.83 24.04 37.29
N THR A 7 -2.56 24.93 36.35
CA THR A 7 -2.21 24.56 34.99
C THR A 7 -0.89 25.21 34.63
N ASN A 8 -0.41 24.95 33.42
CA ASN A 8 0.85 25.49 32.93
C ASN A 8 0.64 26.66 31.98
N MET A 9 -0.35 27.50 32.25
CA MET A 9 -0.68 28.64 31.41
C MET A 9 -0.42 29.94 32.16
N VAL A 10 0.08 30.93 31.45
CA VAL A 10 0.35 32.25 32.01
C VAL A 10 -0.30 33.30 31.13
N LYS A 11 -0.95 34.29 31.74
CA LYS A 11 -1.63 35.32 30.98
C LYS A 11 -0.63 36.32 30.41
N LEU A 12 -0.86 36.72 29.16
CA LEU A 12 0.00 37.65 28.46
C LEU A 12 -0.57 39.06 28.49
N ASN A 13 0.30 40.04 28.22
CA ASN A 13 -0.13 41.42 28.14
C ASN A 13 -1.05 41.60 26.93
N GLN A 14 -2.06 42.46 27.11
CA GLN A 14 -3.07 42.67 26.08
C GLN A 14 -2.65 43.69 25.04
N ASP A 15 -1.50 44.34 25.20
CA ASP A 15 -1.02 45.30 24.21
C ASP A 15 -0.17 44.65 23.12
N ILE A 16 0.10 43.34 23.22
CA ILE A 16 0.74 42.59 22.16
C ILE A 16 -0.20 42.37 20.98
N ILE A 17 -1.50 42.23 21.23
CA ILE A 17 -2.48 41.89 20.19
C ILE A 17 -2.46 42.96 19.11
N PRO A 18 -2.37 42.59 17.84
CA PRO A 18 -2.38 43.61 16.77
C PRO A 18 -3.76 44.20 16.58
N ASN A 19 -3.78 45.35 15.89
CA ASN A 19 -5.04 46.05 15.65
C ASN A 19 -5.78 45.45 14.45
N GLU A 20 -5.18 45.55 13.27
CA GLU A 20 -5.78 45.03 12.04
C GLU A 20 -4.73 44.28 11.24
N ILE A 21 -5.19 43.36 10.40
CA ILE A 21 -4.32 42.53 9.59
C ILE A 21 -4.66 42.75 8.11
N TYR A 22 -3.79 42.23 7.26
CA TYR A 22 -3.94 42.32 5.81
C TYR A 22 -3.94 40.92 5.23
N LEU A 23 -4.85 40.66 4.29
CA LEU A 23 -4.89 39.38 3.58
C LEU A 23 -4.27 39.55 2.20
N TYR A 24 -3.37 38.64 1.85
CA TYR A 24 -2.62 38.72 0.61
C TYR A 24 -2.71 37.39 -0.13
N LYS A 25 -2.73 37.47 -1.45
CA LYS A 25 -2.78 36.29 -2.30
C LYS A 25 -1.48 36.18 -3.09
N ILE A 26 -0.85 35.00 -3.01
CA ILE A 26 0.43 34.75 -3.65
C ILE A 26 0.17 33.97 -4.94
N PHE A 27 0.65 34.51 -6.06
CA PHE A 27 0.54 33.84 -7.36
C PHE A 27 1.85 33.14 -7.64
N ASN A 28 1.88 31.83 -7.45
CA ASN A 28 3.10 31.05 -7.64
C ASN A 28 2.71 29.60 -7.84
N LYS A 29 3.63 28.83 -8.43
CA LYS A 29 3.39 27.42 -8.66
C LYS A 29 4.21 26.58 -7.69
N PRO A 30 3.66 25.45 -7.23
CA PRO A 30 4.34 24.65 -6.19
C PRO A 30 5.31 23.60 -6.73
N GLU A 31 5.78 23.81 -7.96
CA GLU A 31 6.85 22.98 -8.53
C GLU A 31 8.08 23.81 -8.87
N ASP A 32 8.28 24.92 -8.18
CA ASP A 32 9.50 25.70 -8.35
C ASP A 32 10.29 25.81 -7.04
N GLY A 33 9.59 25.81 -5.91
CA GLY A 33 10.25 25.81 -4.61
C GLY A 33 9.77 26.91 -3.70
N MET A 34 10.42 26.98 -2.53
CA MET A 34 10.14 27.98 -1.50
C MET A 34 8.68 27.93 -1.06
N ASN A 35 8.39 26.88 -0.29
CA ASN A 35 7.05 26.61 0.23
C ASN A 35 6.37 27.86 0.75
N ILE A 36 5.04 27.90 0.61
CA ILE A 36 4.27 29.08 1.00
C ILE A 36 4.40 29.35 2.49
N TYR A 37 4.42 28.29 3.30
CA TYR A 37 4.48 28.46 4.75
C TYR A 37 5.77 29.13 5.18
N LYS A 38 6.88 28.81 4.51
CA LYS A 38 8.14 29.50 4.80
C LYS A 38 8.05 30.98 4.47
N ILE A 39 7.38 31.33 3.36
CA ILE A 39 7.20 32.73 3.02
C ILE A 39 6.39 33.44 4.10
N ALA A 40 5.25 32.85 4.49
CA ALA A 40 4.40 33.46 5.50
C ALA A 40 5.13 33.62 6.83
N TYR A 41 6.00 32.66 7.16
CA TYR A 41 6.81 32.80 8.36
C TYR A 41 7.82 33.92 8.21
N ARG A 42 8.38 34.10 7.01
CA ARG A 42 9.36 35.16 6.81
C ARG A 42 8.74 36.54 7.01
N ASN A 43 7.57 36.78 6.43
CA ASN A 43 6.92 38.08 6.57
C ASN A 43 6.07 38.20 7.82
N HIS A 44 6.36 37.42 8.87
CA HIS A 44 5.71 37.53 10.17
C HIS A 44 4.20 37.30 10.08
N GLY A 45 3.77 36.35 9.25
CA GLY A 45 2.35 36.09 9.09
C GLY A 45 2.00 34.63 9.19
N ILE A 46 0.73 34.30 8.90
CA ILE A 46 0.25 32.93 8.91
C ILE A 46 -0.45 32.65 7.59
N VAL A 47 -0.79 31.39 7.37
CA VAL A 47 -1.44 30.93 6.15
C VAL A 47 -2.91 30.67 6.49
N ILE A 48 -3.80 31.37 5.79
CA ILE A 48 -5.24 31.16 6.01
C ILE A 48 -5.75 30.04 5.11
N ASP A 49 -5.59 30.21 3.80
CA ASP A 49 -6.06 29.23 2.82
C ASP A 49 -4.88 28.73 1.99
N PRO A 50 -4.40 27.51 2.21
CA PRO A 50 -3.27 27.03 1.40
C PRO A 50 -3.60 26.70 -0.04
N GLN A 51 -4.86 26.35 -0.34
CA GLN A 51 -5.23 26.08 -1.73
C GLN A 51 -5.19 27.34 -2.58
N ASN A 52 -5.79 28.42 -2.10
CA ASN A 52 -5.80 29.69 -2.80
C ASN A 52 -4.56 30.53 -2.50
N ARG A 53 -3.65 30.03 -1.66
CA ARG A 53 -2.42 30.75 -1.30
C ARG A 53 -2.74 32.13 -0.71
N ILE A 54 -3.59 32.13 0.31
CA ILE A 54 -3.98 33.34 1.01
C ILE A 54 -3.31 33.35 2.37
N ILE A 55 -2.60 34.44 2.68
CA ILE A 55 -1.87 34.58 3.93
C ILE A 55 -2.36 35.85 4.64
N ALA A 56 -2.20 35.86 5.96
CA ALA A 56 -2.59 36.99 6.79
C ALA A 56 -1.36 37.53 7.50
N THR A 57 -1.15 38.85 7.39
CA THR A 57 0.05 39.49 7.90
C THR A 57 -0.31 40.80 8.59
N PRO A 58 0.23 41.04 9.79
CA PRO A 58 -0.03 42.31 10.48
C PRO A 58 0.69 43.51 9.90
N SER A 59 1.32 43.37 8.74
CA SER A 59 2.02 44.48 8.09
C SER A 59 1.98 44.26 6.59
N GLU A 60 2.46 45.26 5.86
CA GLU A 60 2.52 45.16 4.40
C GLU A 60 3.57 44.14 3.97
N LEU A 61 3.29 43.47 2.85
CA LEU A 61 4.18 42.42 2.38
C LEU A 61 5.47 43.00 1.82
N GLU A 62 6.51 42.16 1.81
CA GLU A 62 7.81 42.48 1.24
C GLU A 62 8.26 41.39 0.30
N TYR A 63 7.30 40.76 -0.38
CA TYR A 63 7.59 39.68 -1.30
C TYR A 63 8.26 40.23 -2.57
N SER A 64 8.93 39.33 -3.30
CA SER A 64 9.58 39.66 -4.55
C SER A 64 8.76 39.24 -5.78
N GLY A 65 7.98 38.19 -5.67
CA GLY A 65 7.19 37.70 -6.79
C GLY A 65 5.90 38.47 -7.01
N LYS A 66 4.85 37.76 -7.40
CA LYS A 66 3.56 38.38 -7.66
C LYS A 66 2.63 38.17 -6.48
N PHE A 67 2.00 39.25 -6.02
CA PHE A 67 1.01 39.18 -4.97
C PHE A 67 -0.11 40.16 -5.29
N ALA A 68 -1.21 40.07 -4.55
CA ALA A 68 -2.35 40.94 -4.77
C ALA A 68 -3.06 41.18 -3.45
N ILE A 69 -3.44 42.43 -3.20
CA ILE A 69 -4.16 42.76 -1.97
C ILE A 69 -5.57 42.18 -2.05
N GLU A 70 -5.98 41.50 -0.99
CA GLU A 70 -7.29 40.87 -0.94
C GLU A 70 -8.27 41.56 0.00
N ASP A 71 -7.87 41.81 1.25
CA ASP A 71 -8.79 42.40 2.21
C ASP A 71 -7.97 43.02 3.35
N GLU A 72 -8.62 43.93 4.07
CA GLU A 72 -8.07 44.54 5.28
C GLU A 72 -9.11 44.38 6.38
N ILE A 73 -9.03 43.25 7.10
CA ILE A 73 -10.02 42.90 8.10
C ILE A 73 -9.47 43.20 9.49
N SER A 74 -10.35 43.20 10.49
CA SER A 74 -9.95 43.39 11.87
C SER A 74 -9.49 42.07 12.47
N PHE A 75 -8.77 42.16 13.59
CA PHE A 75 -8.27 40.95 14.25
C PHE A 75 -9.43 40.10 14.77
N ASN A 76 -10.44 40.74 15.35
CA ASN A 76 -11.53 40.01 16.00
C ASN A 76 -12.43 39.27 15.02
N GLU A 77 -12.31 39.53 13.72
CA GLU A 77 -13.13 38.82 12.73
C GLU A 77 -12.56 37.45 12.39
N LEU A 78 -11.34 37.15 12.80
CA LEU A 78 -10.74 35.86 12.51
C LEU A 78 -11.29 34.78 13.42
N PRO A 79 -11.26 33.52 12.98
CA PRO A 79 -11.54 32.41 13.89
C PRO A 79 -10.49 32.32 15.00
N GLU A 80 -10.77 31.47 15.97
CA GLU A 80 -9.92 31.40 17.16
C GLU A 80 -8.55 30.81 16.85
N ASN A 81 -8.50 29.79 15.99
CA ASN A 81 -7.23 29.12 15.70
C ASN A 81 -6.25 30.08 15.02
N TYR A 82 -6.73 30.84 14.05
CA TYR A 82 -5.85 31.79 13.35
C TYR A 82 -5.36 32.87 14.30
N GLN A 83 -6.23 33.32 15.21
CA GLN A 83 -5.81 34.29 16.22
C GLN A 83 -4.73 33.72 17.12
N ASN A 84 -4.90 32.47 17.55
CA ASN A 84 -3.88 31.84 18.40
C ASN A 84 -2.54 31.74 17.66
N ARG A 85 -2.57 31.32 16.40
CA ARG A 85 -1.32 31.20 15.64
C ARG A 85 -0.66 32.57 15.42
N LEU A 86 -1.47 33.60 15.16
CA LEU A 86 -0.91 34.94 14.97
C LEU A 86 -0.27 35.44 16.26
N VAL A 87 -0.92 35.20 17.40
CA VAL A 87 -0.33 35.61 18.68
C VAL A 87 0.95 34.84 18.96
N LEU A 88 0.98 33.55 18.61
CA LEU A 88 2.20 32.77 18.79
C LEU A 88 3.35 33.32 17.94
N ARG A 89 3.06 33.67 16.69
CA ARG A 89 4.09 34.23 15.82
C ARG A 89 4.57 35.58 16.35
N ILE A 90 3.65 36.39 16.86
CA ILE A 90 4.05 37.70 17.41
C ILE A 90 4.93 37.51 18.64
N LEU A 91 4.57 36.56 19.51
CA LEU A 91 5.40 36.27 20.67
C LEU A 91 6.80 35.81 20.25
N ARG A 92 6.86 34.98 19.21
CA ARG A 92 8.17 34.58 18.69
C ARG A 92 8.95 35.79 18.19
N ASP A 93 8.28 36.73 17.54
CA ASP A 93 8.92 37.95 17.09
C ASP A 93 9.40 38.82 18.24
N ASN A 94 8.76 38.72 19.41
CA ASN A 94 9.10 39.56 20.56
C ASN A 94 10.08 38.87 21.51
N GLY A 95 10.68 37.75 21.11
CA GLY A 95 11.72 37.10 21.88
C GLY A 95 11.26 35.93 22.73
N ILE A 96 9.95 35.71 22.86
CA ILE A 96 9.44 34.60 23.66
C ILE A 96 9.35 33.40 22.73
N SER A 97 10.49 32.73 22.56
CA SER A 97 10.58 31.55 21.71
C SER A 97 11.03 30.35 22.54
N ASP A 98 10.85 29.16 21.97
CA ASP A 98 11.21 27.94 22.68
C ASP A 98 12.71 27.89 22.98
N HIS A 99 13.52 28.36 22.04
CA HIS A 99 14.97 28.30 22.21
C HIS A 99 15.43 29.17 23.38
N ALA A 100 14.93 30.41 23.45
CA ALA A 100 15.32 31.30 24.54
C ALA A 100 14.82 30.78 25.88
N LEU A 101 13.59 30.25 25.93
CA LEU A 101 13.07 29.71 27.17
C LEU A 101 13.88 28.50 27.63
N SER A 102 14.25 27.63 26.70
CA SER A 102 15.09 26.47 27.06
C SER A 102 16.45 26.92 27.55
N ARG A 103 17.06 27.91 26.89
CA ARG A 103 18.35 28.41 27.33
C ARG A 103 18.27 28.99 28.73
N THR A 104 17.20 29.72 29.03
CA THR A 104 17.01 30.23 30.38
C THR A 104 16.81 29.08 31.38
N LEU A 105 16.04 28.07 30.97
CA LEU A 105 15.77 26.93 31.86
C LEU A 105 17.04 26.15 32.19
N GLN A 106 18.02 26.14 31.28
CA GLN A 106 19.25 25.41 31.54
C GLN A 106 20.01 25.96 32.75
N LYS A 107 19.71 27.19 33.16
CA LYS A 107 20.33 27.75 34.35
C LYS A 107 19.85 27.09 35.64
N TYR A 108 18.69 26.44 35.61
CA TYR A 108 18.16 25.76 36.79
C TYR A 108 18.20 24.25 36.69
N ARG A 109 18.38 23.69 35.49
CA ARG A 109 18.49 22.25 35.28
C ARG A 109 19.66 22.02 34.33
N LYS A 110 20.84 21.75 34.90
CA LYS A 110 22.03 21.57 34.10
C LYS A 110 21.97 20.28 33.30
N PRO A 111 22.64 20.21 32.15
CA PRO A 111 22.66 18.98 31.37
C PRO A 111 23.27 17.84 32.17
N LYS A 112 22.72 16.63 31.99
CA LYS A 112 23.21 15.52 32.78
C LYS A 112 23.73 14.41 31.87
N PRO A 113 24.90 13.84 32.19
CA PRO A 113 25.41 12.72 31.38
C PRO A 113 24.97 11.37 31.90
N PHE A 114 24.38 10.55 31.03
CA PHE A 114 23.99 9.17 31.34
C PHE A 114 24.75 8.28 30.37
N GLY A 115 25.78 7.60 30.87
CA GLY A 115 26.62 6.78 30.03
C GLY A 115 27.30 7.57 28.94
N ASP A 116 26.93 7.31 27.69
CA ASP A 116 27.47 8.03 26.54
C ASP A 116 26.50 9.06 25.97
N PHE A 117 25.39 9.33 26.67
CA PHE A 117 24.39 10.27 26.21
C PHE A 117 24.32 11.46 27.15
N GLU A 118 23.74 12.56 26.66
CA GLU A 118 23.55 13.77 27.43
C GLU A 118 22.10 14.19 27.34
N VAL A 119 21.51 14.57 28.48
CA VAL A 119 20.12 14.98 28.58
C VAL A 119 20.09 16.48 28.88
N ILE A 120 19.31 17.21 28.09
CA ILE A 120 19.23 18.67 28.17
C ILE A 120 17.75 19.06 28.26
N PRO A 121 17.38 20.00 29.14
CA PRO A 121 15.98 20.39 29.24
C PRO A 121 15.51 21.13 27.99
N GLU A 122 14.19 21.21 27.84
CA GLU A 122 13.59 21.85 26.68
C GLU A 122 12.16 22.27 27.04
N ILE A 123 11.67 23.30 26.38
CA ILE A 123 10.36 23.86 26.64
C ILE A 123 9.61 24.02 25.32
N ARG A 124 8.38 23.53 25.28
CA ARG A 124 7.49 23.73 24.14
C ARG A 124 6.40 24.73 24.52
N SER A 125 5.90 25.45 23.53
CA SER A 125 4.98 26.54 23.78
C SER A 125 3.74 26.41 22.90
N SER A 126 2.63 26.96 23.41
CA SER A 126 1.39 27.05 22.65
C SER A 126 0.64 28.27 23.16
N VAL A 127 -0.42 28.64 22.43
CA VAL A 127 -1.25 29.78 22.80
C VAL A 127 -2.70 29.33 22.87
N ILE A 128 -3.42 29.75 23.91
CA ILE A 128 -4.80 29.34 24.15
C ILE A 128 -5.63 30.58 24.47
N LYS A 129 -6.81 30.67 23.87
CA LYS A 129 -7.74 31.76 24.14
C LYS A 129 -8.82 31.28 25.09
N HIS A 130 -8.96 31.99 26.21
CA HIS A 130 -9.94 31.65 27.24
C HIS A 130 -10.50 32.91 27.87
N GLY A 131 -11.82 33.01 27.93
CA GLY A 131 -12.46 34.14 28.57
C GLY A 131 -12.12 35.48 27.97
N GLY A 132 -11.82 35.52 26.68
CA GLY A 132 -11.41 36.74 26.03
C GLY A 132 -9.96 37.12 26.22
N ASP A 133 -9.19 36.32 26.95
CA ASP A 133 -7.77 36.57 27.18
C ASP A 133 -6.94 35.51 26.48
N PHE A 134 -5.65 35.81 26.32
CA PHE A 134 -4.71 34.94 25.64
C PHE A 134 -3.66 34.46 26.64
N TYR A 135 -3.45 33.15 26.70
CA TYR A 135 -2.54 32.53 27.64
C TYR A 135 -1.46 31.77 26.87
N LEU A 136 -0.24 31.79 27.42
CA LEU A 136 0.88 31.03 26.91
C LEU A 136 0.99 29.74 27.71
N VAL A 137 0.96 28.61 27.01
CA VAL A 137 1.06 27.29 27.62
C VAL A 137 2.48 26.79 27.44
N LEU A 138 3.12 26.43 28.56
CA LEU A 138 4.53 26.00 28.58
C LEU A 138 4.58 24.54 29.01
N HIS A 139 5.24 23.71 28.21
CA HIS A 139 5.39 22.29 28.48
C HIS A 139 6.86 21.94 28.66
N LEU A 140 7.15 21.16 29.68
CA LEU A 140 8.51 20.76 30.04
C LEU A 140 8.83 19.41 29.41
N SER A 141 10.01 19.30 28.80
CA SER A 141 10.45 18.06 28.19
C SER A 141 11.97 17.99 28.23
N HIS A 142 12.52 16.90 27.73
CA HIS A 142 13.96 16.70 27.70
C HIS A 142 14.39 16.22 26.33
N GLN A 143 15.68 16.37 26.05
CA GLN A 143 16.26 15.98 24.77
C GLN A 143 17.56 15.25 25.03
N ILE A 144 17.70 14.05 24.49
CA ILE A 144 18.83 13.18 24.75
C ILE A 144 19.61 13.00 23.47
N ARG A 145 20.90 13.36 23.48
CA ARG A 145 21.74 13.23 22.31
C ARG A 145 23.08 12.62 22.67
N SER A 146 23.65 11.88 21.73
CA SER A 146 24.93 11.23 21.98
C SER A 146 26.07 12.25 21.85
N LYS A 147 27.13 12.02 22.63
CA LYS A 147 28.29 12.89 22.65
C LYS A 147 29.52 12.31 21.98
N LYS A 148 29.59 10.99 21.83
CA LYS A 148 30.73 10.32 21.21
C LYS A 148 30.26 9.68 19.92
N THR A 149 31.12 9.72 18.90
CA THR A 149 30.82 9.07 17.62
C THR A 149 30.92 7.56 17.76
N LEU A 150 30.53 6.83 16.72
CA LEU A 150 30.52 5.37 16.81
C LEU A 150 31.92 4.80 17.01
N TRP A 151 32.92 5.34 16.30
CA TRP A 151 34.28 4.84 16.44
C TRP A 151 34.82 5.06 17.85
N GLU A 152 34.57 6.24 18.42
CA GLU A 152 35.01 6.50 19.79
C GLU A 152 34.22 5.66 20.79
N LEU A 153 32.97 5.34 20.46
CA LEU A 153 32.12 4.58 21.38
C LEU A 153 32.56 3.12 21.45
N VAL A 154 32.85 2.51 20.29
CA VAL A 154 33.23 1.11 20.30
C VAL A 154 34.67 0.92 20.77
N GLY A 155 35.44 2.00 20.88
CA GLY A 155 36.81 1.92 21.32
C GLY A 155 37.84 1.70 20.23
N ARG A 156 37.50 2.02 18.98
CA ARG A 156 38.41 1.84 17.84
C ARG A 156 38.82 0.37 17.69
N ASN A 157 37.82 -0.48 17.52
CA ASN A 157 38.06 -1.92 17.34
C ASN A 157 36.98 -2.46 16.42
N LYS A 158 37.41 -3.19 15.39
CA LYS A 158 36.46 -3.69 14.38
C LYS A 158 35.57 -4.78 14.95
N ASP A 159 36.10 -5.65 15.80
CA ASP A 159 35.27 -6.68 16.44
C ASP A 159 34.20 -6.06 17.32
N ALA A 160 34.56 -5.01 18.07
CA ALA A 160 33.59 -4.32 18.90
C ALA A 160 32.49 -3.69 18.05
N LEU A 161 32.86 -3.08 16.93
CA LEU A 161 31.86 -2.50 16.03
C LEU A 161 30.93 -3.57 15.49
N ARG A 162 31.48 -4.71 15.07
CA ARG A 162 30.64 -5.78 14.54
C ARG A 162 29.68 -6.30 15.61
N ASP A 163 30.17 -6.52 16.84
CA ASP A 163 29.29 -7.00 17.90
C ASP A 163 28.22 -5.97 18.26
N PHE A 164 28.59 -4.69 18.28
CA PHE A 164 27.61 -3.65 18.59
C PHE A 164 26.52 -3.60 17.54
N LEU A 165 26.89 -3.68 16.26
CA LEU A 165 25.90 -3.66 15.20
C LEU A 165 25.05 -4.93 15.20
N LYS A 166 25.62 -6.06 15.62
CA LYS A 166 24.86 -7.30 15.63
C LYS A 166 23.86 -7.34 16.77
N GLU A 167 24.27 -6.87 17.96
CA GLU A 167 23.42 -6.99 19.13
C GLU A 167 22.18 -6.11 19.03
N HIS A 168 22.34 -4.87 18.58
CA HIS A 168 21.22 -3.94 18.45
C HIS A 168 20.64 -3.97 17.03
N ARG A 169 20.32 -5.17 16.55
CA ARG A 169 19.75 -5.32 15.22
C ARG A 169 18.29 -4.90 15.23
N GLY A 170 17.91 -4.06 14.29
CA GLY A 170 16.54 -3.61 14.15
C GLY A 170 16.20 -2.34 14.91
N THR A 171 16.96 -2.00 15.94
CA THR A 171 16.73 -0.80 16.74
C THR A 171 17.98 0.07 16.75
N ILE A 172 18.66 0.17 15.62
CA ILE A 172 19.88 0.97 15.50
C ILE A 172 19.69 1.94 14.36
N LEU A 173 20.04 3.21 14.59
CA LEU A 173 19.98 4.24 13.56
C LEU A 173 21.20 5.15 13.73
N LEU A 174 21.81 5.51 12.61
CA LEU A 174 22.98 6.38 12.61
C LEU A 174 22.64 7.70 11.95
N ARG A 175 23.13 8.78 12.53
CA ARG A 175 22.94 10.12 11.99
C ARG A 175 24.30 10.66 11.57
N ASP A 176 24.41 11.08 10.31
CA ASP A 176 25.65 11.59 9.75
C ASP A 176 25.81 13.05 10.13
N ILE A 177 26.82 13.36 10.94
CA ILE A 177 27.01 14.71 11.46
C ILE A 177 28.11 15.47 10.74
N ALA A 178 28.68 14.91 9.67
CA ALA A 178 29.77 15.55 8.94
C ALA A 178 29.29 16.21 7.65
N SER A 179 27.99 16.27 7.42
CA SER A 179 27.43 16.89 6.23
C SER A 179 26.66 18.14 6.62
N GLU A 180 26.12 18.84 5.63
CA GLU A 180 25.36 20.05 5.88
C GLU A 180 23.98 19.77 6.46
N HIS A 181 23.22 18.89 5.81
CA HIS A 181 21.91 18.47 6.33
C HIS A 181 22.07 17.04 6.85
N LYS A 182 21.57 16.82 8.07
CA LYS A 182 21.79 15.55 8.77
C LYS A 182 20.67 14.58 8.41
N VAL A 183 21.04 13.40 7.93
CA VAL A 183 20.09 12.36 7.55
C VAL A 183 20.33 11.15 8.45
N VAL A 184 19.23 10.48 8.80
CA VAL A 184 19.27 9.28 9.63
C VAL A 184 19.31 8.06 8.71
N TYR A 185 20.32 7.22 8.90
CA TYR A 185 20.52 6.03 8.08
C TYR A 185 20.31 4.78 8.91
N LYS A 186 19.88 3.72 8.24
CA LYS A 186 19.71 2.40 8.84
C LYS A 186 20.70 1.44 8.19
N PRO A 187 21.51 0.72 8.96
CA PRO A 187 22.49 -0.19 8.36
C PRO A 187 21.81 -1.36 7.65
N ILE A 188 22.62 -2.10 6.91
CA ILE A 188 22.15 -3.24 6.12
C ILE A 188 22.82 -4.50 6.64
N PHE A 189 22.03 -5.54 6.89
CA PHE A 189 22.52 -6.82 7.38
C PHE A 189 22.23 -7.89 6.35
N LYS A 190 23.05 -8.94 6.36
CA LYS A 190 22.83 -10.08 5.47
C LYS A 190 21.50 -10.74 5.80
N ARG A 191 20.74 -11.07 4.74
CA ARG A 191 19.38 -11.55 4.94
C ARG A 191 19.32 -12.93 5.58
N TYR A 192 20.42 -13.69 5.54
CA TYR A 192 20.38 -15.05 6.05
C TYR A 192 21.52 -15.30 7.03
N ASN A 193 22.66 -14.65 6.84
CA ASN A 193 23.77 -14.77 7.76
C ASN A 193 23.56 -13.99 9.05
N GLY A 194 22.69 -12.98 9.04
CA GLY A 194 22.47 -12.17 10.23
C GLY A 194 23.69 -11.40 10.67
N ASP A 195 24.50 -10.93 9.72
CA ASP A 195 25.73 -10.21 10.00
C ASP A 195 25.69 -8.83 9.34
N PRO A 196 26.36 -7.84 9.92
CA PRO A 196 26.42 -6.53 9.28
C PRO A 196 27.24 -6.61 7.99
N ASP A 197 26.86 -5.76 7.03
CA ASP A 197 27.51 -5.72 5.71
C ASP A 197 28.52 -4.58 5.72
N LEU A 198 29.78 -4.91 6.00
CA LEU A 198 30.85 -3.93 6.02
C LEU A 198 31.76 -4.13 4.81
N ILE A 199 32.81 -3.32 4.75
CA ILE A 199 33.86 -3.45 3.76
C ILE A 199 35.17 -3.40 4.55
N GLU A 200 35.85 -4.55 4.62
CA GLU A 200 36.87 -4.75 5.65
C GLU A 200 38.11 -3.89 5.39
N ASP A 201 38.80 -4.13 4.28
CA ASP A 201 40.08 -3.47 3.99
C ASP A 201 39.96 -2.74 2.65
N ASN A 202 39.50 -1.50 2.69
CA ASN A 202 39.42 -0.65 1.51
C ASN A 202 39.89 0.76 1.87
N SER A 203 41.07 0.85 2.48
CA SER A 203 41.59 2.10 3.02
C SER A 203 41.64 3.22 1.98
N ASN A 204 41.79 2.87 0.70
CA ASN A 204 41.76 3.90 -0.34
C ASN A 204 40.43 4.62 -0.36
N ASP A 205 39.32 3.88 -0.31
CA ASP A 205 38.01 4.50 -0.24
C ASP A 205 37.80 5.25 1.07
N VAL A 206 38.38 4.77 2.17
CA VAL A 206 38.29 5.49 3.44
C VAL A 206 38.92 6.87 3.31
N GLU A 207 40.15 6.91 2.79
CA GLU A 207 40.82 8.21 2.59
C GLU A 207 40.06 9.09 1.62
N HIS A 208 39.53 8.50 0.53
CA HIS A 208 38.80 9.30 -0.45
C HIS A 208 37.53 9.91 0.15
N TRP A 209 36.78 9.12 0.93
CA TRP A 209 35.59 9.66 1.59
C TRP A 209 35.95 10.73 2.60
N TYR A 210 37.02 10.52 3.37
CA TYR A 210 37.45 11.52 4.34
C TYR A 210 37.78 12.84 3.65
N ASP A 211 38.59 12.79 2.60
CA ASP A 211 38.93 14.01 1.88
C ASP A 211 37.73 14.63 1.18
N TYR A 212 36.81 13.81 0.67
CA TYR A 212 35.60 14.36 0.05
C TYR A 212 34.78 15.14 1.06
N HIS A 213 34.59 14.59 2.26
CA HIS A 213 33.84 15.31 3.28
C HIS A 213 34.60 16.55 3.76
N LEU A 214 35.93 16.47 3.78
CA LEU A 214 36.71 17.60 4.27
C LEU A 214 36.66 18.78 3.31
N GLU A 215 36.90 18.53 2.01
CA GLU A 215 37.03 19.60 1.04
C GLU A 215 35.72 19.93 0.33
N ARG A 216 34.58 19.61 0.92
CA ARG A 216 33.30 19.94 0.30
C ARG A 216 32.39 20.68 1.28
N TYR A 217 32.41 20.27 2.54
CA TYR A 217 31.54 20.85 3.56
C TYR A 217 32.26 21.74 4.56
N TRP A 218 33.52 21.45 4.85
CA TRP A 218 34.32 22.26 5.78
C TRP A 218 35.52 22.80 5.01
N ASN A 219 35.30 23.89 4.28
CA ASN A 219 36.31 24.45 3.37
C ASN A 219 36.66 25.88 3.77
N THR A 220 36.88 26.11 5.06
CA THR A 220 37.21 27.44 5.54
C THR A 220 38.10 27.30 6.77
N PRO A 221 39.11 28.17 6.94
CA PRO A 221 40.07 28.00 8.05
C PRO A 221 39.46 27.64 9.39
N GLU A 222 38.56 28.47 9.93
CA GLU A 222 37.95 28.12 11.22
C GLU A 222 37.06 26.89 11.09
N LEU A 223 36.39 26.71 9.96
CA LEU A 223 35.65 25.48 9.71
C LEU A 223 36.58 24.27 9.60
N LYS A 224 37.76 24.44 8.99
CA LYS A 224 38.71 23.35 8.90
C LYS A 224 39.19 22.91 10.27
N LYS A 225 39.56 23.86 11.13
CA LYS A 225 40.02 23.49 12.47
C LYS A 225 38.89 22.94 13.32
N GLU A 226 37.66 23.45 13.12
CA GLU A 226 36.51 22.87 13.82
C GLU A 226 36.30 21.42 13.40
N PHE A 227 36.41 21.14 12.11
CA PHE A 227 36.30 19.76 11.62
C PHE A 227 37.38 18.88 12.24
N TYR A 228 38.62 19.35 12.23
CA TYR A 228 39.72 18.53 12.74
C TYR A 228 39.64 18.35 14.26
N LYS A 229 39.00 19.29 14.96
CA LYS A 229 38.81 19.13 16.40
C LYS A 229 37.66 18.16 16.69
N LYS A 230 36.59 18.22 15.90
CA LYS A 230 35.43 17.38 16.18
C LYS A 230 35.68 15.93 15.78
N PHE A 231 36.38 15.69 14.67
CA PHE A 231 36.57 14.34 14.18
C PHE A 231 38.00 13.81 14.34
N GLY A 232 39.00 14.68 14.29
CA GLY A 232 40.37 14.26 14.49
C GLY A 232 41.03 13.78 13.22
N PRO A 233 42.10 12.98 13.37
CA PRO A 233 42.80 12.45 12.21
C PRO A 233 42.12 11.20 11.65
N VAL A 234 42.28 11.01 10.34
CA VAL A 234 41.62 9.90 9.67
C VAL A 234 42.28 8.58 10.07
N ASP A 235 41.45 7.61 10.45
CA ASP A 235 41.91 6.28 10.81
C ASP A 235 41.70 5.37 9.61
N LEU A 236 42.79 5.00 8.94
CA LEU A 236 42.71 4.21 7.72
C LEU A 236 42.36 2.75 7.96
N ASN A 237 42.38 2.30 9.21
CA ASN A 237 42.07 0.91 9.56
C ASN A 237 40.62 0.73 9.99
N GLN A 238 39.71 1.54 9.45
CA GLN A 238 38.31 1.41 9.84
C GLN A 238 37.51 0.82 8.70
N PRO A 239 36.45 0.06 9.00
CA PRO A 239 35.58 -0.46 7.94
C PRO A 239 34.69 0.62 7.35
N ILE A 240 33.76 0.23 6.48
CA ILE A 240 32.79 1.15 5.90
C ILE A 240 31.42 0.51 6.00
N ILE A 241 30.50 1.16 6.69
CA ILE A 241 29.14 0.64 6.84
C ILE A 241 28.36 0.97 5.59
N LEU A 242 27.53 0.02 5.14
CA LEU A 242 26.70 0.21 3.97
C LEU A 242 25.25 0.30 4.44
N ALA A 243 24.66 1.49 4.30
CA ALA A 243 23.36 1.76 4.91
C ALA A 243 22.42 2.35 3.88
N LYS A 244 21.19 2.58 4.30
CA LYS A 244 20.18 3.23 3.47
C LYS A 244 19.42 4.30 4.26
N PRO A 245 18.97 5.36 3.60
CA PRO A 245 18.25 6.41 4.32
C PRO A 245 16.95 5.92 4.92
N LEU A 246 16.56 6.54 6.04
CA LEU A 246 15.29 6.20 6.66
C LEU A 246 14.11 6.78 5.89
N ARG A 247 14.35 7.71 4.99
CA ARG A 247 13.23 8.15 4.22
C ARG A 247 12.69 6.89 3.64
N GLN A 248 11.46 6.91 3.22
CA GLN A 248 10.77 5.76 2.65
C GLN A 248 10.59 5.93 1.14
N HIS A 249 11.51 6.68 0.54
CA HIS A 249 11.57 6.90 -0.90
C HIS A 249 12.99 6.78 -1.42
N ASN A 250 14.00 7.01 -0.58
CA ASN A 250 15.40 6.85 -0.98
C ASN A 250 15.99 5.53 -0.53
N ARG A 251 15.16 4.58 -0.08
CA ARG A 251 15.66 3.28 0.33
C ARG A 251 16.27 2.51 -0.84
N GLY A 252 15.93 2.87 -2.07
CA GLY A 252 16.53 2.22 -3.23
C GLY A 252 17.86 2.83 -3.61
N ASP A 253 18.53 3.43 -2.63
CA ASP A 253 19.84 4.03 -2.85
C ASP A 253 20.71 3.69 -1.65
N LEU A 254 21.86 3.06 -1.90
CA LEU A 254 22.73 2.57 -0.85
C LEU A 254 23.91 3.53 -0.69
N VAL A 255 24.20 3.89 0.55
CA VAL A 255 25.23 4.88 0.86
C VAL A 255 26.31 4.22 1.72
N HIS A 256 27.56 4.64 1.47
CA HIS A 256 28.71 4.17 2.23
C HIS A 256 29.08 5.23 3.25
N LEU A 257 29.14 4.83 4.53
CA LEU A 257 29.43 5.75 5.62
C LEU A 257 30.63 5.26 6.40
N LEU A 258 31.51 6.18 6.75
CA LEU A 258 32.60 5.87 7.66
C LEU A 258 32.08 5.82 9.09
N PRO A 259 32.47 4.84 9.90
CA PRO A 259 31.98 4.79 11.28
C PRO A 259 32.70 5.79 12.17
N GLN A 260 32.95 6.98 11.63
CA GLN A 260 33.61 8.06 12.36
C GLN A 260 32.90 9.38 12.15
N PHE A 261 32.06 9.49 11.12
CA PHE A 261 31.29 10.69 10.84
C PHE A 261 29.84 10.57 11.30
N VAL A 262 29.49 9.50 11.99
CA VAL A 262 28.11 9.22 12.37
C VAL A 262 28.01 9.06 13.88
N VAL A 263 26.83 9.34 14.41
CA VAL A 263 26.54 9.13 15.83
C VAL A 263 25.29 8.27 15.96
N PRO A 264 25.13 7.51 17.05
CA PRO A 264 23.94 6.67 17.19
C PRO A 264 22.76 7.46 17.77
N VAL A 265 21.58 7.27 17.17
CA VAL A 265 20.35 7.79 17.76
C VAL A 265 20.12 7.08 19.09
N TYR A 266 19.43 7.73 20.01
CA TYR A 266 19.21 7.16 21.31
C TYR A 266 18.08 6.18 21.35
N ASN A 267 18.32 4.99 21.88
CA ASN A 267 17.24 4.04 22.08
C ASN A 267 17.54 3.50 23.43
N ALA A 268 16.53 3.43 24.26
CA ALA A 268 16.77 3.00 25.62
C ALA A 268 17.45 1.67 25.60
N GLU A 269 17.53 1.05 24.44
CA GLU A 269 18.12 -0.28 24.47
C GLU A 269 19.63 -0.26 24.65
N GLN A 270 20.29 0.88 24.43
CA GLN A 270 21.74 0.97 24.51
C GLN A 270 22.23 1.38 25.88
N LEU A 271 21.48 1.05 26.94
CA LEU A 271 21.86 1.36 28.31
C LEU A 271 21.61 0.13 29.18
N ASN A 272 22.46 -0.05 30.18
CA ASN A 272 22.27 -1.14 31.12
C ASN A 272 21.12 -0.83 32.08
N ASP A 273 20.82 -1.79 32.96
CA ASP A 273 19.62 -1.68 33.80
C ASP A 273 19.70 -0.50 34.76
N ILE A 274 20.85 -0.31 35.39
CA ILE A 274 20.99 0.76 36.39
C ILE A 274 20.80 2.12 35.71
N LEU A 275 21.49 2.34 34.59
CA LEU A 275 21.37 3.62 33.90
C LEU A 275 19.99 3.82 33.30
N ALA A 276 19.35 2.73 32.83
CA ALA A 276 17.99 2.85 32.32
C ALA A 276 17.04 3.30 33.41
N SER A 277 17.13 2.68 34.59
CA SER A 277 16.27 3.08 35.70
C SER A 277 16.54 4.52 36.12
N GLU A 278 17.82 4.92 36.20
CA GLU A 278 18.15 6.27 36.60
C GLU A 278 17.62 7.29 35.60
N ILE A 279 17.79 7.04 34.30
CA ILE A 279 17.35 8.00 33.30
C ILE A 279 15.83 8.07 33.24
N LEU A 280 15.15 6.95 33.48
CA LEU A 280 13.69 7.00 33.45
C LEU A 280 13.14 7.69 34.68
N GLU A 281 13.82 7.56 35.82
CA GLU A 281 13.43 8.34 36.99
C GLU A 281 13.73 9.83 36.78
N TYR A 282 14.79 10.15 36.04
CA TYR A 282 15.16 11.53 35.81
C TYR A 282 14.22 12.23 34.83
N LEU A 283 13.80 11.54 33.77
CA LEU A 283 12.93 12.17 32.77
C LEU A 283 11.51 12.36 33.26
N LYS A 284 10.97 11.40 34.00
CA LYS A 284 9.57 11.42 34.43
C LYS A 284 9.45 12.26 35.70
N LEU A 285 9.19 13.55 35.50
CA LEU A 285 9.00 14.45 36.62
C LEU A 285 7.59 14.33 37.19
N THR A 286 7.42 14.79 38.41
CA THR A 286 6.13 14.81 39.09
C THR A 286 5.52 16.20 39.01
N SER A 287 4.36 16.36 39.64
CA SER A 287 3.65 17.63 39.57
C SER A 287 4.39 18.73 40.33
N ASN A 288 4.91 18.42 41.52
CA ASN A 288 5.54 19.45 42.33
C ASN A 288 6.84 19.93 41.71
N GLN A 289 7.64 19.01 41.15
CA GLN A 289 8.88 19.41 40.49
C GLN A 289 8.59 20.30 39.29
N ARG A 290 7.59 19.94 38.49
CA ARG A 290 7.22 20.77 37.35
C ARG A 290 6.74 22.14 37.80
N ILE A 291 5.94 22.19 38.88
CA ILE A 291 5.45 23.46 39.39
C ILE A 291 6.62 24.34 39.83
N SER A 292 7.58 23.76 40.56
CA SER A 292 8.72 24.55 41.03
C SER A 292 9.56 25.07 39.86
N LEU A 293 9.87 24.19 38.90
CA LEU A 293 10.66 24.60 37.75
C LEU A 293 9.96 25.71 36.97
N LEU A 294 8.66 25.53 36.72
CA LEU A 294 7.91 26.52 35.96
C LEU A 294 7.82 27.84 36.71
N SER A 295 7.68 27.78 38.04
CA SER A 295 7.62 29.02 38.82
C SER A 295 8.94 29.78 38.75
N ARG A 296 10.07 29.08 38.90
CA ARG A 296 11.36 29.76 38.79
C ARG A 296 11.56 30.35 37.39
N LEU A 297 11.20 29.58 36.36
CA LEU A 297 11.33 30.10 34.99
C LEU A 297 10.46 31.32 34.76
N ILE A 298 9.22 31.29 35.26
CA ILE A 298 8.30 32.39 35.05
C ILE A 298 8.77 33.63 35.81
N ASN A 299 9.31 33.45 37.01
CA ASN A 299 9.87 34.58 37.74
C ASN A 299 11.05 35.19 36.99
N ASP A 300 11.93 34.36 36.44
CA ASP A 300 13.06 34.88 35.67
C ASP A 300 12.57 35.62 34.42
N ILE A 301 11.51 35.14 33.78
CA ILE A 301 10.98 35.81 32.60
C ILE A 301 10.37 37.15 32.99
N LYS A 302 9.57 37.18 34.05
CA LYS A 302 8.89 38.41 34.45
C LYS A 302 9.89 39.46 34.92
N THR A 303 10.98 39.04 35.56
CA THR A 303 11.98 40.01 35.98
C THR A 303 12.80 40.56 34.82
N ASN A 304 12.60 40.05 33.60
CA ASN A 304 13.38 40.44 32.44
C ASN A 304 12.58 41.20 31.39
N THR A 305 11.25 41.06 31.39
CA THR A 305 10.41 41.68 30.37
C THR A 305 9.06 42.02 31.00
N ASN A 306 8.15 42.57 30.19
CA ASN A 306 6.83 42.92 30.69
C ASN A 306 5.70 42.24 29.93
N ILE A 307 6.00 41.22 29.12
CA ILE A 307 4.97 40.54 28.35
C ILE A 307 4.09 39.67 29.24
N ILE A 308 4.70 38.86 30.11
CA ILE A 308 3.94 38.02 31.02
C ILE A 308 3.47 38.87 32.20
N VAL A 309 2.18 38.79 32.51
CA VAL A 309 1.58 39.62 33.55
C VAL A 309 0.95 38.77 34.64
N SER A 310 1.30 37.50 34.72
CA SER A 310 0.71 36.62 35.73
C SER A 310 1.66 35.43 35.96
N SER A 311 1.13 34.39 36.58
CA SER A 311 1.89 33.19 36.90
C SER A 311 1.02 31.98 36.55
N LEU A 312 1.38 30.81 37.08
CA LEU A 312 0.59 29.60 36.85
C LEU A 312 -0.88 29.86 37.17
N THR A 313 -1.75 29.59 36.21
CA THR A 313 -3.14 30.03 36.26
C THR A 313 -4.00 28.97 36.94
N GLU A 314 -4.83 29.43 37.89
CA GLU A 314 -5.76 28.58 38.61
C GLU A 314 -7.11 28.61 37.92
N LEU A 315 -7.70 27.44 37.69
CA LEU A 315 -8.97 27.32 37.00
C LEU A 315 -9.94 26.48 37.84
N GLU A 316 -11.17 26.36 37.35
CA GLU A 316 -12.22 25.61 38.04
C GLU A 316 -12.42 24.27 37.35
N ALA A 317 -12.43 23.20 38.16
CA ALA A 317 -12.61 21.86 37.66
C ALA A 317 -13.70 21.15 38.44
N ASN A 318 -14.52 20.39 37.73
CA ASN A 318 -15.55 19.55 38.33
C ASN A 318 -15.02 18.13 38.48
N THR A 319 -15.11 17.59 39.69
CA THR A 319 -14.50 16.31 40.02
C THR A 319 -15.55 15.22 39.94
N PHE A 320 -15.32 14.23 39.07
CA PHE A 320 -16.15 13.04 39.05
C PHE A 320 -15.81 12.16 40.25
N ASP A 321 -16.84 11.76 40.97
CA ASP A 321 -16.66 10.90 42.14
C ASP A 321 -17.88 10.02 42.23
N VAL A 322 -18.24 9.37 41.13
CA VAL A 322 -19.40 8.49 41.14
C VAL A 322 -18.94 7.11 41.53
N ASP A 323 -19.88 6.20 41.77
CA ASP A 323 -19.50 4.82 42.07
C ASP A 323 -19.76 3.99 40.85
N LEU A 324 -18.70 3.52 40.23
CA LEU A 324 -18.82 2.75 39.00
C LEU A 324 -19.24 1.31 39.26
N ASN A 325 -18.98 0.79 40.46
CA ASN A 325 -19.35 -0.59 40.76
C ASN A 325 -20.86 -0.79 40.71
N ASP A 326 -21.63 0.29 40.88
CA ASP A 326 -23.09 0.19 40.73
C ASP A 326 -23.52 -0.06 39.30
N MET A 327 -22.68 0.28 38.31
CA MET A 327 -23.03 0.10 36.91
C MET A 327 -22.44 -1.17 36.32
N LEU A 328 -21.58 -1.88 37.04
CA LEU A 328 -20.97 -3.11 36.57
C LEU A 328 -21.81 -4.30 37.05
N GLN A 329 -22.16 -5.19 36.12
CA GLN A 329 -23.01 -6.33 36.40
C GLN A 329 -22.21 -7.62 36.31
N VAL A 330 -22.51 -8.56 37.19
CA VAL A 330 -21.87 -9.87 37.21
C VAL A 330 -22.86 -10.88 37.77
N ARG A 331 -22.54 -12.17 37.66
CA ARG A 331 -23.37 -13.25 38.17
C ARG A 331 -22.64 -14.00 39.26
N ASN A 332 -23.38 -14.39 40.30
CA ASN A 332 -22.83 -15.16 41.40
C ASN A 332 -23.86 -16.16 41.89
N ALA A 333 -23.38 -17.29 42.40
CA ALA A 333 -24.23 -18.33 42.98
C ALA A 333 -25.30 -18.80 41.99
N ASP A 334 -24.84 -19.40 40.90
CA ASP A 334 -25.71 -20.03 39.91
C ASP A 334 -26.69 -19.02 39.30
N ASN A 335 -26.18 -18.10 38.49
CA ASN A 335 -27.00 -17.22 37.65
C ASN A 335 -27.88 -16.29 38.49
N VAL A 336 -27.24 -15.40 39.25
CA VAL A 336 -27.93 -14.32 39.97
C VAL A 336 -27.25 -13.03 39.57
N LYS A 337 -27.92 -12.21 38.76
CA LYS A 337 -27.35 -10.94 38.32
C LYS A 337 -27.18 -10.00 39.51
N VAL A 338 -25.94 -9.59 39.78
CA VAL A 338 -25.62 -8.72 40.89
C VAL A 338 -24.64 -7.66 40.41
N THR A 339 -24.23 -6.79 41.33
CA THR A 339 -23.26 -5.74 41.04
C THR A 339 -22.04 -5.92 41.94
N LEU A 340 -20.92 -5.34 41.50
CA LEU A 340 -19.69 -5.45 42.27
C LEU A 340 -19.79 -4.69 43.60
N SER A 341 -20.54 -3.59 43.62
CA SER A 341 -20.67 -2.80 44.84
C SER A 341 -21.38 -3.59 45.94
N GLU A 342 -22.43 -4.32 45.59
CA GLU A 342 -23.20 -5.05 46.58
C GLU A 342 -22.45 -6.23 47.17
N LEU A 343 -21.35 -6.64 46.54
CA LEU A 343 -20.55 -7.77 47.02
C LEU A 343 -19.26 -7.32 47.70
N GLU A 344 -19.18 -6.05 48.10
CA GLU A 344 -18.01 -5.44 48.74
C GLU A 344 -16.69 -5.89 48.10
N ILE A 345 -16.66 -5.80 46.77
CA ILE A 345 -15.50 -6.17 45.97
C ILE A 345 -15.20 -5.06 44.98
N SER A 346 -14.22 -5.32 44.12
CA SER A 346 -13.86 -4.43 43.03
C SER A 346 -13.63 -5.26 41.78
N LYS A 347 -13.34 -4.58 40.67
CA LYS A 347 -13.08 -5.29 39.42
C LYS A 347 -11.83 -6.14 39.50
N THR A 348 -10.93 -5.81 40.43
CA THR A 348 -9.62 -6.47 40.50
C THR A 348 -9.63 -7.74 41.33
N ARG A 349 -10.66 -7.99 42.12
CA ARG A 349 -10.69 -9.15 43.02
C ARG A 349 -11.75 -10.16 42.57
N LEU A 350 -11.79 -10.44 41.26
CA LEU A 350 -12.77 -11.36 40.71
C LEU A 350 -12.20 -12.72 40.37
N PHE A 351 -10.95 -13.01 40.77
CA PHE A 351 -10.40 -14.35 40.67
C PHE A 351 -9.85 -14.88 41.99
N THR A 352 -9.97 -14.11 43.08
CA THR A 352 -9.38 -14.51 44.35
C THR A 352 -10.09 -15.73 44.95
N TRP A 353 -11.35 -15.95 44.60
CA TRP A 353 -12.12 -17.06 45.17
C TRP A 353 -11.64 -18.42 44.69
N MET A 354 -10.77 -18.49 43.68
CA MET A 354 -10.32 -19.75 43.14
C MET A 354 -9.42 -20.53 44.09
N LYS A 355 -8.88 -19.89 45.13
CA LYS A 355 -8.06 -20.59 46.11
C LYS A 355 -8.40 -20.29 47.55
N SER A 356 -9.04 -19.16 47.87
CA SER A 356 -9.41 -18.81 49.22
C SER A 356 -10.93 -18.77 49.33
N ARG A 357 -11.48 -19.46 50.33
CA ARG A 357 -12.92 -19.54 50.52
C ARG A 357 -13.49 -18.40 51.33
N LYS A 358 -12.64 -17.48 51.83
CA LYS A 358 -13.15 -16.35 52.59
C LYS A 358 -13.96 -15.40 51.72
N TYR A 359 -13.51 -15.18 50.50
CA TYR A 359 -14.16 -14.25 49.58
C TYR A 359 -15.26 -14.95 48.79
N PRO A 360 -16.29 -14.21 48.35
CA PRO A 360 -17.40 -14.84 47.63
C PRO A 360 -17.02 -15.32 46.24
N VAL A 361 -17.85 -16.18 45.66
CA VAL A 361 -17.62 -16.76 44.34
C VAL A 361 -18.27 -15.85 43.30
N ILE A 362 -17.51 -15.48 42.28
CA ILE A 362 -17.97 -14.55 41.24
C ILE A 362 -17.89 -15.30 39.91
N LEU A 363 -19.05 -15.63 39.36
CA LEU A 363 -19.13 -16.37 38.11
C LEU A 363 -19.23 -15.41 36.92
N PRO A 364 -18.92 -15.87 35.71
CA PRO A 364 -19.09 -15.02 34.53
C PRO A 364 -20.56 -14.73 34.27
N TYR A 365 -20.79 -13.68 33.50
CA TYR A 365 -22.13 -13.18 33.21
C TYR A 365 -22.74 -13.80 31.97
N ASP A 366 -22.08 -13.72 30.82
CA ASP A 366 -22.64 -14.22 29.57
C ASP A 366 -21.61 -15.11 28.89
N ILE A 367 -21.89 -16.41 28.85
CA ILE A 367 -21.09 -17.36 28.07
C ILE A 367 -21.79 -17.55 26.72
N PRO A 368 -21.13 -17.29 25.60
CA PRO A 368 -21.80 -17.41 24.30
C PRO A 368 -22.29 -18.82 24.05
N GLN A 369 -23.44 -18.91 23.38
CA GLN A 369 -24.04 -20.21 23.07
C GLN A 369 -23.19 -21.03 22.11
N LYS A 370 -22.26 -20.40 21.39
CA LYS A 370 -21.32 -21.14 20.53
C LYS A 370 -20.21 -21.80 21.33
N LEU A 371 -19.77 -21.20 22.43
CA LEU A 371 -18.78 -21.83 23.30
C LEU A 371 -19.49 -22.62 24.40
N LYS A 372 -20.48 -23.40 23.98
CA LYS A 372 -21.16 -24.34 24.85
C LYS A 372 -21.41 -25.68 24.20
N LYS A 373 -21.52 -25.74 22.87
CA LYS A 373 -21.80 -27.00 22.19
C LYS A 373 -20.53 -27.77 21.86
N ILE A 374 -19.36 -27.13 22.02
CA ILE A 374 -18.10 -27.80 21.75
C ILE A 374 -17.83 -28.83 22.83
N GLU A 375 -17.48 -30.05 22.41
CA GLU A 375 -17.19 -31.10 23.37
C GLU A 375 -15.82 -30.91 24.00
N LYS A 376 -14.78 -30.77 23.18
CA LYS A 376 -13.42 -30.62 23.66
C LYS A 376 -12.70 -29.53 22.87
N ILE A 377 -11.85 -28.78 23.55
CA ILE A 377 -11.01 -27.76 22.94
C ILE A 377 -9.55 -28.16 23.12
N PRO A 378 -8.87 -28.54 22.05
CA PRO A 378 -7.45 -28.93 22.18
C PRO A 378 -6.60 -27.78 22.71
N VAL A 379 -5.68 -28.12 23.60
CA VAL A 379 -4.75 -27.16 24.19
C VAL A 379 -3.33 -27.59 23.85
N PHE A 380 -2.55 -26.66 23.30
CA PHE A 380 -1.18 -26.91 22.90
C PHE A 380 -0.23 -26.05 23.71
N ILE A 381 0.93 -26.62 24.06
CA ILE A 381 1.98 -25.92 24.77
C ILE A 381 3.22 -25.93 23.89
N ILE A 382 3.71 -24.74 23.53
CA ILE A 382 4.90 -24.59 22.71
C ILE A 382 5.96 -23.90 23.55
N VAL A 383 7.09 -24.59 23.75
CA VAL A 383 8.19 -24.09 24.57
C VAL A 383 9.39 -23.88 23.67
N ASP A 384 9.98 -22.70 23.75
CA ASP A 384 11.18 -22.40 22.97
C ASP A 384 12.35 -23.24 23.47
N SER A 385 13.17 -23.73 22.55
CA SER A 385 14.31 -24.58 22.91
C SER A 385 15.54 -23.80 23.33
N ALA A 386 15.48 -22.46 23.32
CA ALA A 386 16.61 -21.62 23.69
C ALA A 386 16.60 -21.26 25.17
N LEU A 387 15.79 -21.93 25.98
CA LEU A 387 15.71 -21.66 27.41
C LEU A 387 16.81 -22.42 28.14
N SER A 388 16.73 -22.48 29.47
CA SER A 388 17.81 -23.02 30.29
C SER A 388 17.42 -24.29 31.03
N ARG A 389 16.50 -25.08 30.46
CA ARG A 389 16.13 -26.40 30.96
C ARG A 389 15.38 -26.33 32.29
N ASP A 390 15.35 -25.15 32.91
CA ASP A 390 14.55 -24.91 34.10
C ASP A 390 13.37 -24.00 33.84
N ILE A 391 13.58 -22.95 33.04
CA ILE A 391 12.47 -22.12 32.59
C ILE A 391 11.49 -22.94 31.77
N GLN A 392 11.99 -23.96 31.06
CA GLN A 392 11.10 -24.84 30.28
C GLN A 392 10.14 -25.58 31.19
N THR A 393 10.67 -26.25 32.22
CA THR A 393 9.83 -27.00 33.15
C THR A 393 8.89 -26.07 33.90
N PHE A 394 9.39 -24.89 34.30
CA PHE A 394 8.53 -23.91 34.95
C PHE A 394 7.39 -23.50 34.03
N ALA A 395 7.68 -23.26 32.76
CA ALA A 395 6.63 -22.87 31.82
C ALA A 395 5.59 -23.97 31.67
N LYS A 396 6.03 -25.22 31.49
CA LYS A 396 5.06 -26.30 31.32
C LYS A 396 4.19 -26.48 32.55
N ASP A 397 4.81 -26.53 33.75
CA ASP A 397 4.02 -26.81 34.94
C ASP A 397 3.12 -25.62 35.29
N GLU A 398 3.56 -24.40 35.01
CA GLU A 398 2.70 -23.24 35.23
C GLU A 398 1.51 -23.25 34.29
N PHE A 399 1.73 -23.56 33.01
CA PHE A 399 0.61 -23.63 32.07
C PHE A 399 -0.37 -24.72 32.47
N ARG A 400 0.14 -25.88 32.88
CA ARG A 400 -0.74 -26.96 33.33
C ARG A 400 -1.53 -26.54 34.56
N TYR A 401 -0.87 -25.87 35.51
CA TYR A 401 -1.57 -25.40 36.72
C TYR A 401 -2.67 -24.43 36.36
N LEU A 402 -2.38 -23.48 35.46
CA LEU A 402 -3.40 -22.51 35.07
C LEU A 402 -4.60 -23.18 34.43
N ILE A 403 -4.35 -24.06 33.46
CA ILE A 403 -5.47 -24.72 32.77
C ILE A 403 -6.27 -25.59 33.74
N SER A 404 -5.58 -26.34 34.59
CA SER A 404 -6.26 -27.24 35.52
C SER A 404 -7.09 -26.44 36.53
N SER A 405 -6.54 -25.37 37.09
CA SER A 405 -7.27 -24.56 38.05
C SER A 405 -8.48 -23.90 37.40
N LEU A 406 -8.31 -23.37 36.18
CA LEU A 406 -9.44 -22.77 35.48
C LEU A 406 -10.55 -23.79 35.28
N GLN A 407 -10.21 -24.97 34.77
CA GLN A 407 -11.23 -25.98 34.52
C GLN A 407 -11.92 -26.42 35.80
N LYS A 408 -11.14 -26.69 36.85
CA LYS A 408 -11.71 -27.18 38.10
C LYS A 408 -12.61 -26.13 38.75
N SER A 409 -12.22 -24.86 38.68
CA SER A 409 -13.03 -23.81 39.30
C SER A 409 -14.29 -23.54 38.48
N LEU A 410 -14.20 -23.63 37.15
CA LEU A 410 -15.34 -23.26 36.33
C LEU A 410 -16.35 -24.39 36.22
N SER A 411 -15.90 -25.65 36.26
CA SER A 411 -16.81 -26.76 36.02
C SER A 411 -17.72 -27.04 37.21
N ASN A 412 -17.35 -26.55 38.40
CA ASN A 412 -18.15 -26.85 39.58
C ASN A 412 -19.49 -26.13 39.55
N TRP A 413 -19.51 -24.89 39.09
CA TRP A 413 -20.70 -24.05 39.16
C TRP A 413 -21.42 -23.89 37.82
N VAL A 414 -20.71 -23.46 36.79
CA VAL A 414 -21.31 -23.15 35.51
C VAL A 414 -20.87 -24.18 34.48
N ASP A 415 -21.66 -24.32 33.42
CA ASP A 415 -21.30 -25.24 32.35
C ASP A 415 -20.13 -24.67 31.55
N PHE A 416 -19.24 -25.57 31.14
CA PHE A 416 -17.98 -25.23 30.48
C PHE A 416 -17.42 -26.49 29.86
N PRO A 417 -16.73 -26.33 28.69
CA PRO A 417 -16.19 -27.49 27.99
C PRO A 417 -14.84 -27.96 28.51
N ILE A 418 -14.34 -29.06 27.93
CA ILE A 418 -13.10 -29.67 28.39
C ILE A 418 -11.93 -29.12 27.61
N LEU A 419 -11.07 -28.36 28.28
CA LEU A 419 -9.80 -27.91 27.71
C LEU A 419 -8.79 -29.03 27.90
N ASP A 420 -8.82 -30.01 27.01
CA ASP A 420 -8.01 -31.22 27.15
C ASP A 420 -6.56 -30.91 26.82
N ILE A 421 -5.67 -31.17 27.76
CA ILE A 421 -4.23 -31.05 27.56
C ILE A 421 -3.66 -32.47 27.54
N ARG A 422 -2.79 -32.74 26.58
CA ARG A 422 -2.24 -34.07 26.37
C ARG A 422 -0.73 -33.97 26.15
N ASP A 423 -0.05 -35.09 26.42
CA ASP A 423 1.39 -35.16 26.20
C ASP A 423 1.76 -35.15 24.73
N LYS A 424 0.81 -35.35 23.83
CA LYS A 424 1.02 -35.25 22.40
C LYS A 424 0.88 -33.82 21.89
N TYR A 425 0.64 -32.86 22.78
CA TYR A 425 0.43 -31.47 22.41
C TYR A 425 1.53 -30.55 22.93
N ILE A 426 2.61 -31.10 23.47
CA ILE A 426 3.73 -30.31 23.96
C ILE A 426 4.86 -30.40 22.95
N PHE A 427 5.31 -29.25 22.45
CA PHE A 427 6.36 -29.18 21.45
C PHE A 427 7.48 -28.27 21.93
N THR A 428 8.71 -28.72 21.71
CA THR A 428 9.90 -27.92 22.00
C THR A 428 10.67 -27.74 20.70
N ILE A 429 10.59 -26.55 20.11
CA ILE A 429 11.21 -26.25 18.83
C ILE A 429 12.06 -24.99 18.96
N ASP A 430 12.92 -24.79 17.97
CA ASP A 430 13.70 -23.56 17.85
C ASP A 430 12.88 -22.57 17.03
N LEU A 431 12.51 -21.44 17.64
CA LEU A 431 11.59 -20.51 16.99
C LEU A 431 12.23 -19.83 15.79
N THR A 432 13.51 -19.47 15.89
CA THR A 432 14.17 -18.74 14.81
C THR A 432 14.31 -19.61 13.56
N SER A 433 14.55 -20.90 13.72
CA SER A 433 14.71 -21.79 12.59
C SER A 433 13.41 -21.90 11.79
N ASP A 434 13.54 -21.92 10.47
CA ASP A 434 12.39 -21.89 9.57
C ASP A 434 11.79 -23.27 9.31
N LYS A 435 12.61 -24.31 9.22
CA LYS A 435 12.09 -25.65 8.98
C LYS A 435 11.21 -26.11 10.14
N ASP A 436 11.60 -25.79 11.38
CA ASP A 436 10.83 -26.22 12.54
C ASP A 436 9.44 -25.59 12.54
N ILE A 437 9.33 -24.34 12.11
CA ILE A 437 8.02 -23.68 12.05
C ILE A 437 7.12 -24.39 11.05
N VAL A 438 7.66 -24.76 9.88
CA VAL A 438 6.87 -25.47 8.89
C VAL A 438 6.43 -26.83 9.41
N ASN A 439 7.34 -27.56 10.05
CA ASN A 439 6.97 -28.86 10.61
C ASN A 439 5.90 -28.73 11.67
N LEU A 440 6.03 -27.72 12.54
CA LEU A 440 5.04 -27.49 13.58
C LEU A 440 3.68 -27.13 12.98
N SER A 441 3.68 -26.29 11.94
CA SER A 441 2.41 -25.92 11.31
C SER A 441 1.75 -27.13 10.66
N ILE A 442 2.53 -27.99 10.01
CA ILE A 442 1.96 -29.19 9.40
C ILE A 442 1.40 -30.12 10.46
N LYS A 443 2.13 -30.29 11.56
CA LYS A 443 1.66 -31.16 12.63
C LYS A 443 0.38 -30.62 13.26
N LEU A 444 0.31 -29.30 13.46
CA LEU A 444 -0.90 -28.70 14.03
C LEU A 444 -2.08 -28.80 13.08
N VAL A 445 -1.83 -28.68 11.78
CA VAL A 445 -2.90 -28.90 10.80
C VAL A 445 -3.41 -30.34 10.87
N ASN A 446 -2.49 -31.30 11.00
CA ASN A 446 -2.90 -32.70 11.06
C ASN A 446 -3.65 -33.01 12.35
N LEU A 447 -3.23 -32.41 13.46
CA LEU A 447 -3.82 -32.77 14.76
C LEU A 447 -5.20 -32.15 14.95
N MET A 448 -5.51 -31.06 14.25
CA MET A 448 -6.77 -30.35 14.43
C MET A 448 -7.74 -30.59 13.29
N LYS A 449 -7.75 -31.80 12.73
CA LYS A 449 -8.68 -32.11 11.66
C LYS A 449 -10.11 -32.14 12.15
N ASN A 450 -10.37 -32.89 13.23
CA ASN A 450 -11.70 -33.00 13.80
C ASN A 450 -11.86 -32.05 14.99
N ALA A 451 -11.76 -30.76 14.70
CA ALA A 451 -11.87 -29.74 15.72
C ALA A 451 -12.26 -28.43 15.06
N GLU A 452 -12.73 -27.50 15.89
CA GLU A 452 -13.13 -26.17 15.44
C GLU A 452 -12.26 -25.07 16.03
N LEU A 453 -12.05 -25.08 17.34
CA LEU A 453 -11.28 -24.05 18.02
C LEU A 453 -10.12 -24.69 18.77
N GLY A 454 -9.04 -23.94 18.91
CA GLY A 454 -7.86 -24.43 19.62
C GLY A 454 -7.17 -23.29 20.33
N LEU A 455 -6.49 -23.64 21.42
CA LEU A 455 -5.75 -22.67 22.22
C LEU A 455 -4.32 -23.14 22.38
N ALA A 456 -3.37 -22.23 22.22
CA ALA A 456 -1.95 -22.53 22.31
C ALA A 456 -1.26 -21.55 23.24
N LEU A 457 -0.57 -22.08 24.24
CA LEU A 457 0.22 -21.28 25.16
C LEU A 457 1.69 -21.40 24.78
N ILE A 458 2.31 -20.28 24.41
CA ILE A 458 3.66 -20.25 23.87
C ILE A 458 4.58 -19.60 24.89
N ALA A 459 5.76 -20.18 25.08
CA ALA A 459 6.80 -19.60 25.93
C ALA A 459 8.02 -19.31 25.07
N THR A 460 8.41 -18.03 25.01
CA THR A 460 9.49 -17.58 24.15
C THR A 460 10.63 -17.04 24.99
N ARG A 461 11.69 -16.60 24.30
CA ARG A 461 12.87 -16.04 24.96
C ARG A 461 12.66 -14.56 25.23
N THR A 462 13.71 -13.90 25.72
CA THR A 462 13.61 -12.50 26.10
C THR A 462 13.33 -11.62 24.88
N LYS A 463 14.10 -11.81 23.81
CA LYS A 463 13.96 -11.02 22.60
C LYS A 463 13.87 -11.92 21.39
N LEU A 464 13.05 -11.52 20.42
CA LEU A 464 12.84 -12.24 19.18
C LEU A 464 13.03 -11.28 18.01
N PRO A 465 13.38 -11.80 16.82
CA PRO A 465 13.60 -10.91 15.67
C PRO A 465 12.41 -10.05 15.26
N ASN A 466 11.29 -10.16 15.97
CA ASN A 466 10.13 -9.28 15.81
C ASN A 466 9.38 -9.56 14.51
N GLU A 467 9.92 -10.42 13.66
CA GLU A 467 9.17 -10.96 12.53
C GLU A 467 8.81 -12.42 12.71
N THR A 468 9.64 -13.19 13.43
CA THR A 468 9.26 -14.55 13.77
C THR A 468 8.03 -14.58 14.65
N PHE A 469 7.92 -13.61 15.57
CA PHE A 469 6.73 -13.50 16.41
C PHE A 469 5.47 -13.36 15.57
N ASP A 470 5.47 -12.39 14.65
CA ASP A 470 4.31 -12.16 13.80
C ASP A 470 4.04 -13.35 12.89
N GLU A 471 5.09 -13.97 12.36
CA GLU A 471 4.89 -15.15 11.51
C GLU A 471 4.24 -16.29 12.28
N VAL A 472 4.71 -16.54 13.52
CA VAL A 472 4.13 -17.61 14.33
C VAL A 472 2.66 -17.31 14.63
N LYS A 473 2.37 -16.06 15.01
CA LYS A 473 0.99 -15.71 15.32
C LYS A 473 0.10 -15.85 14.09
N LYS A 474 0.59 -15.44 12.91
CA LYS A 474 -0.19 -15.57 11.69
C LYS A 474 -0.43 -17.03 11.32
N ARG A 475 0.60 -17.87 11.45
CA ARG A 475 0.46 -19.28 11.12
C ARG A 475 -0.54 -19.95 12.05
N LEU A 476 -0.53 -19.58 13.33
CA LEU A 476 -1.52 -20.14 14.25
C LEU A 476 -2.91 -19.61 13.95
N PHE A 477 -3.04 -18.32 13.64
CA PHE A 477 -4.34 -17.74 13.35
C PHE A 477 -4.97 -18.35 12.10
N SER A 478 -4.13 -18.75 11.15
CA SER A 478 -4.65 -19.28 9.89
C SER A 478 -5.39 -20.60 10.09
N VAL A 479 -5.16 -21.29 11.22
CA VAL A 479 -5.79 -22.57 11.46
C VAL A 479 -6.64 -22.53 12.73
N ASN A 480 -7.20 -21.34 13.03
CA ASN A 480 -8.11 -21.14 14.15
C ASN A 480 -7.46 -21.53 15.47
N ILE A 481 -6.40 -20.81 15.84
CA ILE A 481 -5.68 -21.05 17.08
C ILE A 481 -5.52 -19.72 17.81
N ILE A 482 -6.03 -19.65 19.03
CA ILE A 482 -5.83 -18.50 19.89
C ILE A 482 -4.55 -18.70 20.68
N SER A 483 -3.61 -17.78 20.51
CA SER A 483 -2.26 -17.92 21.06
C SER A 483 -2.06 -16.93 22.20
N GLN A 484 -1.50 -17.43 23.30
CA GLN A 484 -1.12 -16.59 24.44
C GLN A 484 0.37 -16.75 24.67
N VAL A 485 1.11 -15.66 24.59
CA VAL A 485 2.57 -15.68 24.60
C VAL A 485 3.07 -15.15 25.94
N VAL A 486 3.97 -15.90 26.58
CA VAL A 486 4.64 -15.48 27.80
C VAL A 486 6.13 -15.61 27.57
N ASN A 487 6.86 -14.52 27.77
CA ASN A 487 8.29 -14.52 27.50
C ASN A 487 9.07 -14.96 28.74
N GLU A 488 10.40 -14.95 28.62
CA GLU A 488 11.24 -15.49 29.69
C GLU A 488 11.31 -14.54 30.88
N ALA A 489 11.31 -13.24 30.63
CA ALA A 489 11.39 -12.26 31.72
C ALA A 489 10.17 -12.37 32.63
N THR A 490 8.98 -12.56 32.07
CA THR A 490 7.79 -12.74 32.89
C THR A 490 7.86 -14.04 33.68
N LEU A 491 8.39 -15.10 33.07
CA LEU A 491 8.55 -16.37 33.77
C LEU A 491 9.57 -16.29 34.89
N TYR A 492 10.53 -15.35 34.81
CA TYR A 492 11.49 -15.14 35.89
C TYR A 492 10.91 -14.34 37.05
N LYS A 493 9.72 -13.79 36.91
CA LYS A 493 9.10 -13.04 38.00
C LYS A 493 8.62 -14.01 39.08
N ARG A 494 9.01 -13.76 40.32
CA ARG A 494 8.76 -14.68 41.42
C ARG A 494 7.67 -14.15 42.34
N ASP A 495 6.99 -15.08 43.02
CA ASP A 495 6.00 -14.74 44.03
C ASP A 495 6.72 -14.50 45.36
N LYS A 496 5.95 -14.41 46.45
CA LYS A 496 6.54 -14.25 47.77
C LYS A 496 6.01 -15.24 48.80
N TYR A 497 5.11 -16.13 48.43
CA TYR A 497 4.70 -17.24 49.29
C TYR A 497 5.41 -18.55 48.95
N ASN A 498 5.52 -18.86 47.66
CA ASN A 498 6.22 -20.06 47.20
C ASN A 498 6.83 -19.76 45.84
N GLU A 499 8.12 -20.06 45.70
CA GLU A 499 8.86 -19.76 44.48
C GLU A 499 8.59 -20.75 43.36
N SER A 500 7.61 -21.63 43.50
CA SER A 500 7.28 -22.62 42.49
C SER A 500 6.04 -22.23 41.68
N ARG A 501 5.57 -21.01 41.83
CA ARG A 501 4.40 -20.53 41.10
C ARG A 501 4.66 -19.13 40.57
N LEU A 502 3.94 -18.80 39.50
CA LEU A 502 4.04 -17.48 38.91
C LEU A 502 3.43 -16.43 39.84
N ASN A 503 3.76 -15.17 39.57
CA ASN A 503 3.20 -14.07 40.34
C ASN A 503 1.68 -14.05 40.21
N LEU A 504 0.99 -13.93 41.34
CA LEU A 504 -0.47 -13.95 41.34
C LEU A 504 -1.04 -12.89 40.39
N TYR A 505 -0.37 -11.74 40.30
CA TYR A 505 -0.80 -10.69 39.39
C TYR A 505 -0.84 -11.20 37.96
N VAL A 506 0.28 -11.79 37.51
CA VAL A 506 0.39 -12.27 36.14
C VAL A 506 -0.55 -13.45 35.92
N GLN A 507 -0.72 -14.32 36.92
CA GLN A 507 -1.64 -15.43 36.77
C GLN A 507 -3.05 -14.95 36.50
N HIS A 508 -3.55 -14.04 37.34
CA HIS A 508 -4.89 -13.51 37.13
C HIS A 508 -5.05 -12.85 35.77
N ASN A 509 -4.05 -12.06 35.36
CA ASN A 509 -4.12 -11.46 34.04
C ASN A 509 -4.17 -12.53 32.95
N LEU A 510 -3.43 -13.63 33.12
CA LEU A 510 -3.43 -14.68 32.11
C LEU A 510 -4.78 -15.36 31.99
N LEU A 511 -5.42 -15.69 33.13
CA LEU A 511 -6.76 -16.25 33.08
C LEU A 511 -7.74 -15.29 32.40
N PHE A 512 -7.61 -14.00 32.73
CA PHE A 512 -8.50 -13.02 32.12
C PHE A 512 -8.32 -12.95 30.61
N GLN A 513 -7.07 -12.96 30.14
CA GLN A 513 -6.82 -12.93 28.69
C GLN A 513 -7.35 -14.18 28.02
N ILE A 514 -7.14 -15.35 28.62
CA ILE A 514 -7.65 -16.57 28.02
C ILE A 514 -9.17 -16.52 27.90
N LEU A 515 -9.84 -16.09 28.97
CA LEU A 515 -11.30 -16.03 28.94
C LEU A 515 -11.80 -15.00 27.93
N SER A 516 -11.10 -13.87 27.81
CA SER A 516 -11.53 -12.84 26.87
C SER A 516 -11.32 -13.28 25.43
N LYS A 517 -10.17 -13.87 25.13
CA LYS A 517 -9.89 -14.30 23.76
C LYS A 517 -10.81 -15.45 23.36
N LEU A 518 -11.16 -16.33 24.31
CA LEU A 518 -12.13 -17.38 24.00
C LEU A 518 -13.49 -16.79 23.66
N GLY A 519 -13.82 -15.62 24.18
CA GLY A 519 -15.08 -14.96 23.88
C GLY A 519 -16.02 -14.80 25.05
N ILE A 520 -15.55 -14.99 26.27
CA ILE A 520 -16.41 -14.93 27.45
C ILE A 520 -16.31 -13.54 28.06
N LYS A 521 -17.46 -12.90 28.26
CA LYS A 521 -17.54 -11.58 28.89
C LYS A 521 -17.80 -11.77 30.37
N TYR A 522 -16.82 -11.42 31.20
CA TYR A 522 -16.93 -11.63 32.64
C TYR A 522 -17.84 -10.61 33.31
N TYR A 523 -18.00 -9.43 32.71
CA TYR A 523 -18.85 -8.40 33.30
C TYR A 523 -19.31 -7.45 32.21
N VAL A 524 -20.43 -6.79 32.45
CA VAL A 524 -21.03 -5.84 31.51
C VAL A 524 -21.39 -4.56 32.25
N LEU A 525 -21.93 -3.60 31.51
CA LEU A 525 -22.38 -2.33 32.06
C LEU A 525 -23.90 -2.30 32.15
N ARG A 526 -24.40 -1.33 32.90
CA ARG A 526 -25.82 -1.23 33.22
C ARG A 526 -26.50 -0.03 32.58
N HIS A 527 -25.75 0.98 32.14
CA HIS A 527 -26.33 2.28 31.85
C HIS A 527 -26.83 2.34 30.40
N LYS A 528 -27.87 3.13 30.19
CA LYS A 528 -28.39 3.42 28.86
C LYS A 528 -27.84 4.75 28.36
N PHE A 529 -27.13 4.72 27.24
CA PHE A 529 -26.78 5.95 26.53
C PHE A 529 -27.83 6.23 25.46
N SER A 530 -27.87 7.49 25.04
CA SER A 530 -28.96 7.97 24.19
C SER A 530 -28.84 7.49 22.74
N TYR A 531 -27.76 6.85 22.37
CA TYR A 531 -27.52 6.44 20.99
C TYR A 531 -27.77 4.94 20.84
N ASP A 532 -28.12 4.55 19.62
CA ASP A 532 -28.30 3.13 19.31
C ASP A 532 -27.02 2.46 18.83
N TYR A 533 -26.08 3.24 18.29
CA TYR A 533 -24.83 2.70 17.78
C TYR A 533 -23.70 3.67 18.05
N ILE A 534 -22.58 3.13 18.51
CA ILE A 534 -21.36 3.90 18.75
C ILE A 534 -20.24 3.28 17.92
N VAL A 535 -19.62 4.09 17.07
CA VAL A 535 -18.63 3.61 16.11
C VAL A 535 -17.30 4.28 16.40
N GLY A 536 -16.30 3.48 16.77
CA GLY A 536 -14.95 3.97 16.97
C GLY A 536 -14.08 3.72 15.76
N ILE A 537 -13.31 4.74 15.37
CA ILE A 537 -12.56 4.71 14.11
C ILE A 537 -11.09 5.07 14.37
N ASP A 538 -10.19 4.35 13.69
CA ASP A 538 -8.74 4.55 13.82
C ASP A 538 -8.06 4.25 12.49
N VAL A 539 -6.78 4.66 12.39
CA VAL A 539 -5.97 4.53 11.18
C VAL A 539 -4.54 4.19 11.56
N THR A 540 -3.92 3.31 10.79
CA THR A 540 -2.53 2.92 11.02
C THR A 540 -1.83 2.76 9.67
N PRO A 541 -0.48 2.87 9.64
CA PRO A 541 0.25 2.60 8.39
C PRO A 541 0.22 1.14 7.97
N MET A 542 0.94 0.80 6.90
CA MET A 542 0.76 -0.49 6.24
C MET A 542 1.95 -1.45 6.27
N LYS A 543 2.94 -1.23 7.14
CA LYS A 543 4.01 -2.22 7.30
C LYS A 543 4.77 -2.47 6.01
N LEU A 544 5.74 -1.60 5.70
CA LEU A 544 6.53 -1.76 4.47
C LEU A 544 5.75 -1.39 3.23
N SER A 545 5.10 -0.24 3.21
CA SER A 545 4.42 0.30 2.03
C SER A 545 4.07 1.76 2.33
N HIS A 546 3.98 2.56 1.27
CA HIS A 546 3.65 3.97 1.42
C HIS A 546 2.13 4.16 1.40
N GLY A 547 1.40 3.07 1.60
CA GLY A 547 -0.04 3.11 1.73
C GLY A 547 -0.45 3.04 3.20
N TYR A 548 -1.75 3.26 3.41
CA TYR A 548 -2.34 3.20 4.74
C TYR A 548 -3.51 2.23 4.71
N ILE A 549 -3.34 1.06 5.33
CA ILE A 549 -4.49 0.19 5.54
C ILE A 549 -5.56 0.95 6.31
N GLY A 550 -5.17 1.59 7.41
CA GLY A 550 -5.93 2.61 8.10
C GLY A 550 -7.43 2.44 8.11
N GLY A 551 -7.89 1.20 8.27
CA GLY A 551 -9.31 0.96 8.25
C GLY A 551 -9.74 0.09 9.40
N SER A 552 -10.52 0.67 10.31
CA SER A 552 -11.05 -0.08 11.44
C SER A 552 -12.19 0.71 12.03
N ALA A 553 -13.32 0.03 12.25
CA ALA A 553 -14.49 0.66 12.83
C ALA A 553 -15.15 -0.36 13.75
N VAL A 554 -15.10 -0.11 15.04
CA VAL A 554 -15.77 -0.96 16.01
C VAL A 554 -17.15 -0.37 16.27
N MET A 555 -18.19 -1.08 15.82
CA MET A 555 -19.57 -0.69 16.09
C MET A 555 -19.96 -1.37 17.39
N PHE A 556 -20.20 -0.59 18.42
CA PHE A 556 -20.47 -1.16 19.72
C PHE A 556 -21.98 -1.15 19.92
N ASP A 557 -22.67 -1.96 19.10
CA ASP A 557 -24.10 -1.75 18.88
C ASP A 557 -24.93 -2.17 20.09
N SER A 558 -24.90 -3.44 20.46
CA SER A 558 -25.73 -3.98 21.53
C SER A 558 -27.20 -3.62 21.33
N ILE A 562 -24.37 -1.86 27.21
CA ILE A 562 -23.15 -1.74 26.43
C ILE A 562 -22.54 -3.14 26.38
N ARG A 563 -22.39 -3.70 25.19
CA ARG A 563 -21.90 -5.06 25.14
C ARG A 563 -21.17 -5.49 23.87
N LYS A 564 -21.90 -5.64 22.78
CA LYS A 564 -21.36 -6.16 21.54
C LYS A 564 -20.08 -5.42 21.16
N ILE A 565 -19.23 -6.07 20.37
CA ILE A 565 -17.93 -5.50 20.06
C ILE A 565 -17.52 -5.72 18.60
N ILE A 566 -18.49 -6.02 17.73
CA ILE A 566 -18.15 -6.50 16.38
C ILE A 566 -17.38 -5.42 15.62
N PRO A 567 -16.25 -5.76 14.96
CA PRO A 567 -15.55 -4.78 14.12
C PRO A 567 -15.88 -4.91 12.65
N VAL A 568 -15.47 -3.93 11.84
CA VAL A 568 -15.50 -4.04 10.39
C VAL A 568 -14.23 -3.41 9.83
N GLU A 569 -13.81 -3.86 8.66
CA GLU A 569 -12.68 -3.24 7.99
C GLU A 569 -13.17 -2.17 7.02
N ILE A 570 -12.60 -0.97 7.13
CA ILE A 570 -12.99 0.12 6.24
C ILE A 570 -12.54 -0.16 4.81
N GLY A 571 -11.25 -0.41 4.63
CA GLY A 571 -10.72 -0.65 3.31
C GLY A 571 -9.24 -0.33 3.20
N GLU A 572 -8.89 0.45 2.18
CA GLU A 572 -7.50 0.74 1.88
C GLU A 572 -7.40 2.16 1.35
N GLN A 573 -6.60 2.99 2.02
CA GLN A 573 -6.49 4.40 1.69
C GLN A 573 -5.06 4.75 1.33
N MET A 574 -4.88 5.96 0.81
CA MET A 574 -3.57 6.48 0.46
C MET A 574 -2.99 7.35 1.57
N GLY A 575 -3.81 8.16 2.22
CA GLY A 575 -3.38 8.94 3.36
C GLY A 575 -4.16 8.57 4.60
N GLU A 576 -4.48 9.55 5.44
CA GLU A 576 -5.30 9.35 6.64
C GLU A 576 -6.60 10.11 6.40
N SER A 577 -7.53 9.44 5.71
CA SER A 577 -8.84 10.04 5.43
C SER A 577 -9.80 8.90 5.12
N ILE A 578 -10.65 8.56 6.10
CA ILE A 578 -11.60 7.47 5.92
C ILE A 578 -12.62 7.85 4.84
N ASP A 579 -12.95 6.88 3.99
CA ASP A 579 -14.00 7.04 3.00
C ASP A 579 -15.32 6.62 3.66
N MET A 580 -16.05 7.61 4.18
CA MET A 580 -17.27 7.31 4.92
C MET A 580 -18.42 6.87 4.03
N LYS A 581 -18.35 7.14 2.73
CA LYS A 581 -19.43 6.73 1.84
C LYS A 581 -19.46 5.22 1.66
N GLU A 582 -18.35 4.64 1.21
CA GLU A 582 -18.27 3.19 1.08
C GLU A 582 -18.38 2.52 2.44
N PHE A 583 -17.72 3.10 3.46
CA PHE A 583 -17.82 2.57 4.81
C PHE A 583 -19.28 2.48 5.25
N PHE A 584 -20.05 3.54 5.03
CA PHE A 584 -21.43 3.52 5.50
C PHE A 584 -22.34 2.68 4.62
N LYS A 585 -22.00 2.50 3.34
CA LYS A 585 -22.75 1.56 2.52
C LYS A 585 -22.57 0.13 3.05
N ASP A 586 -21.33 -0.27 3.34
CA ASP A 586 -21.10 -1.57 3.97
C ASP A 586 -21.74 -1.62 5.35
N MET A 587 -21.70 -0.51 6.07
CA MET A 587 -22.37 -0.36 7.36
C MET A 587 -23.84 -0.74 7.27
N VAL A 588 -24.54 -0.21 6.27
CA VAL A 588 -25.95 -0.53 6.10
C VAL A 588 -26.13 -1.97 5.67
N VAL A 589 -25.28 -2.45 4.75
CA VAL A 589 -25.45 -3.79 4.19
C VAL A 589 -25.30 -4.86 5.26
N GLN A 590 -24.39 -4.63 6.23
CA GLN A 590 -24.11 -5.70 7.18
C GLN A 590 -25.29 -5.96 8.13
N PHE A 591 -25.83 -4.92 8.75
CA PHE A 591 -27.04 -5.15 9.54
C PHE A 591 -28.28 -5.33 8.66
N GLY A 592 -28.19 -5.07 7.36
CA GLY A 592 -29.22 -5.54 6.47
C GLY A 592 -29.23 -7.06 6.37
N LYS A 593 -28.04 -7.65 6.24
CA LYS A 593 -27.95 -9.12 6.20
C LYS A 593 -28.30 -9.71 7.57
N PHE A 594 -27.99 -8.98 8.65
CA PHE A 594 -28.41 -9.43 9.97
C PHE A 594 -29.90 -9.20 10.21
N GLY A 595 -30.50 -8.22 9.54
CA GLY A 595 -31.93 -7.99 9.67
C GLY A 595 -32.28 -6.75 10.48
N ILE A 596 -31.44 -5.72 10.41
CA ILE A 596 -31.65 -4.47 11.12
C ILE A 596 -31.64 -3.33 10.11
N ASP A 597 -32.68 -2.49 10.17
CA ASP A 597 -32.80 -1.36 9.25
C ASP A 597 -32.05 -0.16 9.84
N LEU A 598 -30.93 0.19 9.22
CA LEU A 598 -30.12 1.33 9.66
C LEU A 598 -30.64 2.62 9.02
N GLU A 599 -31.88 2.96 9.35
CA GLU A 599 -32.51 4.18 8.84
C GLU A 599 -33.36 4.78 9.95
N GLY A 600 -33.22 6.09 10.14
CA GLY A 600 -33.93 6.78 11.20
C GLY A 600 -33.32 6.63 12.57
N LYS A 601 -32.13 6.08 12.68
CA LYS A 601 -31.46 5.87 13.96
C LYS A 601 -30.43 6.97 14.21
N SER A 602 -29.82 6.92 15.38
CA SER A 602 -28.78 7.87 15.78
C SER A 602 -27.47 7.12 15.98
N ILE A 603 -26.39 7.68 15.44
CA ILE A 603 -25.08 7.06 15.47
C ILE A 603 -24.08 8.06 16.05
N LEU A 604 -23.30 7.61 17.04
CA LEU A 604 -22.27 8.44 17.65
C LEU A 604 -20.91 7.95 17.17
N ILE A 605 -20.18 8.82 16.47
CA ILE A 605 -18.90 8.48 15.85
C ILE A 605 -17.79 9.06 16.71
N LEU A 606 -16.91 8.20 17.22
CA LEU A 606 -15.72 8.63 17.94
C LEU A 606 -14.49 8.31 17.08
N ARG A 607 -13.81 9.36 16.65
CA ARG A 607 -12.64 9.24 15.78
C ARG A 607 -11.38 9.46 16.59
N ASP A 608 -10.39 8.58 16.40
CA ASP A 608 -9.11 8.71 17.10
C ASP A 608 -8.24 9.69 16.33
N GLY A 609 -8.43 10.98 16.63
CA GLY A 609 -7.70 12.02 15.94
C GLY A 609 -8.56 13.23 15.65
N LYS A 610 -8.68 13.59 14.37
CA LYS A 610 -9.47 14.73 13.94
C LYS A 610 -10.25 14.37 12.70
N ILE A 611 -11.52 14.78 12.66
CA ILE A 611 -12.35 14.53 11.48
C ILE A 611 -11.93 15.47 10.36
N THR A 612 -11.67 14.90 9.19
CA THR A 612 -11.24 15.67 8.03
C THR A 612 -12.46 16.21 7.27
N LYS A 613 -12.18 17.08 6.30
CA LYS A 613 -13.25 17.66 5.50
C LYS A 613 -13.92 16.61 4.63
N ASP A 614 -13.14 15.69 4.06
CA ASP A 614 -13.71 14.66 3.20
C ASP A 614 -14.64 13.75 3.99
N GLU A 615 -14.26 13.38 5.21
CA GLU A 615 -15.15 12.60 6.06
C GLU A 615 -16.42 13.38 6.40
N GLU A 616 -16.29 14.70 6.60
CA GLU A 616 -17.47 15.53 6.84
C GLU A 616 -18.44 15.46 5.66
N GLU A 617 -17.91 15.63 4.45
CA GLU A 617 -18.77 15.60 3.27
C GLU A 617 -19.39 14.21 3.08
N GLY A 618 -18.62 13.15 3.32
CA GLY A 618 -19.18 11.82 3.21
C GLY A 618 -20.29 11.56 4.19
N LEU A 619 -20.10 11.99 5.45
CA LEU A 619 -21.14 11.82 6.45
C LEU A 619 -22.38 12.63 6.11
N ALA A 620 -22.19 13.86 5.60
CA ALA A 620 -23.34 14.66 5.20
C ALA A 620 -24.12 14.00 4.07
N TYR A 621 -23.42 13.47 3.06
CA TYR A 621 -24.09 12.79 1.97
C TYR A 621 -24.83 11.56 2.46
N ILE A 622 -24.20 10.77 3.34
CA ILE A 622 -24.84 9.56 3.83
C ILE A 622 -26.08 9.89 4.63
N SER A 623 -26.02 10.93 5.47
CA SER A 623 -27.19 11.34 6.22
C SER A 623 -28.30 11.84 5.30
N LYS A 624 -27.94 12.55 4.25
CA LYS A 624 -28.94 13.03 3.30
C LYS A 624 -29.63 11.87 2.59
N VAL A 625 -28.86 10.85 2.21
CA VAL A 625 -29.42 9.75 1.42
C VAL A 625 -30.17 8.75 2.29
N PHE A 626 -29.49 8.14 3.25
CA PHE A 626 -30.08 7.06 4.04
C PHE A 626 -30.88 7.53 5.24
N GLY A 627 -30.86 8.83 5.53
CA GLY A 627 -31.68 9.37 6.60
C GLY A 627 -31.33 8.91 8.00
N ILE A 628 -30.07 9.08 8.41
CA ILE A 628 -29.64 8.78 9.76
C ILE A 628 -28.97 10.01 10.36
N LYS A 629 -29.21 10.23 11.65
CA LYS A 629 -28.62 11.34 12.39
C LYS A 629 -27.25 10.94 12.88
N ILE A 630 -26.25 11.77 12.63
CA ILE A 630 -24.86 11.45 12.97
C ILE A 630 -24.35 12.46 13.98
N THR A 631 -23.64 11.98 15.00
CA THR A 631 -22.98 12.83 15.98
C THR A 631 -21.50 12.48 16.02
N THR A 632 -20.65 13.47 15.80
CA THR A 632 -19.22 13.25 15.70
C THR A 632 -18.48 14.00 16.81
N PHE A 633 -17.40 13.38 17.28
CA PHE A 633 -16.56 13.91 18.35
C PHE A 633 -15.10 13.83 17.92
N ASN A 634 -14.30 14.77 18.38
CA ASN A 634 -12.85 14.75 18.16
C ASN A 634 -12.13 14.48 19.47
N ILE A 635 -11.30 13.44 19.47
CA ILE A 635 -10.56 12.99 20.65
C ILE A 635 -9.08 13.17 20.36
N VAL A 636 -8.37 13.84 21.27
CA VAL A 636 -6.94 14.11 21.13
C VAL A 636 -6.24 13.61 22.38
N LYS A 637 -5.14 12.90 22.20
CA LYS A 637 -4.39 12.31 23.30
C LYS A 637 -3.08 13.00 23.61
N ARG A 638 -2.55 13.77 22.68
CA ARG A 638 -1.24 14.42 22.83
C ARG A 638 -1.39 15.91 22.56
N HIS A 639 -1.17 16.70 23.60
CA HIS A 639 -1.16 18.15 23.52
C HIS A 639 -0.14 18.66 24.53
N LEU A 640 -0.11 19.98 24.72
CA LEU A 640 0.89 20.62 25.56
C LEU A 640 0.33 21.09 26.90
N LEU A 641 -0.91 20.75 27.22
CA LEU A 641 -1.57 21.24 28.43
C LEU A 641 -1.53 20.18 29.52
N ARG A 642 -1.13 20.60 30.72
CA ARG A 642 -1.02 19.71 31.87
C ARG A 642 -1.85 20.26 33.02
N ILE A 643 -2.61 19.39 33.68
CA ILE A 643 -3.37 19.73 34.87
C ILE A 643 -2.66 19.09 36.06
N PHE A 644 -2.13 19.92 36.95
CA PHE A 644 -1.31 19.45 38.06
C PHE A 644 -2.20 18.97 39.19
N ALA A 645 -2.80 17.81 38.96
CA ALA A 645 -3.62 17.13 39.96
C ALA A 645 -3.68 15.65 39.62
N ASN A 646 -4.01 14.85 40.62
CA ASN A 646 -4.13 13.40 40.45
C ASN A 646 -5.49 12.97 40.98
N ARG A 647 -6.51 13.09 40.13
CA ARG A 647 -7.88 12.73 40.46
C ARG A 647 -8.72 12.81 39.20
N LYS A 648 -9.82 12.06 39.17
CA LYS A 648 -10.72 12.10 38.03
C LYS A 648 -11.50 13.41 38.03
N LEU A 649 -11.44 14.14 36.92
CA LEU A 649 -12.11 15.43 36.81
C LEU A 649 -12.24 15.79 35.33
N TYR A 650 -12.81 16.97 35.08
CA TYR A 650 -12.86 17.51 33.73
C TYR A 650 -12.82 19.03 33.82
N LEU A 651 -12.12 19.65 32.87
CA LEU A 651 -11.90 21.08 32.84
C LEU A 651 -12.46 21.63 31.53
N ARG A 652 -13.36 22.61 31.64
CA ARG A 652 -13.95 23.26 30.47
C ARG A 652 -13.06 24.45 30.11
N LEU A 653 -12.23 24.30 29.08
CA LEU A 653 -11.28 25.34 28.71
C LEU A 653 -11.49 25.72 27.24
N ALA A 654 -11.62 27.02 27.00
CA ALA A 654 -11.94 27.54 25.68
C ALA A 654 -13.22 26.89 25.15
N ASN A 655 -13.11 26.12 24.06
CA ASN A 655 -14.23 25.39 23.51
C ASN A 655 -14.03 23.88 23.59
N SER A 656 -13.16 23.42 24.48
CA SER A 656 -12.81 22.02 24.62
C SER A 656 -12.98 21.58 26.07
N VAL A 657 -13.02 20.26 26.26
CA VAL A 657 -13.14 19.65 27.57
C VAL A 657 -11.94 18.73 27.79
N TYR A 658 -11.16 19.01 28.82
CA TYR A 658 -9.99 18.20 29.16
C TYR A 658 -10.38 17.25 30.28
N LEU A 659 -10.45 15.97 29.97
CA LEU A 659 -10.93 14.94 30.88
C LEU A 659 -9.75 14.19 31.48
N LEU A 660 -9.90 13.71 32.71
CA LEU A 660 -8.92 12.86 33.38
C LEU A 660 -9.65 11.60 33.82
N PRO A 661 -9.88 10.65 32.90
CA PRO A 661 -10.67 9.46 33.22
C PRO A 661 -9.90 8.36 33.95
N HIS A 662 -8.74 8.67 34.52
CA HIS A 662 -7.90 7.65 35.14
C HIS A 662 -7.04 8.30 36.21
N ARG A 663 -6.46 7.45 37.06
CA ARG A 663 -5.54 7.89 38.10
C ARG A 663 -4.25 7.10 37.97
N ILE A 664 -3.11 7.80 37.98
CA ILE A 664 -1.81 7.16 37.83
C ILE A 664 -1.46 6.41 39.10
N LYS A 665 -1.03 5.16 38.95
CA LYS A 665 -0.63 4.32 40.07
C LYS A 665 0.84 4.47 40.44
N GLN A 666 1.70 4.85 39.50
CA GLN A 666 3.11 4.97 39.79
C GLN A 666 3.38 6.24 40.60
N SER A 667 4.60 6.34 41.12
CA SER A 667 5.04 7.47 41.92
C SER A 667 5.85 8.48 41.12
N VAL A 668 5.91 8.32 39.80
CA VAL A 668 6.63 9.26 38.93
C VAL A 668 5.77 9.50 37.69
N GLY A 669 5.66 10.76 37.29
CA GLY A 669 4.94 11.12 36.08
C GLY A 669 3.70 11.96 36.34
N THR A 670 3.41 12.86 35.40
CA THR A 670 2.22 13.68 35.45
C THR A 670 1.18 13.12 34.49
N PRO A 671 -0.05 12.88 34.93
CA PRO A 671 -1.05 12.32 34.01
C PRO A 671 -1.33 13.25 32.84
N VAL A 672 -1.58 12.65 31.68
CA VAL A 672 -1.84 13.39 30.44
C VAL A 672 -3.35 13.38 30.21
N PRO A 673 -4.01 14.53 30.20
CA PRO A 673 -5.46 14.55 30.02
C PRO A 673 -5.85 14.29 28.57
N LEU A 674 -7.13 13.98 28.39
CA LEU A 674 -7.71 13.69 27.08
C LEU A 674 -8.54 14.89 26.62
N LYS A 675 -8.27 15.36 25.42
CA LYS A 675 -8.96 16.54 24.90
C LYS A 675 -10.17 16.11 24.07
N LEU A 676 -11.33 16.66 24.41
CA LEU A 676 -12.57 16.45 23.67
C LEU A 676 -12.95 17.76 23.02
N SER A 677 -13.17 17.74 21.70
CA SER A 677 -13.45 18.98 20.99
C SER A 677 -14.24 18.68 19.72
N GLU A 678 -14.83 19.74 19.16
CA GLU A 678 -15.50 19.72 17.86
C GLU A 678 -16.61 18.66 17.80
N LYS A 679 -17.62 18.87 18.63
CA LYS A 679 -18.84 18.06 18.55
C LYS A 679 -19.70 18.58 17.40
N ARG A 680 -20.13 17.68 16.53
CA ARG A 680 -20.90 18.07 15.35
C ARG A 680 -22.11 17.18 15.20
N LEU A 681 -23.20 17.76 14.69
CA LEU A 681 -24.43 17.04 14.42
C LEU A 681 -24.77 17.17 12.95
N ILE A 682 -24.90 16.04 12.27
CA ILE A 682 -25.25 15.98 10.86
C ILE A 682 -26.66 15.41 10.75
N LEU A 683 -27.55 16.20 10.14
CA LEU A 683 -28.95 15.86 9.99
C LEU A 683 -29.43 16.33 8.62
N ASP A 684 -29.91 15.39 7.81
CA ASP A 684 -30.45 15.68 6.48
C ASP A 684 -29.45 16.44 5.62
N GLY A 685 -28.17 16.09 5.74
CA GLY A 685 -27.14 16.74 4.95
C GLY A 685 -26.69 18.08 5.48
N THR A 686 -27.18 18.50 6.64
CA THR A 686 -26.77 19.76 7.25
C THR A 686 -25.88 19.47 8.45
N ILE A 687 -24.73 20.13 8.48
CA ILE A 687 -23.75 19.96 9.56
C ILE A 687 -23.80 21.20 10.44
N THR A 688 -24.10 21.00 11.73
CA THR A 688 -24.15 22.09 12.69
C THR A 688 -23.22 21.77 13.85
N SER A 689 -22.75 22.82 14.52
CA SER A 689 -21.94 22.65 15.72
C SER A 689 -22.84 22.61 16.95
N GLN A 690 -22.34 21.95 17.99
CA GLN A 690 -23.08 21.80 19.24
C GLN A 690 -22.14 22.11 20.40
N GLU A 691 -22.69 22.01 21.60
CA GLU A 691 -21.93 22.25 22.83
C GLU A 691 -21.91 20.97 23.66
N ILE A 692 -20.74 20.64 24.20
CA ILE A 692 -20.58 19.39 24.94
C ILE A 692 -21.33 19.49 26.27
N THR A 693 -22.36 18.66 26.42
CA THR A 693 -23.15 18.62 27.64
C THR A 693 -22.48 17.73 28.68
N TYR A 694 -22.89 17.89 29.93
CA TYR A 694 -22.35 17.04 31.00
C TYR A 694 -22.68 15.58 30.76
N ASN A 695 -23.83 15.29 30.13
CA ASN A 695 -24.19 13.92 29.83
C ASN A 695 -23.20 13.29 28.86
N ASP A 696 -22.72 14.04 27.87
CA ASP A 696 -21.72 13.51 26.94
C ASP A 696 -20.43 13.16 27.66
N ILE A 697 -19.98 14.02 28.58
CA ILE A 697 -18.77 13.74 29.34
C ILE A 697 -18.96 12.52 30.23
N PHE A 698 -20.14 12.39 30.85
CA PHE A 698 -20.43 11.21 31.65
C PHE A 698 -20.39 9.94 30.81
N GLU A 699 -20.96 10.00 29.60
CA GLU A 699 -20.96 8.84 28.72
C GLU A 699 -19.55 8.46 28.28
N ILE A 700 -18.72 9.46 27.97
CA ILE A 700 -17.33 9.19 27.61
C ILE A 700 -16.59 8.54 28.77
N LEU A 701 -16.77 9.09 29.98
CA LEU A 701 -16.10 8.52 31.15
C LEU A 701 -16.55 7.09 31.42
N LEU A 702 -17.84 6.81 31.25
CA LEU A 702 -18.32 5.44 31.42
C LEU A 702 -17.75 4.51 30.36
N LEU A 703 -17.65 4.97 29.12
CA LEU A 703 -17.05 4.14 28.08
C LEU A 703 -15.57 3.90 28.34
N SER A 704 -14.90 4.82 29.04
CA SER A 704 -13.50 4.61 29.38
C SER A 704 -13.29 3.40 30.30
N GLU A 705 -14.34 2.92 30.96
CA GLU A 705 -14.26 1.71 31.76
C GLU A 705 -14.46 0.49 30.87
N LEU A 706 -14.73 -0.67 31.49
CA LEU A 706 -15.07 -1.85 30.71
C LEU A 706 -13.94 -2.32 29.84
N ASN A 707 -12.79 -2.59 30.43
CA ASN A 707 -11.67 -3.18 29.71
C ASN A 707 -11.80 -4.71 29.71
N TYR A 708 -11.34 -5.32 28.61
CA TYR A 708 -11.42 -6.76 28.47
C TYR A 708 -10.04 -7.40 28.31
N GLY A 709 -8.96 -6.69 28.66
CA GLY A 709 -7.63 -7.24 28.56
C GLY A 709 -6.99 -7.48 29.91
N SER A 710 -7.27 -6.62 30.88
CA SER A 710 -6.69 -6.75 32.21
C SER A 710 -7.72 -6.39 33.26
N ILE A 711 -7.53 -6.95 34.45
CA ILE A 711 -8.40 -6.68 35.60
C ILE A 711 -7.97 -5.45 36.39
N SER A 712 -6.73 -5.01 36.24
CA SER A 712 -6.23 -3.80 36.89
C SER A 712 -6.07 -2.65 35.90
N ALA A 713 -6.81 -2.67 34.79
CA ALA A 713 -6.65 -1.67 33.76
C ALA A 713 -7.23 -0.33 34.21
N ASP A 714 -6.57 0.74 33.79
CA ASP A 714 -7.04 2.10 34.01
C ASP A 714 -6.89 2.89 32.71
N MET A 715 -7.38 2.32 31.62
CA MET A 715 -7.13 2.88 30.30
C MET A 715 -7.80 4.25 30.15
N LYS A 716 -7.25 5.04 29.23
CA LYS A 716 -7.65 6.42 29.04
C LYS A 716 -8.73 6.57 27.96
N LEU A 717 -8.50 5.98 26.79
CA LEU A 717 -9.44 6.12 25.69
C LEU A 717 -10.72 5.35 25.97
N PRO A 718 -11.83 5.74 25.32
CA PRO A 718 -13.05 4.94 25.41
C PRO A 718 -12.85 3.56 24.80
N ALA A 719 -13.78 2.66 25.13
CA ALA A 719 -13.67 1.29 24.64
C ALA A 719 -13.72 1.18 23.12
N PRO A 720 -14.66 1.81 22.40
CA PRO A 720 -14.66 1.67 20.93
C PRO A 720 -13.38 2.14 20.28
N VAL A 721 -12.81 3.26 20.72
CA VAL A 721 -11.58 3.77 20.12
C VAL A 721 -10.42 2.83 20.39
N HIS A 722 -10.29 2.36 21.64
CA HIS A 722 -9.22 1.45 22.02
C HIS A 722 -9.29 0.16 21.22
N TYR A 723 -10.50 -0.40 21.07
CA TYR A 723 -10.63 -1.65 20.34
C TYR A 723 -10.51 -1.46 18.83
N ALA A 724 -10.87 -0.29 18.30
CA ALA A 724 -10.56 -0.01 16.90
C ALA A 724 -9.05 0.06 16.68
N HIS A 725 -8.33 0.65 17.63
CA HIS A 725 -6.87 0.66 17.56
C HIS A 725 -6.32 -0.76 17.56
N LYS A 726 -6.83 -1.62 18.43
CA LYS A 726 -6.35 -3.01 18.46
C LYS A 726 -6.71 -3.75 17.17
N PHE A 727 -7.89 -3.50 16.62
CA PHE A 727 -8.30 -4.19 15.40
C PHE A 727 -7.46 -3.74 14.21
N VAL A 728 -7.10 -2.45 14.16
CA VAL A 728 -6.26 -2.00 13.05
C VAL A 728 -4.82 -2.48 13.24
N ARG A 729 -4.38 -2.64 14.50
CA ARG A 729 -3.17 -3.40 14.79
C ARG A 729 -3.21 -4.77 14.14
N ALA A 730 -4.30 -5.52 14.40
CA ALA A 730 -4.41 -6.88 13.89
C ALA A 730 -4.40 -6.91 12.36
N LEU A 731 -5.09 -5.97 11.73
CA LEU A 731 -5.13 -5.96 10.26
C LEU A 731 -3.79 -5.54 9.66
N ARG A 732 -3.07 -4.62 10.30
CA ARG A 732 -1.80 -4.17 9.74
C ARG A 732 -0.79 -5.30 9.67
N LYS A 733 -0.67 -6.09 10.73
CA LYS A 733 0.32 -7.16 10.81
C LYS A 733 -0.16 -8.46 10.20
N GLY A 734 -1.34 -8.48 9.57
CA GLY A 734 -1.78 -9.62 8.81
C GLY A 734 -2.46 -10.71 9.60
N TRP A 735 -2.63 -10.56 10.90
CA TRP A 735 -3.31 -11.59 11.70
C TRP A 735 -4.79 -11.62 11.34
N ARG A 736 -5.16 -12.58 10.51
CA ARG A 736 -6.55 -12.83 10.15
C ARG A 736 -7.21 -11.60 9.53
N MET D 1 10.56 -27.85 -41.87
CA MET D 1 10.72 -27.21 -40.58
C MET D 1 11.94 -26.30 -40.56
N LEU D 2 12.10 -25.52 -41.62
CA LEU D 2 13.21 -24.56 -41.72
C LEU D 2 12.83 -23.54 -42.78
N MET D 3 12.75 -22.27 -42.38
CA MET D 3 12.31 -21.21 -43.28
C MET D 3 13.18 -19.98 -43.10
N LYS D 4 13.40 -19.28 -44.21
CA LYS D 4 14.12 -18.01 -44.21
C LYS D 4 13.16 -16.89 -43.84
N VAL D 5 13.55 -16.05 -42.88
CA VAL D 5 12.72 -14.93 -42.44
C VAL D 5 13.57 -13.67 -42.43
N LEU D 6 12.89 -12.54 -42.53
CA LEU D 6 13.52 -11.22 -42.45
C LEU D 6 13.25 -10.59 -41.10
N THR D 7 14.25 -9.86 -40.61
CA THR D 7 14.15 -9.14 -39.35
C THR D 7 14.47 -7.67 -39.59
N ASN D 8 14.40 -6.88 -38.53
CA ASN D 8 14.67 -5.43 -38.60
C ASN D 8 16.06 -5.09 -38.07
N MET D 9 17.05 -5.94 -38.34
CA MET D 9 18.41 -5.74 -37.88
C MET D 9 19.33 -5.51 -39.07
N VAL D 10 20.29 -4.61 -38.89
CA VAL D 10 21.29 -4.30 -39.91
C VAL D 10 22.67 -4.40 -39.31
N LYS D 11 23.61 -5.02 -40.03
CA LYS D 11 24.95 -5.20 -39.51
C LYS D 11 25.74 -3.89 -39.58
N LEU D 12 26.50 -3.60 -38.53
CA LEU D 12 27.29 -2.39 -38.43
C LEU D 12 28.75 -2.66 -38.79
N ASN D 13 29.46 -1.58 -39.11
CA ASN D 13 30.89 -1.70 -39.38
C ASN D 13 31.64 -2.10 -38.12
N GLN D 14 32.66 -2.92 -38.30
CA GLN D 14 33.42 -3.46 -37.17
C GLN D 14 34.51 -2.54 -36.68
N ASP D 15 34.74 -1.41 -37.34
CA ASP D 15 35.74 -0.44 -36.90
C ASP D 15 35.18 0.59 -35.91
N ILE D 16 33.87 0.55 -35.65
CA ILE D 16 33.28 1.36 -34.59
C ILE D 16 33.64 0.84 -33.20
N ILE D 17 33.82 -0.47 -33.05
CA ILE D 17 34.06 -1.08 -31.74
C ILE D 17 35.33 -0.50 -31.13
N PRO D 18 35.30 -0.06 -29.87
CA PRO D 18 36.50 0.49 -29.24
C PRO D 18 37.51 -0.61 -28.92
N ASN D 19 38.75 -0.18 -28.67
CA ASN D 19 39.81 -1.12 -28.36
C ASN D 19 39.80 -1.51 -26.88
N GLU D 20 40.01 -0.54 -26.00
CA GLU D 20 40.03 -0.78 -24.56
C GLU D 20 39.24 0.32 -23.86
N ILE D 21 38.75 0.00 -22.67
CA ILE D 21 37.95 0.92 -21.88
C ILE D 21 38.63 1.15 -20.53
N TYR D 22 38.12 2.14 -19.81
CA TYR D 22 38.63 2.50 -18.49
C TYR D 22 37.48 2.43 -17.49
N LEU D 23 37.75 1.85 -16.32
CA LEU D 23 36.78 1.81 -15.24
C LEU D 23 37.11 2.88 -14.21
N TYR D 24 36.11 3.66 -13.82
CA TYR D 24 36.28 4.78 -12.91
C TYR D 24 35.28 4.69 -11.78
N LYS D 25 35.70 5.13 -10.60
CA LYS D 25 34.86 5.15 -9.42
C LYS D 25 34.58 6.59 -9.02
N ILE D 26 33.31 6.92 -8.85
CA ILE D 26 32.86 8.27 -8.52
C ILE D 26 32.56 8.32 -7.03
N PHE D 27 33.20 9.24 -6.31
CA PHE D 27 32.96 9.44 -4.89
C PHE D 27 32.02 10.63 -4.74
N ASN D 28 30.74 10.33 -4.48
CA ASN D 28 29.73 11.37 -4.36
C ASN D 28 28.55 10.81 -3.59
N LYS D 29 27.73 11.70 -3.04
CA LYS D 29 26.57 11.29 -2.29
C LYS D 29 25.30 11.55 -3.10
N PRO D 30 24.29 10.67 -2.99
CA PRO D 30 23.10 10.80 -3.84
C PRO D 30 21.99 11.68 -3.25
N GLU D 31 22.37 12.57 -2.33
CA GLU D 31 21.44 13.58 -1.81
C GLU D 31 21.95 14.99 -2.11
N ASP D 32 22.74 15.16 -3.16
CA ASP D 32 23.15 16.49 -3.59
C ASP D 32 22.69 16.80 -5.01
N GLY D 33 22.59 15.78 -5.87
CA GLY D 33 22.06 15.94 -7.20
C GLY D 33 22.98 15.39 -8.28
N MET D 34 22.55 15.61 -9.52
CA MET D 34 23.29 15.21 -10.72
C MET D 34 23.54 13.70 -10.72
N ASN D 35 22.46 12.97 -10.98
CA ASN D 35 22.45 11.51 -11.02
C ASN D 35 23.66 10.94 -11.73
N ILE D 36 24.11 9.78 -11.28
CA ILE D 36 25.32 9.16 -11.82
C ILE D 36 25.14 8.83 -13.30
N TYR D 37 23.96 8.37 -13.67
CA TYR D 37 23.72 7.97 -15.06
C TYR D 37 23.86 9.14 -16.01
N LYS D 38 23.42 10.33 -15.58
CA LYS D 38 23.61 11.53 -16.41
C LYS D 38 25.09 11.84 -16.59
N ILE D 39 25.89 11.66 -15.53
CA ILE D 39 27.33 11.87 -15.64
C ILE D 39 27.93 10.90 -16.65
N ALA D 40 27.61 9.61 -16.50
CA ALA D 40 28.15 8.60 -17.40
C ALA D 40 27.74 8.86 -18.84
N TYR D 41 26.52 9.36 -19.05
CA TYR D 41 26.11 9.72 -20.40
C TYR D 41 26.89 10.93 -20.91
N ARG D 42 27.21 11.88 -20.02
CA ARG D 42 27.96 13.06 -20.45
C ARG D 42 29.35 12.68 -20.94
N ASN D 43 30.06 11.83 -20.19
CA ASN D 43 31.41 11.44 -20.58
C ASN D 43 31.44 10.26 -21.54
N HIS D 44 30.37 10.03 -22.29
CA HIS D 44 30.32 9.01 -23.34
C HIS D 44 30.55 7.61 -22.78
N GLY D 45 30.03 7.31 -21.60
CA GLY D 45 30.22 6.01 -21.00
C GLY D 45 28.94 5.36 -20.50
N ILE D 46 29.09 4.24 -19.81
CA ILE D 46 27.96 3.52 -19.22
C ILE D 46 28.26 3.26 -17.75
N VAL D 47 27.23 2.79 -17.04
CA VAL D 47 27.33 2.50 -15.61
C VAL D 47 27.41 1.00 -15.44
N ILE D 48 28.50 0.53 -14.82
CA ILE D 48 28.67 -0.89 -14.57
C ILE D 48 28.02 -1.28 -13.24
N ASP D 49 28.46 -0.67 -12.16
CA ASP D 49 27.94 -0.95 -10.82
C ASP D 49 27.38 0.32 -10.21
N PRO D 50 26.05 0.47 -10.12
CA PRO D 50 25.49 1.69 -9.53
C PRO D 50 25.66 1.79 -8.03
N GLN D 51 25.78 0.67 -7.30
CA GLN D 51 25.99 0.75 -5.86
C GLN D 51 27.37 1.31 -5.53
N ASN D 52 28.40 0.80 -6.18
CA ASN D 52 29.76 1.28 -5.97
C ASN D 52 30.10 2.49 -6.83
N ARG D 53 29.17 2.93 -7.67
CA ARG D 53 29.37 4.08 -8.56
C ARG D 53 30.58 3.86 -9.48
N ILE D 54 30.56 2.73 -10.18
CA ILE D 54 31.62 2.36 -11.12
C ILE D 54 31.07 2.54 -12.53
N ILE D 55 31.79 3.29 -13.35
CA ILE D 55 31.40 3.55 -14.73
C ILE D 55 32.52 3.11 -15.66
N ALA D 56 32.14 2.82 -16.90
CA ALA D 56 33.07 2.39 -17.94
C ALA D 56 33.03 3.39 -19.08
N THR D 57 34.21 3.88 -19.48
CA THR D 57 34.34 4.93 -20.48
C THR D 57 35.45 4.61 -21.44
N PRO D 58 35.22 4.74 -22.74
CA PRO D 58 36.28 4.52 -23.74
C PRO D 58 37.34 5.62 -23.79
N SER D 59 37.32 6.57 -22.86
CA SER D 59 38.31 7.63 -22.84
C SER D 59 38.52 8.06 -21.40
N GLU D 60 39.49 8.95 -21.19
CA GLU D 60 39.76 9.47 -19.86
C GLU D 60 38.64 10.39 -19.40
N LEU D 61 38.39 10.38 -18.10
CA LEU D 61 37.29 11.16 -17.53
C LEU D 61 37.60 12.66 -17.57
N GLU D 62 36.53 13.45 -17.55
CA GLU D 62 36.61 14.90 -17.48
C GLU D 62 35.71 15.43 -16.37
N TYR D 63 35.58 14.65 -15.29
CA TYR D 63 34.75 15.03 -14.17
C TYR D 63 35.38 16.18 -13.38
N SER D 64 34.56 16.86 -12.59
CA SER D 64 35.01 17.94 -11.74
C SER D 64 35.18 17.53 -10.29
N GLY D 65 34.39 16.57 -9.82
CA GLY D 65 34.47 16.13 -8.44
C GLY D 65 35.59 15.16 -8.17
N LYS D 66 35.35 14.19 -7.30
CA LYS D 66 36.36 13.20 -6.93
C LYS D 66 36.13 11.91 -7.69
N PHE D 67 37.18 11.38 -8.30
CA PHE D 67 37.13 10.10 -8.97
C PHE D 67 38.44 9.36 -8.72
N ALA D 68 38.47 8.08 -9.08
CA ALA D 68 39.66 7.26 -8.87
C ALA D 68 39.74 6.21 -9.95
N ILE D 69 40.93 6.02 -10.52
CA ILE D 69 41.13 5.01 -11.54
C ILE D 69 41.02 3.63 -10.91
N GLU D 70 40.24 2.76 -11.53
CA GLU D 70 40.01 1.41 -11.02
C GLU D 70 40.68 0.32 -11.85
N ASP D 71 40.47 0.31 -13.16
CA ASP D 71 41.03 -0.73 -14.00
C ASP D 71 41.06 -0.26 -15.45
N GLU D 72 41.90 -0.92 -16.24
CA GLU D 72 42.00 -0.70 -17.69
C GLU D 72 41.85 -2.06 -18.35
N ILE D 73 40.60 -2.45 -18.64
CA ILE D 73 40.31 -3.77 -19.17
C ILE D 73 40.06 -3.67 -20.68
N SER D 74 40.06 -4.82 -21.35
CA SER D 74 39.75 -4.87 -22.77
C SER D 74 38.24 -4.91 -22.97
N PHE D 75 37.83 -4.61 -24.21
CA PHE D 75 36.41 -4.61 -24.53
C PHE D 75 35.82 -6.01 -24.42
N ASN D 76 36.55 -7.02 -24.89
CA ASN D 76 36.02 -8.37 -24.95
C ASN D 76 35.85 -9.02 -23.58
N GLU D 77 36.39 -8.42 -22.52
CA GLU D 77 36.23 -8.97 -21.18
C GLU D 77 34.89 -8.60 -20.55
N LEU D 78 34.15 -7.66 -21.15
CA LEU D 78 32.88 -7.26 -20.59
C LEU D 78 31.79 -8.27 -20.92
N PRO D 79 30.74 -8.34 -20.10
CA PRO D 79 29.57 -9.12 -20.48
C PRO D 79 28.89 -8.55 -21.72
N GLU D 80 27.92 -9.30 -22.24
CA GLU D 80 27.31 -8.93 -23.51
C GLU D 80 26.45 -7.67 -23.38
N ASN D 81 25.73 -7.54 -22.28
CA ASN D 81 24.83 -6.38 -22.13
C ASN D 81 25.60 -5.08 -22.10
N TYR D 82 26.70 -5.05 -21.35
CA TYR D 82 27.50 -3.83 -21.27
C TYR D 82 28.11 -3.49 -22.62
N GLN D 83 28.54 -4.51 -23.37
CA GLN D 83 29.05 -4.27 -24.71
C GLN D 83 27.98 -3.68 -25.62
N ASN D 84 26.75 -4.22 -25.55
CA ASN D 84 25.66 -3.69 -26.35
C ASN D 84 25.38 -2.24 -26.01
N ARG D 85 25.34 -1.90 -24.72
CA ARG D 85 25.06 -0.53 -24.32
C ARG D 85 26.19 0.41 -24.75
N LEU D 86 27.45 -0.04 -24.64
CA LEU D 86 28.56 0.79 -25.08
C LEU D 86 28.50 1.04 -26.59
N VAL D 87 28.18 0.01 -27.37
CA VAL D 87 28.06 0.20 -28.81
C VAL D 87 26.90 1.14 -29.14
N LEU D 88 25.80 1.04 -28.39
CA LEU D 88 24.67 1.96 -28.61
C LEU D 88 25.09 3.40 -28.33
N ARG D 89 25.81 3.63 -27.24
CA ARG D 89 26.26 4.98 -26.92
C ARG D 89 27.22 5.50 -27.97
N ILE D 90 28.12 4.65 -28.47
CA ILE D 90 29.05 5.07 -29.51
C ILE D 90 28.31 5.43 -30.79
N LEU D 91 27.31 4.62 -31.16
CA LEU D 91 26.49 4.94 -32.33
C LEU D 91 25.79 6.28 -32.16
N ARG D 92 25.26 6.54 -30.96
CA ARG D 92 24.67 7.84 -30.69
C ARG D 92 25.68 8.96 -30.86
N ASP D 93 26.92 8.73 -30.40
CA ASP D 93 27.98 9.72 -30.57
C ASP D 93 28.33 9.93 -32.04
N ASN D 94 28.13 8.93 -32.89
CA ASN D 94 28.50 9.03 -34.30
C ASN D 94 27.35 9.47 -35.20
N GLY D 95 26.25 9.95 -34.60
CA GLY D 95 25.15 10.52 -35.35
C GLY D 95 23.98 9.59 -35.60
N ILE D 96 24.11 8.30 -35.31
CA ILE D 96 23.02 7.34 -35.53
C ILE D 96 22.18 7.34 -34.26
N SER D 97 21.28 8.31 -34.17
CA SER D 97 20.38 8.46 -33.03
C SER D 97 18.95 8.37 -33.50
N ASP D 98 18.04 8.17 -32.53
CA ASP D 98 16.63 8.02 -32.87
C ASP D 98 16.08 9.31 -33.50
N HIS D 99 16.52 10.47 -33.03
CA HIS D 99 16.01 11.73 -33.54
C HIS D 99 16.37 11.93 -35.01
N ALA D 100 17.64 11.67 -35.36
CA ALA D 100 18.06 11.83 -36.75
C ALA D 100 17.37 10.83 -37.65
N LEU D 101 17.24 9.58 -37.20
CA LEU D 101 16.55 8.57 -38.00
C LEU D 101 15.09 8.93 -38.22
N SER D 102 14.42 9.42 -37.18
CA SER D 102 13.03 9.84 -37.33
C SER D 102 12.91 11.02 -38.29
N ARG D 103 13.83 11.99 -38.18
CA ARG D 103 13.80 13.13 -39.09
C ARG D 103 13.99 12.70 -40.53
N THR D 104 14.90 11.75 -40.77
CA THR D 104 15.07 11.21 -42.12
C THR D 104 13.82 10.47 -42.57
N LEU D 105 13.20 9.72 -41.67
CA LEU D 105 12.01 8.95 -42.01
C LEU D 105 10.84 9.86 -42.38
N GLN D 106 10.78 11.06 -41.80
CA GLN D 106 9.69 11.97 -42.12
C GLN D 106 9.66 12.37 -43.59
N LYS D 107 10.76 12.19 -44.31
CA LYS D 107 10.80 12.48 -45.73
C LYS D 107 10.00 11.46 -46.56
N TYR D 108 9.73 10.27 -46.01
CA TYR D 108 8.95 9.26 -46.70
C TYR D 108 7.57 9.04 -46.11
N ARG D 109 7.31 9.52 -44.88
CA ARG D 109 6.01 9.40 -44.24
C ARG D 109 5.71 10.77 -43.61
N LYS D 110 4.98 11.60 -44.33
CA LYS D 110 4.68 12.94 -43.87
C LYS D 110 3.71 12.90 -42.69
N PRO D 111 3.77 13.90 -41.80
CA PRO D 111 2.82 13.94 -40.69
C PRO D 111 1.38 14.02 -41.19
N LYS D 112 0.49 13.34 -40.47
CA LYS D 112 -0.89 13.31 -40.94
C LYS D 112 -1.83 13.88 -39.88
N PRO D 113 -2.77 14.75 -40.28
CA PRO D 113 -3.74 15.28 -39.31
C PRO D 113 -5.00 14.43 -39.21
N PHE D 114 -5.35 14.03 -38.00
CA PHE D 114 -6.59 13.31 -37.70
C PHE D 114 -7.38 14.17 -36.72
N GLY D 115 -8.43 14.81 -37.21
CA GLY D 115 -9.22 15.72 -36.40
C GLY D 115 -8.38 16.86 -35.85
N ASP D 116 -8.19 16.89 -34.54
CA ASP D 116 -7.38 17.91 -33.89
C ASP D 116 -6.02 17.40 -33.46
N PHE D 117 -5.64 16.21 -33.90
CA PHE D 117 -4.35 15.61 -33.54
C PHE D 117 -3.48 15.45 -34.77
N GLU D 118 -2.18 15.30 -34.55
CA GLU D 118 -1.20 15.09 -35.60
C GLU D 118 -0.37 13.87 -35.28
N VAL D 119 -0.17 13.02 -36.29
CA VAL D 119 0.60 11.78 -36.16
C VAL D 119 1.91 11.93 -36.93
N ILE D 120 3.01 11.63 -36.25
CA ILE D 120 4.36 11.80 -36.79
C ILE D 120 5.11 10.48 -36.63
N PRO D 121 5.86 10.02 -37.63
CA PRO D 121 6.59 8.77 -37.48
C PRO D 121 7.74 8.90 -36.49
N GLU D 122 8.22 7.75 -36.04
CA GLU D 122 9.29 7.70 -35.05
C GLU D 122 9.99 6.35 -35.14
N ILE D 123 11.26 6.33 -34.75
CA ILE D 123 12.09 5.13 -34.85
C ILE D 123 12.79 4.93 -33.52
N ARG D 124 12.70 3.70 -32.99
CA ARG D 124 13.43 3.31 -31.79
C ARG D 124 14.56 2.36 -32.19
N SER D 125 15.63 2.38 -31.40
CA SER D 125 16.84 1.65 -31.76
C SER D 125 17.31 0.77 -30.59
N SER D 126 18.00 -0.31 -30.94
CA SER D 126 18.64 -1.18 -29.97
C SER D 126 19.84 -1.82 -30.65
N VAL D 127 20.68 -2.47 -29.84
CA VAL D 127 21.87 -3.15 -30.34
C VAL D 127 21.85 -4.59 -29.86
N ILE D 128 22.16 -5.52 -30.77
CA ILE D 128 22.13 -6.95 -30.49
C ILE D 128 23.42 -7.59 -30.98
N LYS D 129 24.00 -8.46 -30.15
CA LYS D 129 25.20 -9.20 -30.51
C LYS D 129 24.82 -10.61 -30.94
N HIS D 130 25.23 -10.98 -32.15
CA HIS D 130 24.92 -12.30 -32.71
C HIS D 130 26.08 -12.78 -33.56
N GLY D 131 26.53 -14.00 -33.31
CA GLY D 131 27.60 -14.59 -34.10
C GLY D 131 28.89 -13.82 -34.10
N GLY D 132 29.18 -13.10 -33.02
CA GLY D 132 30.36 -12.27 -32.95
C GLY D 132 30.24 -10.92 -33.63
N ASP D 133 29.09 -10.62 -34.22
CA ASP D 133 28.85 -9.35 -34.88
C ASP D 133 27.82 -8.54 -34.11
N PHE D 134 27.77 -7.24 -34.41
CA PHE D 134 26.86 -6.31 -33.75
C PHE D 134 25.88 -5.76 -34.76
N TYR D 135 24.58 -5.85 -34.43
CA TYR D 135 23.50 -5.43 -35.31
C TYR D 135 22.70 -4.33 -34.64
N LEU D 136 22.23 -3.39 -35.46
CA LEU D 136 21.34 -2.32 -35.03
C LEU D 136 19.91 -2.75 -35.35
N VAL D 137 19.06 -2.75 -34.33
CA VAL D 137 17.65 -3.12 -34.45
C VAL D 137 16.83 -1.84 -34.51
N LEU D 138 16.02 -1.69 -35.55
CA LEU D 138 15.22 -0.49 -35.80
C LEU D 138 13.75 -0.86 -35.71
N HIS D 139 13.00 -0.15 -34.88
CA HIS D 139 11.58 -0.37 -34.68
C HIS D 139 10.80 0.86 -35.11
N LEU D 140 9.71 0.62 -35.84
CA LEU D 140 8.86 1.69 -36.38
C LEU D 140 7.69 1.94 -35.45
N SER D 141 7.41 3.22 -35.17
CA SER D 141 6.30 3.58 -34.32
C SER D 141 5.80 4.96 -34.73
N HIS D 142 4.76 5.43 -34.06
CA HIS D 142 4.17 6.72 -34.34
C HIS D 142 3.96 7.49 -33.04
N GLN D 143 3.81 8.81 -33.17
CA GLN D 143 3.61 9.69 -32.03
C GLN D 143 2.50 10.67 -32.37
N ILE D 144 1.49 10.74 -31.51
CA ILE D 144 0.30 11.53 -31.75
C ILE D 144 0.25 12.66 -30.72
N ARG D 145 0.20 13.90 -31.20
CA ARG D 145 0.16 15.05 -30.31
C ARG D 145 -0.88 16.05 -30.79
N SER D 146 -1.50 16.75 -29.84
CA SER D 146 -2.52 17.73 -30.18
C SER D 146 -1.89 19.01 -30.70
N LYS D 147 -2.60 19.68 -31.60
CA LYS D 147 -2.12 20.91 -32.22
C LYS D 147 -2.85 22.16 -31.74
N LYS D 148 -4.05 22.02 -31.18
CA LYS D 148 -4.82 23.14 -30.69
C LYS D 148 -4.95 23.04 -29.18
N THR D 149 -4.89 24.19 -28.49
CA THR D 149 -5.06 24.21 -27.05
C THR D 149 -6.51 23.96 -26.70
N LEU D 150 -6.82 23.81 -25.40
CA LEU D 150 -8.18 23.49 -24.98
C LEU D 150 -9.15 24.61 -25.35
N TRP D 151 -8.76 25.86 -25.15
CA TRP D 151 -9.64 26.99 -25.46
C TRP D 151 -9.96 27.04 -26.94
N GLU D 152 -8.95 26.85 -27.79
CA GLU D 152 -9.20 26.84 -29.23
C GLU D 152 -10.01 25.61 -29.64
N LEU D 153 -9.86 24.51 -28.91
CA LEU D 153 -10.56 23.28 -29.27
C LEU D 153 -12.04 23.39 -28.96
N VAL D 154 -12.39 23.91 -27.78
CA VAL D 154 -13.80 24.01 -27.42
C VAL D 154 -14.50 25.14 -28.15
N GLY D 155 -13.75 26.01 -28.82
CA GLY D 155 -14.33 27.12 -29.54
C GLY D 155 -14.54 28.39 -28.76
N ARG D 156 -13.84 28.56 -27.64
CA ARG D 156 -13.96 29.74 -26.78
C ARG D 156 -15.39 29.90 -26.27
N ASN D 157 -15.85 28.87 -25.56
CA ASN D 157 -17.19 28.87 -24.98
C ASN D 157 -17.14 28.09 -23.67
N LYS D 158 -17.67 28.69 -22.61
CA LYS D 158 -17.60 28.07 -21.29
C LYS D 158 -18.49 26.83 -21.20
N ASP D 159 -19.67 26.87 -21.81
CA ASP D 159 -20.54 25.70 -21.82
C ASP D 159 -19.89 24.54 -22.56
N ALA D 160 -19.23 24.82 -23.68
CA ALA D 160 -18.53 23.78 -24.41
C ALA D 160 -17.41 23.16 -23.57
N LEU D 161 -16.67 24.00 -22.85
CA LEU D 161 -15.61 23.49 -21.98
C LEU D 161 -16.20 22.60 -20.88
N ARG D 162 -17.29 23.04 -20.26
CA ARG D 162 -17.91 22.24 -19.21
C ARG D 162 -18.38 20.90 -19.74
N ASP D 163 -19.04 20.90 -20.90
CA ASP D 163 -19.51 19.63 -21.48
C ASP D 163 -18.35 18.73 -21.87
N PHE D 164 -17.28 19.30 -22.42
CA PHE D 164 -16.13 18.50 -22.79
C PHE D 164 -15.48 17.85 -21.58
N LEU D 165 -15.34 18.62 -20.49
CA LEU D 165 -14.75 18.05 -19.28
C LEU D 165 -15.69 17.03 -18.63
N LYS D 166 -17.00 17.20 -18.77
CA LYS D 166 -17.93 16.25 -18.16
C LYS D 166 -17.98 14.94 -18.93
N GLU D 167 -17.98 15.01 -20.26
CA GLU D 167 -18.15 13.80 -21.07
C GLU D 167 -16.95 12.87 -20.94
N HIS D 168 -15.74 13.41 -20.99
CA HIS D 168 -14.52 12.60 -20.89
C HIS D 168 -14.02 12.53 -19.45
N ARG D 169 -14.91 12.16 -18.54
CA ARG D 169 -14.54 12.06 -17.14
C ARG D 169 -13.73 10.79 -16.91
N GLY D 170 -12.60 10.92 -16.23
CA GLY D 170 -11.75 9.79 -15.90
C GLY D 170 -10.69 9.47 -16.93
N THR D 171 -10.86 9.88 -18.18
CA THR D 171 -9.90 9.63 -19.23
C THR D 171 -9.45 10.94 -19.87
N ILE D 172 -9.27 11.98 -19.06
CA ILE D 172 -8.85 13.29 -19.54
C ILE D 172 -7.59 13.69 -18.77
N LEU D 173 -6.59 14.17 -19.51
CA LEU D 173 -5.36 14.67 -18.92
C LEU D 173 -4.91 15.90 -19.69
N LEU D 174 -4.46 16.91 -18.96
CA LEU D 174 -3.99 18.15 -19.56
C LEU D 174 -2.50 18.31 -19.31
N ARG D 175 -1.79 18.77 -20.33
CA ARG D 175 -0.36 19.05 -20.24
C ARG D 175 -0.15 20.54 -20.40
N ASP D 176 0.53 21.14 -19.42
CA ASP D 176 0.79 22.58 -19.42
C ASP D 176 2.00 22.87 -20.30
N ILE D 177 1.78 23.60 -21.39
CA ILE D 177 2.84 23.85 -22.37
C ILE D 177 3.41 25.25 -22.26
N ALA D 178 3.00 26.04 -21.26
CA ALA D 178 3.47 27.40 -21.10
C ALA D 178 4.56 27.53 -20.03
N SER D 179 5.05 26.41 -19.51
CA SER D 179 6.08 26.41 -18.49
C SER D 179 7.37 25.82 -19.07
N GLU D 180 8.42 25.79 -18.25
CA GLU D 180 9.70 25.23 -18.69
C GLU D 180 9.66 23.71 -18.77
N HIS D 181 9.25 23.05 -17.69
CA HIS D 181 9.10 21.61 -17.67
C HIS D 181 7.61 21.28 -17.71
N LYS D 182 7.21 20.38 -18.59
CA LYS D 182 5.81 20.10 -18.86
C LYS D 182 5.33 19.01 -17.91
N VAL D 183 4.25 19.29 -17.18
CA VAL D 183 3.66 18.34 -16.24
C VAL D 183 2.25 18.02 -16.71
N VAL D 184 1.85 16.76 -16.51
CA VAL D 184 0.52 16.30 -16.86
C VAL D 184 -0.37 16.41 -15.64
N TYR D 185 -1.49 17.12 -15.79
CA TYR D 185 -2.42 17.35 -14.70
C TYR D 185 -3.74 16.64 -14.97
N LYS D 186 -4.42 16.27 -13.90
CA LYS D 186 -5.73 15.66 -13.96
C LYS D 186 -6.74 16.59 -13.30
N PRO D 187 -7.83 16.95 -13.97
CA PRO D 187 -8.80 17.87 -13.37
C PRO D 187 -9.49 17.27 -12.16
N ILE D 188 -10.22 18.12 -11.44
CA ILE D 188 -10.93 17.74 -10.23
C ILE D 188 -12.42 17.95 -10.46
N PHE D 189 -13.21 16.93 -10.12
CA PHE D 189 -14.66 16.97 -10.25
C PHE D 189 -15.30 16.85 -8.88
N LYS D 190 -16.50 17.40 -8.75
CA LYS D 190 -17.25 17.29 -7.51
C LYS D 190 -17.57 15.82 -7.23
N ARG D 191 -17.38 15.41 -5.98
CA ARG D 191 -17.49 14.00 -5.63
C ARG D 191 -18.91 13.46 -5.74
N TYR D 192 -19.92 14.34 -5.73
CA TYR D 192 -21.30 13.87 -5.73
C TYR D 192 -22.11 14.54 -6.83
N ASN D 193 -21.77 15.79 -7.16
CA ASN D 193 -22.45 16.48 -8.25
C ASN D 193 -22.01 15.99 -9.62
N GLY D 194 -20.82 15.40 -9.73
CA GLY D 194 -20.32 14.94 -11.01
C GLY D 194 -20.07 16.07 -12.00
N ASP D 195 -19.63 17.22 -11.50
CA ASP D 195 -19.39 18.40 -12.32
C ASP D 195 -17.95 18.85 -12.18
N PRO D 196 -17.37 19.46 -13.22
CA PRO D 196 -16.02 19.99 -13.08
C PRO D 196 -15.98 21.15 -12.11
N ASP D 197 -14.84 21.30 -11.43
CA ASP D 197 -14.65 22.34 -10.42
C ASP D 197 -13.88 23.49 -11.07
N LEU D 198 -14.62 24.49 -11.54
CA LEU D 198 -14.03 25.66 -12.17
C LEU D 198 -14.16 26.88 -11.25
N ILE D 199 -13.69 28.01 -11.74
CA ILE D 199 -13.86 29.30 -11.08
C ILE D 199 -14.40 30.24 -12.15
N GLU D 200 -15.67 30.64 -12.01
CA GLU D 200 -16.41 31.19 -13.13
C GLU D 200 -15.91 32.57 -13.51
N ASP D 201 -16.04 33.54 -12.61
CA ASP D 201 -15.72 34.94 -12.89
C ASP D 201 -14.67 35.43 -11.90
N ASN D 202 -13.40 35.22 -12.24
CA ASN D 202 -12.28 35.71 -11.44
C ASN D 202 -11.22 36.29 -12.36
N SER D 203 -11.63 37.19 -13.25
CA SER D 203 -10.76 37.73 -14.29
C SER D 203 -9.48 38.34 -13.75
N ASN D 204 -9.51 38.84 -12.51
CA ASN D 204 -8.28 39.36 -11.90
C ASN D 204 -7.23 38.28 -11.79
N ASP D 205 -7.61 37.10 -11.28
CA ASP D 205 -6.68 35.98 -11.22
C ASP D 205 -6.27 35.49 -12.61
N VAL D 206 -7.16 35.57 -13.59
CA VAL D 206 -6.80 35.19 -14.95
C VAL D 206 -5.68 36.08 -15.47
N GLU D 207 -5.84 37.39 -15.34
CA GLU D 207 -4.81 38.32 -15.77
C GLU D 207 -3.52 38.12 -14.98
N HIS D 208 -3.62 37.90 -13.67
CA HIS D 208 -2.42 37.70 -12.86
C HIS D 208 -1.66 36.44 -13.26
N TRP D 209 -2.38 35.34 -13.51
CA TRP D 209 -1.71 34.12 -13.98
C TRP D 209 -1.08 34.32 -15.36
N TYR D 210 -1.79 35.01 -16.25
CA TYR D 210 -1.23 35.26 -17.59
C TYR D 210 0.06 36.05 -17.49
N ASP D 211 0.06 37.15 -16.73
CA ASP D 211 1.28 37.94 -16.58
C ASP D 211 2.37 37.19 -15.84
N TYR D 212 2.01 36.34 -14.87
CA TYR D 212 3.03 35.55 -14.18
C TYR D 212 3.72 34.60 -15.13
N HIS D 213 2.95 33.91 -15.99
CA HIS D 213 3.56 33.02 -16.96
C HIS D 213 4.36 33.80 -18.00
N LEU D 214 3.90 35.00 -18.35
CA LEU D 214 4.60 35.77 -19.39
C LEU D 214 5.94 36.27 -18.88
N GLU D 215 5.98 36.88 -17.69
CA GLU D 215 7.19 37.53 -17.21
C GLU D 215 8.06 36.64 -16.34
N ARG D 216 7.93 35.32 -16.46
CA ARG D 216 8.77 34.42 -15.68
C ARG D 216 9.46 33.39 -16.58
N TYR D 217 8.74 32.90 -17.59
CA TYR D 217 9.26 31.86 -18.47
C TYR D 217 9.61 32.35 -19.87
N TRP D 218 8.91 33.37 -20.37
CA TRP D 218 9.18 33.94 -21.69
C TRP D 218 9.53 35.42 -21.48
N ASN D 219 10.79 35.67 -21.13
CA ASN D 219 11.26 37.01 -20.76
C ASN D 219 12.37 37.47 -21.70
N THR D 220 12.19 37.29 -23.00
CA THR D 220 13.19 37.68 -23.96
C THR D 220 12.49 38.06 -25.27
N PRO D 221 12.96 39.10 -25.97
CA PRO D 221 12.23 39.58 -27.18
C PRO D 221 11.73 38.49 -28.12
N GLU D 222 12.60 37.64 -28.64
CA GLU D 222 12.13 36.58 -29.52
C GLU D 222 11.28 35.57 -28.77
N LEU D 223 11.60 35.30 -27.50
CA LEU D 223 10.74 34.46 -26.68
C LEU D 223 9.40 35.13 -26.41
N LYS D 224 9.37 36.45 -26.22
CA LYS D 224 8.11 37.15 -26.02
C LYS D 224 7.21 37.05 -27.25
N LYS D 225 7.76 37.28 -28.44
CA LYS D 225 6.94 37.18 -29.64
C LYS D 225 6.55 35.74 -29.93
N GLU D 226 7.41 34.78 -29.60
CA GLU D 226 7.02 33.37 -29.74
C GLU D 226 5.85 33.03 -28.81
N PHE D 227 5.90 33.52 -27.58
CA PHE D 227 4.79 33.33 -26.65
C PHE D 227 3.51 33.93 -27.19
N TYR D 228 3.58 35.18 -27.66
CA TYR D 228 2.39 35.87 -28.14
C TYR D 228 1.85 35.24 -29.42
N LYS D 229 2.71 34.60 -30.21
CA LYS D 229 2.24 33.91 -31.40
C LYS D 229 1.60 32.57 -31.05
N LYS D 230 2.17 31.86 -30.08
CA LYS D 230 1.66 30.54 -29.73
C LYS D 230 0.34 30.62 -28.96
N PHE D 231 0.21 31.59 -28.06
CA PHE D 231 -0.96 31.67 -27.20
C PHE D 231 -1.90 32.83 -27.55
N GLY D 232 -1.37 33.94 -28.05
CA GLY D 232 -2.19 35.06 -28.45
C GLY D 232 -2.51 36.00 -27.31
N PRO D 233 -3.58 36.79 -27.46
CA PRO D 233 -3.97 37.73 -26.40
C PRO D 233 -4.78 37.04 -25.31
N VAL D 234 -4.67 37.60 -24.10
CA VAL D 234 -5.32 37.00 -22.95
C VAL D 234 -6.83 37.22 -23.04
N ASP D 235 -7.59 36.14 -22.84
CA ASP D 235 -9.04 36.19 -22.84
C ASP D 235 -9.50 36.23 -21.38
N LEU D 236 -9.99 37.40 -20.95
CA LEU D 236 -10.36 37.57 -19.55
C LEU D 236 -11.67 36.89 -19.19
N ASN D 237 -12.42 36.40 -20.18
CA ASN D 237 -13.71 35.74 -19.94
C ASN D 237 -13.57 34.22 -19.89
N GLN D 238 -12.41 33.71 -19.44
CA GLN D 238 -12.24 32.28 -19.37
C GLN D 238 -12.25 31.80 -17.93
N PRO D 239 -12.73 30.59 -17.67
CA PRO D 239 -12.69 30.04 -16.31
C PRO D 239 -11.29 29.63 -15.91
N ILE D 240 -11.15 28.98 -14.75
CA ILE D 240 -9.87 28.46 -14.28
C ILE D 240 -10.10 27.04 -13.80
N ILE D 241 -9.41 26.08 -14.40
CA ILE D 241 -9.54 24.69 -14.01
C ILE D 241 -8.68 24.44 -12.78
N LEU D 242 -9.20 23.66 -11.85
CA LEU D 242 -8.49 23.31 -10.63
C LEU D 242 -8.11 21.84 -10.71
N ALA D 243 -6.81 21.56 -10.83
CA ALA D 243 -6.36 20.22 -11.13
C ALA D 243 -5.27 19.81 -10.16
N LYS D 244 -4.80 18.58 -10.30
CA LYS D 244 -3.71 18.05 -9.50
C LYS D 244 -2.72 17.29 -10.37
N PRO D 245 -1.44 17.29 -10.01
CA PRO D 245 -0.44 16.60 -10.84
C PRO D 245 -0.68 15.10 -10.87
N LEU D 246 -0.29 14.49 -11.98
CA LEU D 246 -0.40 13.04 -12.11
C LEU D 246 0.68 12.33 -11.29
N ARG D 247 1.69 13.02 -10.86
CA ARG D 247 2.63 12.34 -10.01
C ARG D 247 1.77 11.79 -8.92
N GLN D 248 2.25 10.80 -8.23
CA GLN D 248 1.52 10.14 -7.15
C GLN D 248 2.14 10.51 -5.79
N HIS D 249 2.72 11.71 -5.74
CA HIS D 249 3.28 12.30 -4.53
C HIS D 249 2.90 13.75 -4.39
N ASN D 250 2.60 14.45 -5.50
CA ASN D 250 2.17 15.83 -5.45
C ASN D 250 0.66 15.97 -5.56
N ARG D 251 -0.09 14.88 -5.44
CA ARG D 251 -1.55 14.96 -5.49
C ARG D 251 -2.14 15.77 -4.34
N GLY D 252 -1.39 15.94 -3.25
CA GLY D 252 -1.84 16.75 -2.14
C GLY D 252 -1.57 18.23 -2.35
N ASP D 253 -1.46 18.63 -3.61
CA ASP D 253 -1.23 20.03 -3.96
C ASP D 253 -2.11 20.36 -5.16
N LEU D 254 -2.95 21.38 -5.01
CA LEU D 254 -3.92 21.74 -6.03
C LEU D 254 -3.41 22.94 -6.80
N VAL D 255 -3.49 22.88 -8.13
CA VAL D 255 -2.96 23.91 -9.01
C VAL D 255 -4.09 24.49 -9.84
N HIS D 256 -4.01 25.80 -10.08
CA HIS D 256 -4.96 26.52 -10.91
C HIS D 256 -4.36 26.71 -12.29
N LEU D 257 -5.07 26.26 -13.33
CA LEU D 257 -4.60 26.34 -14.70
C LEU D 257 -5.60 27.09 -15.56
N LEU D 258 -5.08 27.95 -16.42
CA LEU D 258 -5.93 28.59 -17.42
C LEU D 258 -6.19 27.62 -18.56
N PRO D 259 -7.43 27.53 -19.06
CA PRO D 259 -7.68 26.59 -20.17
C PRO D 259 -7.21 27.16 -21.49
N GLN D 260 -6.04 27.79 -21.47
CA GLN D 260 -5.42 28.36 -22.67
C GLN D 260 -3.94 28.03 -22.73
N PHE D 261 -3.33 27.62 -21.63
CA PHE D 261 -1.94 27.24 -21.58
C PHE D 261 -1.75 25.72 -21.57
N VAL D 262 -2.82 24.96 -21.74
CA VAL D 262 -2.77 23.50 -21.64
C VAL D 262 -3.29 22.88 -22.92
N VAL D 263 -2.83 21.66 -23.19
CA VAL D 263 -3.31 20.88 -24.32
C VAL D 263 -3.79 19.51 -23.82
N PRO D 264 -4.71 18.86 -24.51
CA PRO D 264 -5.19 17.54 -24.05
C PRO D 264 -4.27 16.43 -24.52
N VAL D 265 -3.95 15.50 -23.62
CA VAL D 265 -3.29 14.27 -24.01
C VAL D 265 -4.21 13.47 -24.91
N TYR D 266 -3.64 12.65 -25.78
CA TYR D 266 -4.45 11.90 -26.71
C TYR D 266 -5.05 10.66 -26.12
N ASN D 267 -6.34 10.48 -26.26
CA ASN D 267 -6.96 9.23 -25.84
C ASN D 267 -7.90 8.96 -26.96
N ALA D 268 -7.90 7.72 -27.43
CA ALA D 268 -8.71 7.41 -28.57
C ALA D 268 -10.13 7.79 -28.28
N GLU D 269 -10.43 8.12 -27.03
CA GLU D 269 -11.83 8.40 -26.77
C GLU D 269 -12.30 9.74 -27.33
N GLN D 270 -11.38 10.64 -27.68
CA GLN D 270 -11.73 11.97 -28.17
C GLN D 270 -11.85 12.03 -29.69
N LEU D 271 -12.21 10.93 -30.32
CA LEU D 271 -12.39 10.87 -31.77
C LEU D 271 -13.68 10.12 -32.08
N ASN D 272 -14.35 10.53 -33.16
CA ASN D 272 -15.55 9.82 -33.58
C ASN D 272 -15.18 8.50 -34.26
N ASP D 273 -16.21 7.75 -34.64
CA ASP D 273 -15.99 6.38 -35.13
C ASP D 273 -15.17 6.36 -36.41
N ILE D 274 -15.49 7.24 -37.36
CA ILE D 274 -14.79 7.23 -38.65
C ILE D 274 -13.32 7.54 -38.46
N LEU D 275 -13.02 8.60 -37.69
CA LEU D 275 -11.63 8.96 -37.47
C LEU D 275 -10.90 7.93 -36.62
N ALA D 276 -11.59 7.30 -35.67
CA ALA D 276 -10.95 6.24 -34.89
C ALA D 276 -10.55 5.08 -35.80
N SER D 277 -11.46 4.64 -36.66
CA SER D 277 -11.13 3.55 -37.59
C SER D 277 -9.99 3.94 -38.51
N GLU D 278 -10.01 5.17 -39.05
CA GLU D 278 -8.95 5.59 -39.96
C GLU D 278 -7.61 5.64 -39.26
N ILE D 279 -7.55 6.19 -38.04
CA ILE D 279 -6.28 6.31 -37.34
C ILE D 279 -5.76 4.94 -36.92
N LEU D 280 -6.66 4.01 -36.58
CA LEU D 280 -6.20 2.68 -36.18
C LEU D 280 -5.72 1.89 -37.40
N GLU D 281 -6.33 2.10 -38.56
CA GLU D 281 -5.80 1.50 -39.78
C GLU D 281 -4.47 2.13 -40.18
N TYR D 282 -4.28 3.42 -39.89
CA TYR D 282 -3.05 4.10 -40.25
C TYR D 282 -1.88 3.71 -39.33
N LEU D 283 -2.12 3.54 -38.03
CA LEU D 283 -1.03 3.21 -37.12
C LEU D 283 -0.58 1.76 -37.26
N LYS D 284 -1.51 0.83 -37.47
CA LYS D 284 -1.19 -0.60 -37.49
C LYS D 284 -0.71 -0.98 -38.89
N LEU D 285 0.60 -0.91 -39.08
CA LEU D 285 1.19 -1.29 -40.35
C LEU D 285 1.34 -2.80 -40.45
N THR D 286 1.49 -3.28 -41.68
CA THR D 286 1.70 -4.69 -41.95
C THR D 286 3.18 -4.96 -42.18
N SER D 287 3.49 -6.22 -42.52
CA SER D 287 4.89 -6.61 -42.69
C SER D 287 5.49 -5.96 -43.94
N ASN D 288 4.76 -5.95 -45.04
CA ASN D 288 5.30 -5.45 -46.30
C ASN D 288 5.53 -3.94 -46.23
N GLN D 289 4.61 -3.19 -45.62
CA GLN D 289 4.79 -1.75 -45.49
C GLN D 289 6.01 -1.44 -44.63
N ARG D 290 6.17 -2.16 -43.51
CA ARG D 290 7.33 -1.96 -42.67
C ARG D 290 8.62 -2.30 -43.41
N ILE D 291 8.61 -3.39 -44.20
CA ILE D 291 9.79 -3.77 -44.96
C ILE D 291 10.15 -2.67 -45.96
N SER D 292 9.16 -2.14 -46.68
CA SER D 292 9.43 -1.10 -47.66
C SER D 292 9.98 0.17 -47.01
N LEU D 293 9.33 0.61 -45.92
CA LEU D 293 9.79 1.80 -45.22
C LEU D 293 11.21 1.63 -44.71
N LEU D 294 11.48 0.49 -44.07
CA LEU D 294 12.81 0.24 -43.54
C LEU D 294 13.86 0.15 -44.64
N SER D 295 13.49 -0.43 -45.78
CA SER D 295 14.44 -0.52 -46.89
C SER D 295 14.79 0.86 -47.42
N ARG D 296 13.78 1.73 -47.61
CA ARG D 296 14.07 3.08 -48.09
C ARG D 296 14.91 3.84 -47.07
N LEU D 297 14.58 3.72 -45.78
CA LEU D 297 15.37 4.41 -44.75
C LEU D 297 16.81 3.91 -44.73
N ILE D 298 17.01 2.59 -44.84
CA ILE D 298 18.34 2.02 -44.80
C ILE D 298 19.15 2.44 -46.02
N ASN D 299 18.51 2.50 -47.19
CA ASN D 299 19.20 2.99 -48.37
C ASN D 299 19.63 4.45 -48.21
N ASP D 300 18.74 5.29 -47.66
CA ASP D 300 19.12 6.68 -47.43
C ASP D 300 20.26 6.80 -46.42
N ILE D 301 20.29 5.93 -45.41
CA ILE D 301 21.37 5.97 -44.42
C ILE D 301 22.68 5.54 -45.06
N LYS D 302 22.65 4.45 -45.83
CA LYS D 302 23.88 3.93 -46.42
C LYS D 302 24.44 4.88 -47.47
N THR D 303 23.57 5.59 -48.19
CA THR D 303 24.07 6.56 -49.16
C THR D 303 24.65 7.81 -48.51
N ASN D 304 24.55 7.94 -47.19
CA ASN D 304 24.99 9.13 -46.47
C ASN D 304 26.20 8.88 -45.57
N THR D 305 26.44 7.64 -45.17
CA THR D 305 27.52 7.34 -44.24
C THR D 305 28.05 5.94 -44.56
N ASN D 306 29.03 5.48 -43.78
CA ASN D 306 29.62 4.16 -44.01
C ASN D 306 29.49 3.24 -42.80
N ILE D 307 28.68 3.59 -41.81
CA ILE D 307 28.55 2.77 -40.61
C ILE D 307 27.77 1.49 -40.89
N ILE D 308 26.63 1.61 -41.56
CA ILE D 308 25.83 0.44 -41.91
C ILE D 308 26.43 -0.23 -43.14
N VAL D 309 26.65 -1.54 -43.05
CA VAL D 309 27.32 -2.28 -44.11
C VAL D 309 26.44 -3.39 -44.66
N SER D 310 25.14 -3.34 -44.39
CA SER D 310 24.24 -4.39 -44.84
C SER D 310 22.81 -3.82 -44.89
N SER D 311 21.84 -4.72 -44.98
CA SER D 311 20.43 -4.36 -45.06
C SER D 311 19.66 -5.26 -44.11
N LEU D 312 18.34 -5.34 -44.28
CA LEU D 312 17.51 -6.22 -43.46
C LEU D 312 18.08 -7.63 -43.46
N THR D 313 18.33 -8.16 -42.27
CA THR D 313 19.12 -9.37 -42.10
C THR D 313 18.23 -10.61 -42.14
N GLU D 314 18.63 -11.60 -42.93
CA GLU D 314 17.93 -12.86 -43.05
C GLU D 314 18.53 -13.88 -42.08
N LEU D 315 17.67 -14.55 -41.34
CA LEU D 315 18.11 -15.53 -40.33
C LEU D 315 17.39 -16.85 -40.56
N GLU D 316 17.76 -17.84 -39.76
CA GLU D 316 17.19 -19.18 -39.86
C GLU D 316 16.18 -19.40 -38.73
N ALA D 317 15.01 -19.89 -39.10
CA ALA D 317 13.93 -20.14 -38.14
C ALA D 317 13.39 -21.54 -38.33
N ASN D 318 13.11 -22.20 -37.21
CA ASN D 318 12.48 -23.52 -37.20
C ASN D 318 10.99 -23.34 -37.00
N THR D 319 10.20 -23.94 -37.89
CA THR D 319 8.75 -23.73 -37.92
C THR D 319 8.06 -24.89 -37.20
N PHE D 320 7.32 -24.57 -36.15
CA PHE D 320 6.46 -25.55 -35.51
C PHE D 320 5.25 -25.81 -36.38
N ASP D 321 4.98 -27.09 -36.63
CA ASP D 321 3.84 -27.48 -37.45
C ASP D 321 3.34 -28.80 -36.93
N VAL D 322 3.15 -28.89 -35.62
CA VAL D 322 2.66 -30.12 -35.01
C VAL D 322 1.15 -30.11 -35.03
N ASP D 323 0.52 -31.22 -34.69
CA ASP D 323 -0.94 -31.23 -34.60
C ASP D 323 -1.32 -31.23 -33.15
N LEU D 324 -1.89 -30.12 -32.69
CA LEU D 324 -2.25 -29.97 -31.28
C LEU D 324 -3.52 -30.72 -30.93
N ASN D 325 -4.39 -30.99 -31.91
CA ASN D 325 -5.63 -31.70 -31.63
C ASN D 325 -5.37 -33.10 -31.11
N ASP D 326 -4.19 -33.67 -31.42
CA ASP D 326 -3.83 -34.97 -30.88
C ASP D 326 -3.57 -34.94 -29.39
N MET D 327 -3.24 -33.77 -28.84
CA MET D 327 -2.94 -33.65 -27.41
C MET D 327 -4.12 -33.14 -26.60
N LEU D 328 -5.21 -32.75 -27.25
CA LEU D 328 -6.40 -32.27 -26.57
C LEU D 328 -7.38 -33.41 -26.37
N GLN D 329 -7.86 -33.59 -25.15
CA GLN D 329 -8.74 -34.68 -24.80
C GLN D 329 -10.13 -34.16 -24.48
N VAL D 330 -11.15 -34.93 -24.88
CA VAL D 330 -12.54 -34.58 -24.63
C VAL D 330 -13.34 -35.88 -24.54
N ARG D 331 -14.58 -35.79 -24.08
CA ARG D 331 -15.47 -36.95 -23.96
C ARG D 331 -16.66 -36.79 -24.90
N ASN D 332 -17.08 -37.89 -25.51
CA ASN D 332 -18.24 -37.89 -26.39
C ASN D 332 -18.98 -39.21 -26.21
N ALA D 333 -20.30 -39.15 -26.43
CA ALA D 333 -21.16 -40.32 -26.38
C ALA D 333 -21.03 -41.07 -25.04
N ASP D 334 -21.43 -40.39 -23.98
CA ASP D 334 -21.50 -40.97 -22.64
C ASP D 334 -20.14 -41.48 -22.18
N ASN D 335 -19.22 -40.56 -21.90
CA ASN D 335 -17.96 -40.87 -21.22
C ASN D 335 -17.06 -41.78 -22.06
N VAL D 336 -16.62 -41.28 -23.20
CA VAL D 336 -15.63 -41.95 -24.03
C VAL D 336 -14.52 -40.94 -24.30
N LYS D 337 -13.36 -41.14 -23.66
CA LYS D 337 -12.25 -40.22 -23.85
C LYS D 337 -11.73 -40.29 -25.27
N VAL D 338 -11.79 -39.16 -25.97
CA VAL D 338 -11.37 -39.06 -27.37
C VAL D 338 -10.54 -37.79 -27.54
N THR D 339 -10.09 -37.56 -28.77
CA THR D 339 -9.33 -36.37 -29.13
C THR D 339 -10.08 -35.59 -30.19
N LEU D 340 -9.76 -34.29 -30.28
CA LEU D 340 -10.40 -33.44 -31.28
C LEU D 340 -10.03 -33.83 -32.69
N SER D 341 -8.80 -34.33 -32.89
CA SER D 341 -8.36 -34.70 -34.23
C SER D 341 -9.17 -35.88 -34.78
N GLU D 342 -9.45 -36.87 -33.93
CA GLU D 342 -10.15 -38.06 -34.38
C GLU D 342 -11.61 -37.79 -34.71
N LEU D 343 -12.15 -36.63 -34.30
CA LEU D 343 -13.54 -36.28 -34.55
C LEU D 343 -13.67 -35.23 -35.66
N GLU D 344 -12.63 -35.05 -36.47
CA GLU D 344 -12.57 -34.07 -37.57
C GLU D 344 -13.19 -32.73 -37.17
N ILE D 345 -12.78 -32.23 -36.01
CA ILE D 345 -13.24 -30.96 -35.47
C ILE D 345 -12.04 -30.14 -35.01
N SER D 346 -12.34 -28.99 -34.41
CA SER D 346 -11.33 -28.12 -33.81
C SER D 346 -11.84 -27.65 -32.45
N LYS D 347 -11.01 -26.88 -31.75
CA LYS D 347 -11.42 -26.36 -30.45
C LYS D 347 -12.58 -25.39 -30.58
N THR D 348 -12.77 -24.81 -31.76
CA THR D 348 -13.76 -23.76 -31.95
C THR D 348 -15.16 -24.28 -32.27
N ARG D 349 -15.30 -25.55 -32.64
CA ARG D 349 -16.59 -26.10 -33.03
C ARG D 349 -17.10 -27.11 -32.02
N LEU D 350 -17.01 -26.77 -30.74
CA LEU D 350 -17.43 -27.67 -29.67
C LEU D 350 -18.77 -27.28 -29.05
N PHE D 351 -19.50 -26.33 -29.65
CA PHE D 351 -20.86 -26.04 -29.25
C PHE D 351 -21.85 -26.07 -30.41
N THR D 352 -21.39 -26.40 -31.61
CA THR D 352 -22.25 -26.38 -32.79
C THR D 352 -23.34 -27.45 -32.73
N TRP D 353 -23.09 -28.55 -32.02
CA TRP D 353 -24.04 -29.66 -31.95
C TRP D 353 -25.31 -29.31 -31.19
N MET D 354 -25.35 -28.19 -30.48
CA MET D 354 -26.51 -27.83 -29.67
C MET D 354 -27.73 -27.47 -30.51
N LYS D 355 -27.56 -27.20 -31.81
CA LYS D 355 -28.70 -26.90 -32.67
C LYS D 355 -28.71 -27.65 -33.99
N SER D 356 -27.56 -28.13 -34.48
CA SER D 356 -27.48 -28.87 -35.74
C SER D 356 -27.04 -30.29 -35.44
N ARG D 357 -27.78 -31.26 -35.99
CA ARG D 357 -27.50 -32.67 -35.74
C ARG D 357 -26.48 -33.25 -36.71
N LYS D 358 -26.01 -32.46 -37.69
CA LYS D 358 -25.03 -32.97 -38.65
C LYS D 358 -23.70 -33.25 -37.96
N TYR D 359 -23.28 -32.38 -37.04
CA TYR D 359 -22.01 -32.49 -36.35
C TYR D 359 -22.14 -33.37 -35.11
N PRO D 360 -21.04 -34.02 -34.70
CA PRO D 360 -21.12 -34.93 -33.54
C PRO D 360 -21.30 -34.20 -32.22
N VAL D 361 -21.71 -34.94 -31.19
CA VAL D 361 -21.96 -34.39 -29.86
C VAL D 361 -20.67 -34.47 -29.06
N ILE D 362 -20.28 -33.35 -28.46
CA ILE D 362 -19.03 -33.24 -27.71
C ILE D 362 -19.39 -32.87 -26.28
N LEU D 363 -19.22 -33.82 -25.36
CA LEU D 363 -19.54 -33.60 -23.96
C LEU D 363 -18.32 -33.11 -23.20
N PRO D 364 -18.53 -32.51 -22.03
CA PRO D 364 -17.39 -32.10 -21.20
C PRO D 364 -16.63 -33.32 -20.67
N TYR D 365 -15.39 -33.06 -20.27
CA TYR D 365 -14.48 -34.11 -19.83
C TYR D 365 -14.54 -34.38 -18.33
N ASP D 366 -14.37 -33.36 -17.50
CA ASP D 366 -14.34 -33.55 -16.05
C ASP D 366 -15.27 -32.54 -15.40
N ILE D 367 -16.38 -33.03 -14.86
CA ILE D 367 -17.28 -32.23 -14.04
C ILE D 367 -16.90 -32.45 -12.57
N PRO D 368 -16.57 -31.41 -11.81
CA PRO D 368 -16.14 -31.61 -10.43
C PRO D 368 -17.24 -32.25 -9.60
N GLN D 369 -16.82 -33.11 -8.66
CA GLN D 369 -17.76 -33.79 -7.79
C GLN D 369 -18.50 -32.85 -6.86
N LYS D 370 -18.02 -31.63 -6.66
CA LYS D 370 -18.74 -30.62 -5.89
C LYS D 370 -19.87 -29.99 -6.67
N LEU D 371 -19.73 -29.82 -7.99
CA LEU D 371 -20.82 -29.33 -8.82
C LEU D 371 -21.64 -30.51 -9.36
N LYS D 372 -21.96 -31.43 -8.46
CA LYS D 372 -22.86 -32.54 -8.76
C LYS D 372 -23.86 -32.80 -7.65
N LYS D 373 -23.54 -32.46 -6.40
CA LYS D 373 -24.43 -32.73 -5.29
C LYS D 373 -25.42 -31.59 -5.06
N ILE D 374 -25.21 -30.45 -5.73
CA ILE D 374 -26.11 -29.32 -5.58
C ILE D 374 -27.43 -29.64 -6.28
N GLU D 375 -28.54 -29.41 -5.58
CA GLU D 375 -29.85 -29.67 -6.18
C GLU D 375 -30.23 -28.58 -7.17
N LYS D 376 -30.18 -27.32 -6.74
CA LYS D 376 -30.56 -26.19 -7.58
C LYS D 376 -29.56 -25.06 -7.43
N ILE D 377 -29.29 -24.36 -8.51
CA ILE D 377 -28.43 -23.19 -8.52
C ILE D 377 -29.25 -21.98 -8.94
N PRO D 378 -29.52 -21.06 -8.02
CA PRO D 378 -30.32 -19.88 -8.37
C PRO D 378 -29.65 -19.05 -9.46
N VAL D 379 -30.45 -18.56 -10.39
CA VAL D 379 -29.99 -17.72 -11.49
C VAL D 379 -30.70 -16.37 -11.40
N PHE D 380 -29.92 -15.30 -11.43
CA PHE D 380 -30.45 -13.94 -11.34
C PHE D 380 -30.13 -13.18 -12.62
N ILE D 381 -31.08 -12.34 -13.04
CA ILE D 381 -30.92 -11.47 -14.20
C ILE D 381 -31.06 -10.04 -13.71
N ILE D 382 -30.01 -9.23 -13.92
CA ILE D 382 -29.99 -7.83 -13.54
C ILE D 382 -29.88 -7.00 -14.81
N VAL D 383 -30.90 -6.17 -15.05
CA VAL D 383 -30.96 -5.33 -16.24
C VAL D 383 -30.88 -3.87 -15.82
N ASP D 384 -29.97 -3.13 -16.44
CA ASP D 384 -29.85 -1.71 -16.15
C ASP D 384 -31.10 -0.97 -16.62
N SER D 385 -31.53 0.02 -15.84
CA SER D 385 -32.73 0.77 -16.17
C SER D 385 -32.47 1.91 -17.15
N ALA D 386 -31.22 2.12 -17.56
CA ALA D 386 -30.87 3.19 -18.49
C ALA D 386 -30.92 2.75 -19.95
N LEU D 387 -31.52 1.60 -20.24
CA LEU D 387 -31.61 1.10 -21.61
C LEU D 387 -32.83 1.73 -22.29
N SER D 388 -33.20 1.19 -23.46
CA SER D 388 -34.23 1.82 -24.30
C SER D 388 -35.47 0.95 -24.44
N ARG D 389 -35.79 0.16 -23.41
CA ARG D 389 -37.03 -0.61 -23.32
C ARG D 389 -37.11 -1.73 -24.36
N ASP D 390 -36.16 -1.75 -25.30
CA ASP D 390 -36.02 -2.84 -26.25
C ASP D 390 -34.78 -3.67 -26.01
N ILE D 391 -33.66 -3.00 -25.71
CA ILE D 391 -32.46 -3.71 -25.28
C ILE D 391 -32.74 -4.49 -24.00
N GLN D 392 -33.62 -3.99 -23.15
CA GLN D 392 -33.97 -4.71 -21.92
C GLN D 392 -34.63 -6.06 -22.24
N THR D 393 -35.66 -6.04 -23.09
CA THR D 393 -36.36 -7.27 -23.45
C THR D 393 -35.42 -8.21 -24.20
N PHE D 394 -34.58 -7.66 -25.09
CA PHE D 394 -33.61 -8.48 -25.79
C PHE D 394 -32.65 -9.15 -24.80
N ALA D 395 -32.19 -8.41 -23.80
CA ALA D 395 -31.28 -8.98 -22.80
C ALA D 395 -31.96 -10.11 -22.03
N LYS D 396 -33.19 -9.87 -21.57
CA LYS D 396 -33.86 -10.91 -20.79
C LYS D 396 -34.10 -12.16 -21.62
N ASP D 397 -34.64 -12.01 -22.84
CA ASP D 397 -34.97 -13.19 -23.63
C ASP D 397 -33.72 -13.92 -24.10
N GLU D 398 -32.64 -13.18 -24.38
CA GLU D 398 -31.39 -13.83 -24.74
C GLU D 398 -30.81 -14.61 -23.57
N PHE D 399 -30.83 -14.03 -22.37
CA PHE D 399 -30.33 -14.76 -21.21
C PHE D 399 -31.15 -16.01 -20.95
N ARG D 400 -32.48 -15.90 -21.06
CA ARG D 400 -33.33 -17.07 -20.88
C ARG D 400 -33.04 -18.13 -21.92
N TYR D 401 -32.86 -17.72 -23.18
CA TYR D 401 -32.55 -18.67 -24.24
C TYR D 401 -31.23 -19.38 -23.97
N LEU D 402 -30.22 -18.64 -23.55
CA LEU D 402 -28.92 -19.25 -23.25
C LEU D 402 -29.04 -20.28 -22.13
N ILE D 403 -29.67 -19.89 -21.02
CA ILE D 403 -29.77 -20.81 -19.89
C ILE D 403 -30.59 -22.03 -20.26
N SER D 404 -31.71 -21.84 -20.96
CA SER D 404 -32.57 -22.95 -21.33
C SER D 404 -31.87 -23.91 -22.28
N SER D 405 -31.19 -23.37 -23.29
CA SER D 405 -30.48 -24.21 -24.25
C SER D 405 -29.37 -24.99 -23.56
N LEU D 406 -28.60 -24.32 -22.69
CA LEU D 406 -27.55 -25.01 -21.96
C LEU D 406 -28.10 -26.16 -21.14
N GLN D 407 -29.17 -25.90 -20.38
CA GLN D 407 -29.74 -26.95 -19.54
C GLN D 407 -30.28 -28.11 -20.37
N LYS D 408 -31.02 -27.78 -21.44
CA LYS D 408 -31.64 -28.83 -22.25
C LYS D 408 -30.58 -29.68 -22.95
N SER D 409 -29.51 -29.05 -23.43
CA SER D 409 -28.47 -29.81 -24.12
C SER D 409 -27.65 -30.65 -23.15
N LEU D 410 -27.41 -30.13 -21.94
CA LEU D 410 -26.52 -30.83 -21.02
C LEU D 410 -27.24 -31.95 -20.27
N SER D 411 -28.55 -31.78 -20.01
CA SER D 411 -29.26 -32.75 -19.17
C SER D 411 -29.56 -34.03 -19.93
N ASN D 412 -29.52 -34.01 -21.26
CA ASN D 412 -29.87 -35.20 -22.03
C ASN D 412 -28.83 -36.30 -21.89
N TRP D 413 -27.55 -35.92 -21.88
CA TRP D 413 -26.45 -36.89 -21.92
C TRP D 413 -25.75 -37.05 -20.58
N VAL D 414 -25.29 -35.96 -19.97
CA VAL D 414 -24.49 -36.03 -18.75
C VAL D 414 -25.31 -35.49 -17.59
N ASP D 415 -24.94 -35.87 -16.38
CA ASP D 415 -25.60 -35.36 -15.19
C ASP D 415 -25.21 -33.90 -14.97
N PHE D 416 -26.19 -33.11 -14.53
CA PHE D 416 -26.06 -31.67 -14.39
C PHE D 416 -27.22 -31.17 -13.53
N PRO D 417 -26.97 -30.12 -12.73
CA PRO D 417 -28.01 -29.61 -11.84
C PRO D 417 -28.96 -28.62 -12.49
N ILE D 418 -29.97 -28.19 -11.73
CA ILE D 418 -31.01 -27.32 -12.26
C ILE D 418 -30.63 -25.86 -12.05
N LEU D 419 -30.35 -25.15 -13.14
CA LEU D 419 -30.15 -23.70 -13.11
C LEU D 419 -31.52 -23.05 -13.17
N ASP D 420 -32.19 -22.96 -12.02
CA ASP D 420 -33.56 -22.50 -11.95
C ASP D 420 -33.61 -20.98 -12.13
N ILE D 421 -34.36 -20.54 -13.13
CA ILE D 421 -34.61 -19.13 -13.36
C ILE D 421 -36.06 -18.87 -13.01
N ARG D 422 -36.31 -17.78 -12.28
CA ARG D 422 -37.64 -17.46 -11.79
C ARG D 422 -37.93 -15.98 -12.01
N ASP D 423 -39.22 -15.65 -12.06
CA ASP D 423 -39.64 -14.27 -12.22
C ASP D 423 -39.36 -13.42 -10.98
N LYS D 424 -39.04 -14.04 -9.86
CA LYS D 424 -38.63 -13.34 -8.65
C LYS D 424 -37.14 -13.03 -8.63
N TYR D 425 -36.42 -13.37 -9.71
CA TYR D 425 -34.99 -13.17 -9.78
C TYR D 425 -34.58 -12.15 -10.84
N ILE D 426 -35.54 -11.44 -11.44
CA ILE D 426 -35.26 -10.43 -12.44
C ILE D 426 -35.41 -9.06 -11.78
N PHE D 427 -34.35 -8.26 -11.84
CA PHE D 427 -34.31 -6.94 -11.22
C PHE D 427 -33.92 -5.90 -12.25
N THR D 428 -34.63 -4.77 -12.23
CA THR D 428 -34.31 -3.62 -13.08
C THR D 428 -34.03 -2.44 -12.16
N ILE D 429 -32.76 -2.09 -12.02
CA ILE D 429 -32.32 -1.03 -11.11
C ILE D 429 -31.44 -0.06 -11.87
N ASP D 430 -31.24 1.12 -11.28
CA ASP D 430 -30.30 2.10 -11.79
C ASP D 430 -28.94 1.82 -11.16
N LEU D 431 -27.96 1.50 -12.00
CA LEU D 431 -26.67 1.05 -11.48
C LEU D 431 -25.90 2.16 -10.80
N THR D 432 -25.97 3.38 -11.34
CA THR D 432 -25.20 4.49 -10.78
C THR D 432 -25.70 4.88 -9.40
N SER D 433 -27.02 4.80 -9.17
CA SER D 433 -27.59 5.16 -7.88
C SER D 433 -27.10 4.21 -6.80
N ASP D 434 -26.82 4.77 -5.62
CA ASP D 434 -26.23 4.02 -4.52
C ASP D 434 -27.25 3.29 -3.66
N LYS D 435 -28.43 3.88 -3.45
CA LYS D 435 -29.45 3.21 -2.64
C LYS D 435 -29.93 1.92 -3.30
N ASP D 436 -30.07 1.94 -4.63
CA ASP D 436 -30.54 0.75 -5.33
C ASP D 436 -29.57 -0.41 -5.19
N ILE D 437 -28.26 -0.12 -5.19
CA ILE D 437 -27.28 -1.19 -5.02
C ILE D 437 -27.40 -1.81 -3.63
N VAL D 438 -27.60 -0.99 -2.61
CA VAL D 438 -27.77 -1.53 -1.25
C VAL D 438 -29.02 -2.37 -1.15
N ASN D 439 -30.14 -1.89 -1.72
CA ASN D 439 -31.38 -2.66 -1.68
C ASN D 439 -31.22 -3.99 -2.42
N LEU D 440 -30.55 -3.96 -3.58
CA LEU D 440 -30.33 -5.19 -4.33
C LEU D 440 -29.46 -6.16 -3.57
N SER D 441 -28.41 -5.66 -2.90
CA SER D 441 -27.55 -6.54 -2.12
C SER D 441 -28.30 -7.16 -0.96
N ILE D 442 -29.14 -6.38 -0.29
CA ILE D 442 -29.92 -6.93 0.83
C ILE D 442 -30.90 -7.98 0.32
N LYS D 443 -31.55 -7.72 -0.80
CA LYS D 443 -32.50 -8.68 -1.36
C LYS D 443 -31.79 -9.97 -1.78
N LEU D 444 -30.61 -9.85 -2.39
CA LEU D 444 -29.88 -11.04 -2.79
C LEU D 444 -29.36 -11.82 -1.59
N VAL D 445 -29.00 -11.13 -0.50
CA VAL D 445 -28.62 -11.83 0.73
C VAL D 445 -29.83 -12.60 1.27
N ASN D 446 -31.01 -11.97 1.24
CA ASN D 446 -32.20 -12.64 1.77
C ASN D 446 -32.62 -13.82 0.91
N LEU D 447 -32.47 -13.71 -0.41
CA LEU D 447 -32.96 -14.75 -1.31
C LEU D 447 -32.05 -15.97 -1.33
N MET D 448 -30.77 -15.81 -1.00
CA MET D 448 -29.80 -16.90 -1.07
C MET D 448 -29.45 -17.46 0.31
N LYS D 449 -30.41 -17.51 1.22
CA LYS D 449 -30.16 -18.06 2.54
C LYS D 449 -29.91 -19.56 2.48
N ASN D 450 -30.80 -20.30 1.82
CA ASN D 450 -30.67 -21.74 1.69
C ASN D 450 -30.06 -22.11 0.34
N ALA D 451 -28.82 -21.67 0.14
CA ALA D 451 -28.12 -21.92 -1.10
C ALA D 451 -26.62 -21.81 -0.85
N GLU D 452 -25.85 -22.34 -1.79
CA GLU D 452 -24.39 -22.30 -1.72
C GLU D 452 -23.78 -21.49 -2.85
N LEU D 453 -24.19 -21.74 -4.09
CA LEU D 453 -23.64 -21.06 -5.25
C LEU D 453 -24.76 -20.37 -6.01
N GLY D 454 -24.41 -19.28 -6.68
CA GLY D 454 -25.39 -18.53 -7.46
C GLY D 454 -24.73 -17.90 -8.68
N LEU D 455 -25.52 -17.71 -9.73
CA LEU D 455 -25.06 -17.12 -10.97
C LEU D 455 -25.94 -15.94 -11.33
N ALA D 456 -25.32 -14.84 -11.73
CA ALA D 456 -26.03 -13.61 -12.07
C ALA D 456 -25.57 -13.12 -13.43
N LEU D 457 -26.51 -12.92 -14.34
CA LEU D 457 -26.24 -12.34 -15.65
C LEU D 457 -26.67 -10.88 -15.63
N ILE D 458 -25.72 -9.97 -15.85
CA ILE D 458 -25.94 -8.54 -15.72
C ILE D 458 -25.87 -7.91 -17.11
N ALA D 459 -26.79 -6.99 -17.39
CA ALA D 459 -26.78 -6.22 -18.62
C ALA D 459 -26.63 -4.75 -18.27
N THR D 460 -25.57 -4.13 -18.75
CA THR D 460 -25.22 -2.75 -18.40
C THR D 460 -25.27 -1.88 -19.65
N ARG D 461 -25.00 -0.59 -19.45
CA ARG D 461 -24.99 0.38 -20.53
C ARG D 461 -23.62 0.38 -21.22
N THR D 462 -23.45 1.32 -22.16
CA THR D 462 -22.22 1.35 -22.95
C THR D 462 -21.02 1.69 -22.07
N LYS D 463 -21.14 2.72 -21.24
CA LYS D 463 -20.05 3.15 -20.37
C LYS D 463 -20.54 3.30 -18.94
N LEU D 464 -19.69 2.95 -18.00
CA LEU D 464 -19.97 3.04 -16.58
C LEU D 464 -18.82 3.79 -15.89
N PRO D 465 -19.09 4.41 -14.73
CA PRO D 465 -18.04 5.18 -14.05
C PRO D 465 -16.80 4.38 -13.65
N ASN D 466 -16.76 3.09 -13.97
CA ASN D 466 -15.58 2.25 -13.82
C ASN D 466 -15.28 1.93 -12.36
N GLU D 467 -16.01 2.55 -11.43
CA GLU D 467 -15.99 2.15 -10.04
C GLU D 467 -17.29 1.47 -9.60
N THR D 468 -18.41 1.84 -10.22
CA THR D 468 -19.66 1.13 -9.97
C THR D 468 -19.56 -0.32 -10.44
N PHE D 469 -18.87 -0.55 -11.57
CA PHE D 469 -18.66 -1.91 -12.05
C PHE D 469 -17.94 -2.75 -11.01
N ASP D 470 -16.81 -2.25 -10.50
CA ASP D 470 -16.04 -3.00 -9.52
C ASP D 470 -16.82 -3.17 -8.21
N GLU D 471 -17.57 -2.14 -7.80
CA GLU D 471 -18.37 -2.27 -6.58
C GLU D 471 -19.44 -3.33 -6.73
N VAL D 472 -20.12 -3.38 -7.88
CA VAL D 472 -21.15 -4.38 -8.11
C VAL D 472 -20.53 -5.78 -8.10
N LYS D 473 -19.40 -5.94 -8.78
CA LYS D 473 -18.76 -7.25 -8.82
C LYS D 473 -18.31 -7.68 -7.43
N LYS D 474 -17.77 -6.75 -6.64
CA LYS D 474 -17.35 -7.10 -5.27
C LYS D 474 -18.53 -7.46 -4.39
N ARG D 475 -19.63 -6.71 -4.49
CA ARG D 475 -20.80 -7.01 -3.68
C ARG D 475 -21.39 -8.37 -4.04
N LEU D 476 -21.37 -8.72 -5.32
CA LEU D 476 -21.85 -10.05 -5.72
C LEU D 476 -20.89 -11.14 -5.24
N PHE D 477 -19.57 -10.89 -5.37
CA PHE D 477 -18.59 -11.90 -4.97
C PHE D 477 -18.65 -12.16 -3.47
N SER D 478 -19.01 -11.14 -2.68
CA SER D 478 -19.02 -11.31 -1.24
C SER D 478 -20.09 -12.31 -0.79
N VAL D 479 -21.07 -12.60 -1.63
CA VAL D 479 -22.14 -13.51 -1.26
C VAL D 479 -22.18 -14.71 -2.19
N ASN D 480 -21.01 -15.10 -2.71
CA ASN D 480 -20.86 -16.29 -3.55
C ASN D 480 -21.74 -16.21 -4.80
N ILE D 481 -21.49 -15.22 -5.64
CA ILE D 481 -22.23 -15.01 -6.88
C ILE D 481 -21.25 -14.86 -8.03
N ILE D 482 -21.35 -15.73 -9.02
CA ILE D 482 -20.57 -15.61 -10.24
C ILE D 482 -21.32 -14.73 -11.22
N SER D 483 -20.71 -13.62 -11.62
CA SER D 483 -21.37 -12.61 -12.43
C SER D 483 -20.80 -12.61 -13.84
N GLN D 484 -21.71 -12.57 -14.82
CA GLN D 484 -21.35 -12.43 -16.23
C GLN D 484 -21.99 -11.17 -16.77
N VAL D 485 -21.16 -10.25 -17.26
CA VAL D 485 -21.60 -8.92 -17.64
C VAL D 485 -21.61 -8.81 -19.16
N VAL D 486 -22.73 -8.35 -19.72
CA VAL D 486 -22.85 -8.05 -21.14
C VAL D 486 -23.33 -6.62 -21.27
N ASN D 487 -22.59 -5.80 -22.01
CA ASN D 487 -22.93 -4.39 -22.15
C ASN D 487 -23.89 -4.18 -23.32
N GLU D 488 -24.23 -2.92 -23.57
CA GLU D 488 -25.25 -2.60 -24.57
C GLU D 488 -24.71 -2.76 -25.99
N ALA D 489 -23.42 -2.42 -26.20
CA ALA D 489 -22.84 -2.54 -27.53
C ALA D 489 -22.83 -3.98 -28.02
N THR D 490 -22.51 -4.92 -27.13
CA THR D 490 -22.56 -6.33 -27.49
C THR D 490 -23.98 -6.77 -27.80
N LEU D 491 -24.95 -6.29 -27.02
CA LEU D 491 -26.34 -6.63 -27.27
C LEU D 491 -26.86 -6.04 -28.57
N TYR D 492 -26.24 -4.96 -29.06
CA TYR D 492 -26.61 -4.40 -30.35
C TYR D 492 -26.02 -5.16 -31.53
N LYS D 493 -25.12 -6.12 -31.28
CA LYS D 493 -24.55 -6.91 -32.36
C LYS D 493 -25.58 -7.90 -32.88
N ARG D 494 -25.78 -7.91 -34.19
CA ARG D 494 -26.84 -8.70 -34.81
C ARG D 494 -26.29 -9.91 -35.54
N ASP D 495 -27.12 -10.93 -35.66
CA ASP D 495 -26.79 -12.12 -36.43
C ASP D 495 -27.12 -11.87 -37.90
N LYS D 496 -27.11 -12.92 -38.72
CA LYS D 496 -27.46 -12.79 -40.12
C LYS D 496 -28.49 -13.81 -40.58
N TYR D 497 -28.97 -14.70 -39.71
CA TYR D 497 -30.10 -15.57 -40.01
C TYR D 497 -31.41 -15.07 -39.43
N ASN D 498 -31.39 -14.57 -38.20
CA ASN D 498 -32.58 -14.00 -37.57
C ASN D 498 -32.14 -12.93 -36.60
N GLU D 499 -32.74 -11.75 -36.70
CA GLU D 499 -32.35 -10.60 -35.89
C GLU D 499 -32.90 -10.66 -34.47
N SER D 500 -33.47 -11.79 -34.05
CA SER D 500 -34.03 -11.94 -32.71
C SER D 500 -33.10 -12.73 -31.79
N ARG D 501 -31.86 -12.98 -32.22
CA ARG D 501 -30.91 -13.72 -31.42
C ARG D 501 -29.55 -13.03 -31.47
N LEU D 502 -28.77 -13.27 -30.43
CA LEU D 502 -27.42 -12.73 -30.36
C LEU D 502 -26.52 -13.40 -31.40
N ASN D 503 -25.38 -12.76 -31.67
CA ASN D 503 -24.41 -13.34 -32.59
C ASN D 503 -23.92 -14.68 -32.07
N LEU D 504 -23.90 -15.68 -32.96
CA LEU D 504 -23.50 -17.03 -32.57
C LEU D 504 -22.13 -17.03 -31.92
N TYR D 505 -21.23 -16.16 -32.40
CA TYR D 505 -19.90 -16.06 -31.82
C TYR D 505 -19.98 -15.70 -30.34
N VAL D 506 -20.73 -14.64 -30.04
CA VAL D 506 -20.85 -14.16 -28.66
C VAL D 506 -21.61 -15.18 -27.82
N GLN D 507 -22.62 -15.83 -28.39
CA GLN D 507 -23.35 -16.86 -27.64
C GLN D 507 -22.43 -17.97 -27.18
N HIS D 508 -21.65 -18.54 -28.12
CA HIS D 508 -20.74 -19.61 -27.76
C HIS D 508 -19.73 -19.17 -26.72
N ASN D 509 -19.19 -17.95 -26.86
CA ASN D 509 -18.27 -17.46 -25.85
C ASN D 509 -18.95 -17.35 -24.50
N LEU D 510 -20.22 -16.93 -24.48
CA LEU D 510 -20.93 -16.78 -23.21
C LEU D 510 -21.14 -18.12 -22.52
N LEU D 511 -21.55 -19.15 -23.26
CA LEU D 511 -21.68 -20.46 -22.61
C LEU D 511 -20.33 -20.97 -22.13
N PHE D 512 -19.27 -20.71 -22.91
CA PHE D 512 -17.94 -21.15 -22.46
C PHE D 512 -17.54 -20.46 -21.16
N GLN D 513 -17.78 -19.15 -21.05
CA GLN D 513 -17.44 -18.43 -19.83
C GLN D 513 -18.27 -18.92 -18.64
N ILE D 514 -19.57 -19.16 -18.86
CA ILE D 514 -20.39 -19.66 -17.76
C ILE D 514 -19.88 -21.01 -17.28
N LEU D 515 -19.57 -21.91 -18.22
CA LEU D 515 -19.09 -23.24 -17.82
C LEU D 515 -17.73 -23.15 -17.12
N SER D 516 -16.86 -22.25 -17.58
CA SER D 516 -15.53 -22.14 -16.98
C SER D 516 -15.63 -21.55 -15.57
N LYS D 517 -16.43 -20.49 -15.41
CA LYS D 517 -16.55 -19.86 -14.10
C LYS D 517 -17.24 -20.80 -13.10
N LEU D 518 -18.20 -21.60 -13.57
CA LEU D 518 -18.80 -22.58 -12.70
C LEU D 518 -17.79 -23.62 -12.22
N GLY D 519 -16.74 -23.86 -13.00
CA GLY D 519 -15.69 -24.80 -12.63
C GLY D 519 -15.59 -26.03 -13.49
N ILE D 520 -16.22 -26.05 -14.66
CA ILE D 520 -16.22 -27.23 -15.53
C ILE D 520 -15.13 -27.08 -16.58
N LYS D 521 -14.26 -28.09 -16.67
CA LYS D 521 -13.19 -28.12 -17.65
C LYS D 521 -13.67 -28.89 -18.86
N TYR D 522 -13.85 -28.20 -19.98
CA TYR D 522 -14.39 -28.82 -21.18
C TYR D 522 -13.36 -29.69 -21.90
N TYR D 523 -12.07 -29.43 -21.72
CA TYR D 523 -11.03 -30.20 -22.38
C TYR D 523 -9.74 -30.07 -21.58
N VAL D 524 -8.86 -31.07 -21.74
CA VAL D 524 -7.57 -31.12 -21.05
C VAL D 524 -6.49 -31.46 -22.05
N LEU D 525 -5.25 -31.52 -21.57
CA LEU D 525 -4.10 -31.88 -22.37
C LEU D 525 -3.65 -33.30 -22.07
N ARG D 526 -2.81 -33.84 -22.95
CA ARG D 526 -2.39 -35.24 -22.89
C ARG D 526 -0.93 -35.41 -22.54
N HIS D 527 -0.10 -34.38 -22.68
CA HIS D 527 1.34 -34.57 -22.71
C HIS D 527 1.91 -34.52 -21.30
N LYS D 528 2.99 -35.27 -21.09
CA LYS D 528 3.76 -35.25 -19.85
C LYS D 528 4.96 -34.32 -19.99
N PHE D 529 5.02 -33.28 -19.16
CA PHE D 529 6.23 -32.50 -19.02
C PHE D 529 7.08 -33.04 -17.87
N SER D 530 8.37 -32.70 -17.90
CA SER D 530 9.34 -33.32 -17.01
C SER D 530 9.24 -32.82 -15.58
N TYR D 531 8.43 -31.81 -15.30
CA TYR D 531 8.35 -31.22 -13.97
C TYR D 531 7.07 -31.67 -13.27
N ASP D 532 7.13 -31.66 -11.94
CA ASP D 532 5.96 -32.00 -11.14
C ASP D 532 5.10 -30.78 -10.82
N TYR D 533 5.69 -29.58 -10.84
CA TYR D 533 4.97 -28.36 -10.51
C TYR D 533 5.47 -27.23 -11.38
N ILE D 534 4.53 -26.45 -11.91
CA ILE D 534 4.83 -25.26 -12.70
C ILE D 534 4.15 -24.07 -12.04
N VAL D 535 4.93 -23.05 -11.70
CA VAL D 535 4.46 -21.91 -10.93
C VAL D 535 4.63 -20.65 -11.77
N GLY D 536 3.51 -20.01 -12.09
CA GLY D 536 3.52 -18.74 -12.79
C GLY D 536 3.35 -17.58 -11.83
N ILE D 537 4.17 -16.54 -12.02
CA ILE D 537 4.26 -15.43 -11.07
C ILE D 537 4.11 -14.11 -11.81
N ASP D 538 3.36 -13.18 -11.20
CA ASP D 538 3.10 -11.85 -11.75
C ASP D 538 2.96 -10.83 -10.63
N VAL D 539 3.00 -9.54 -11.01
CA VAL D 539 2.98 -8.42 -10.08
C VAL D 539 2.16 -7.28 -10.69
N THR D 540 1.36 -6.61 -9.85
CA THR D 540 0.54 -5.48 -10.29
C THR D 540 0.54 -4.42 -9.20
N PRO D 541 0.27 -3.14 -9.56
CA PRO D 541 0.14 -2.09 -8.53
C PRO D 541 -1.09 -2.26 -7.65
N MET D 542 -1.33 -1.30 -6.76
CA MET D 542 -2.30 -1.49 -5.67
C MET D 542 -3.53 -0.59 -5.70
N LYS D 543 -3.84 0.08 -6.81
CA LYS D 543 -5.10 0.82 -6.90
C LYS D 543 -5.21 1.91 -5.85
N LEU D 544 -4.60 3.07 -6.11
CA LEU D 544 -4.57 4.24 -5.24
C LEU D 544 -3.77 3.95 -3.96
N SER D 545 -2.52 3.58 -4.15
CA SER D 545 -1.52 3.45 -3.10
C SER D 545 -0.16 3.31 -3.76
N HIS D 546 0.89 3.73 -3.05
CA HIS D 546 2.24 3.64 -3.58
C HIS D 546 2.86 2.29 -3.22
N GLY D 547 2.01 1.34 -2.84
CA GLY D 547 2.43 -0.02 -2.61
C GLY D 547 2.11 -0.90 -3.81
N TYR D 548 2.62 -2.14 -3.73
CA TYR D 548 2.38 -3.14 -4.76
C TYR D 548 1.83 -4.39 -4.09
N ILE D 549 0.54 -4.67 -4.31
CA ILE D 549 0.01 -5.97 -3.90
C ILE D 549 0.83 -7.07 -4.57
N GLY D 550 1.01 -6.95 -5.88
CA GLY D 550 1.99 -7.70 -6.65
C GLY D 550 2.26 -9.12 -6.22
N GLY D 551 1.21 -9.82 -5.82
CA GLY D 551 1.40 -11.17 -5.36
C GLY D 551 0.42 -12.13 -6.00
N SER D 552 0.94 -13.04 -6.81
CA SER D 552 0.11 -14.06 -7.44
C SER D 552 1.02 -15.16 -7.95
N ALA D 553 0.64 -16.39 -7.62
CA ALA D 553 1.41 -17.55 -8.05
C ALA D 553 0.42 -18.67 -8.36
N VAL D 554 0.29 -19.00 -9.63
CA VAL D 554 -0.54 -20.12 -10.05
C VAL D 554 0.34 -21.36 -10.11
N MET D 555 0.10 -22.31 -9.21
CA MET D 555 0.77 -23.60 -9.21
C MET D 555 -0.08 -24.52 -10.06
N PHE D 556 0.45 -24.94 -11.19
CA PHE D 556 -0.36 -25.73 -12.11
C PHE D 556 0.04 -27.20 -11.89
N ASP D 557 -0.29 -27.70 -10.70
CA ASP D 557 0.36 -28.91 -10.19
C ASP D 557 -0.09 -30.17 -10.94
N SER D 558 -1.37 -30.51 -10.84
CA SER D 558 -1.91 -31.74 -11.43
C SER D 558 -1.11 -32.96 -10.98
N ILE D 562 -1.83 -32.00 -17.63
CA ILE D 562 -1.88 -30.58 -17.29
C ILE D 562 -3.32 -30.28 -16.92
N ARG D 563 -3.57 -29.83 -15.71
CA ARG D 563 -4.95 -29.63 -15.31
C ARG D 563 -5.22 -28.62 -14.22
N LYS D 564 -4.86 -28.94 -13.00
CA LYS D 564 -5.18 -28.12 -11.83
C LYS D 564 -4.77 -26.67 -12.08
N ILE D 565 -5.40 -25.76 -11.36
CA ILE D 565 -5.16 -24.33 -11.61
C ILE D 565 -5.12 -23.51 -10.32
N ILE D 566 -4.87 -24.17 -9.19
CA ILE D 566 -5.06 -23.49 -7.89
C ILE D 566 -4.09 -22.32 -7.77
N PRO D 567 -4.56 -21.13 -7.34
CA PRO D 567 -3.64 -20.00 -7.11
C PRO D 567 -3.28 -19.84 -5.64
N VAL D 568 -2.28 -19.00 -5.35
CA VAL D 568 -1.99 -18.57 -3.99
C VAL D 568 -1.63 -17.09 -4.03
N GLU D 569 -1.87 -16.38 -2.93
CA GLU D 569 -1.43 -15.00 -2.83
C GLU D 569 -0.05 -14.92 -2.18
N ILE D 570 0.86 -14.20 -2.83
CA ILE D 570 2.21 -14.05 -2.29
C ILE D 570 2.19 -13.21 -1.02
N GLY D 571 1.63 -12.01 -1.11
CA GLY D 571 1.60 -11.12 0.02
C GLY D 571 1.50 -9.66 -0.37
N GLU D 572 2.39 -8.84 0.20
CA GLU D 572 2.34 -7.40 0.01
C GLU D 572 3.76 -6.86 -0.02
N GLN D 573 4.12 -6.19 -1.12
CA GLN D 573 5.48 -5.72 -1.33
C GLN D 573 5.47 -4.20 -1.49
N MET D 574 6.68 -3.63 -1.47
CA MET D 574 6.88 -2.20 -1.67
C MET D 574 7.22 -1.88 -3.12
N GLY D 575 8.04 -2.70 -3.76
CA GLY D 575 8.33 -2.54 -5.17
C GLY D 575 7.89 -3.75 -5.97
N GLU D 576 8.67 -4.13 -6.97
CA GLU D 576 8.40 -5.33 -7.77
C GLU D 576 9.54 -6.31 -7.47
N SER D 577 9.38 -7.05 -6.39
CA SER D 577 10.37 -8.06 -5.99
C SER D 577 9.67 -9.06 -5.08
N ILE D 578 9.35 -10.24 -5.63
CA ILE D 578 8.67 -11.26 -4.84
C ILE D 578 9.58 -11.76 -3.73
N ASP D 579 9.01 -11.97 -2.55
CA ASP D 579 9.71 -12.57 -1.43
C ASP D 579 9.55 -14.08 -1.54
N MET D 580 10.53 -14.75 -2.15
CA MET D 580 10.40 -16.18 -2.41
C MET D 580 10.57 -17.02 -1.16
N LYS D 581 11.13 -16.47 -0.08
CA LYS D 581 11.30 -17.25 1.14
C LYS D 581 9.95 -17.50 1.82
N GLU D 582 9.22 -16.43 2.14
CA GLU D 582 7.89 -16.59 2.71
C GLU D 582 6.95 -17.28 1.74
N PHE D 583 7.04 -16.91 0.46
CA PHE D 583 6.23 -17.56 -0.57
C PHE D 583 6.44 -19.06 -0.56
N PHE D 584 7.70 -19.51 -0.50
CA PHE D 584 7.96 -20.94 -0.57
C PHE D 584 7.66 -21.63 0.74
N LYS D 585 7.73 -20.92 1.88
CA LYS D 585 7.28 -21.52 3.13
C LYS D 585 5.78 -21.81 3.08
N ASP D 586 5.00 -20.84 2.63
CA ASP D 586 3.56 -21.08 2.44
C ASP D 586 3.33 -22.15 1.38
N MET D 587 4.17 -22.14 0.34
CA MET D 587 4.15 -23.16 -0.70
C MET D 587 4.24 -24.56 -0.11
N VAL D 588 5.19 -24.77 0.80
CA VAL D 588 5.36 -26.07 1.43
C VAL D 588 4.19 -26.37 2.36
N VAL D 589 3.75 -25.37 3.13
CA VAL D 589 2.71 -25.59 4.13
C VAL D 589 1.40 -26.02 3.47
N GLN D 590 1.09 -25.47 2.30
CA GLN D 590 -0.23 -25.73 1.71
C GLN D 590 -0.37 -27.19 1.26
N PHE D 591 0.58 -27.70 0.49
CA PHE D 591 0.51 -29.13 0.17
C PHE D 591 0.92 -30.01 1.34
N GLY D 592 1.49 -29.43 2.41
CA GLY D 592 1.57 -30.18 3.64
C GLY D 592 0.21 -30.43 4.25
N LYS D 593 -0.65 -29.42 4.25
CA LYS D 593 -2.01 -29.60 4.76
C LYS D 593 -2.81 -30.49 3.81
N PHE D 594 -2.52 -30.43 2.50
CA PHE D 594 -3.15 -31.35 1.57
C PHE D 594 -2.58 -32.76 1.67
N GLY D 595 -1.33 -32.91 2.10
CA GLY D 595 -0.74 -34.21 2.27
C GLY D 595 0.29 -34.58 1.21
N ILE D 596 1.02 -33.58 0.71
CA ILE D 596 2.05 -33.78 -0.30
C ILE D 596 3.36 -33.22 0.23
N ASP D 597 4.42 -34.02 0.17
CA ASP D 597 5.73 -33.61 0.65
C ASP D 597 6.47 -32.90 -0.48
N LEU D 598 6.63 -31.58 -0.33
CA LEU D 598 7.34 -30.77 -1.32
C LEU D 598 8.84 -30.77 -1.05
N GLU D 599 9.42 -31.97 -1.15
CA GLU D 599 10.85 -32.15 -0.93
C GLU D 599 11.37 -33.18 -1.91
N GLY D 600 12.49 -32.87 -2.56
CA GLY D 600 13.05 -33.75 -3.56
C GLY D 600 12.38 -33.69 -4.91
N LYS D 601 11.50 -32.72 -5.14
CA LYS D 601 10.79 -32.58 -6.40
C LYS D 601 11.43 -31.50 -7.25
N SER D 602 10.91 -31.35 -8.47
CA SER D 602 11.38 -30.35 -9.42
C SER D 602 10.27 -29.36 -9.69
N ILE D 603 10.62 -28.07 -9.67
CA ILE D 603 9.65 -26.98 -9.83
C ILE D 603 10.14 -26.08 -10.94
N LEU D 604 9.25 -25.76 -11.90
CA LEU D 604 9.56 -24.86 -13.00
C LEU D 604 8.85 -23.54 -12.75
N ILE D 605 9.62 -22.46 -12.61
CA ILE D 605 9.09 -21.16 -12.27
C ILE D 605 9.09 -20.29 -13.53
N LEU D 606 7.91 -19.82 -13.93
CA LEU D 606 7.77 -18.88 -15.04
C LEU D 606 7.35 -17.53 -14.47
N ARG D 607 8.24 -16.55 -14.61
CA ARG D 607 8.01 -15.21 -14.09
C ARG D 607 7.65 -14.28 -15.23
N ASP D 608 6.61 -13.46 -15.03
CA ASP D 608 6.18 -12.50 -16.03
C ASP D 608 7.04 -11.25 -15.89
N GLY D 609 8.20 -11.28 -16.55
CA GLY D 609 9.14 -10.18 -16.46
C GLY D 609 10.57 -10.65 -16.37
N LYS D 610 11.27 -10.24 -15.31
CA LYS D 610 12.66 -10.61 -15.11
C LYS D 610 12.86 -10.99 -13.66
N ILE D 611 13.62 -12.06 -13.42
CA ILE D 611 13.94 -12.47 -12.06
C ILE D 611 14.97 -11.53 -11.48
N THR D 612 14.68 -11.00 -10.29
CA THR D 612 15.57 -10.07 -9.60
C THR D 612 16.61 -10.83 -8.79
N LYS D 613 17.59 -10.08 -8.28
CA LYS D 613 18.65 -10.69 -7.47
C LYS D 613 18.09 -11.22 -6.15
N ASP D 614 17.18 -10.48 -5.53
CA ASP D 614 16.61 -10.91 -4.25
C ASP D 614 15.83 -12.21 -4.41
N GLU D 615 15.06 -12.34 -5.50
CA GLU D 615 14.38 -13.61 -5.77
C GLU D 615 15.38 -14.73 -6.02
N GLU D 616 16.50 -14.44 -6.68
CA GLU D 616 17.54 -15.44 -6.87
C GLU D 616 18.05 -15.95 -5.52
N GLU D 617 18.38 -15.02 -4.62
CA GLU D 617 18.91 -15.43 -3.31
C GLU D 617 17.87 -16.20 -2.51
N GLY D 618 16.60 -15.76 -2.57
CA GLY D 618 15.55 -16.49 -1.88
C GLY D 618 15.38 -17.91 -2.40
N LEU D 619 15.39 -18.07 -3.72
CA LEU D 619 15.27 -19.40 -4.31
C LEU D 619 16.46 -20.27 -3.94
N ALA D 620 17.67 -19.70 -3.94
CA ALA D 620 18.85 -20.45 -3.56
C ALA D 620 18.75 -20.93 -2.12
N TYR D 621 18.33 -20.04 -1.21
CA TYR D 621 18.19 -20.42 0.19
C TYR D 621 17.13 -21.50 0.36
N ILE D 622 16.00 -21.38 -0.33
CA ILE D 622 14.93 -22.35 -0.20
C ILE D 622 15.37 -23.71 -0.72
N SER D 623 16.10 -23.73 -1.84
CA SER D 623 16.62 -24.99 -2.36
C SER D 623 17.63 -25.60 -1.40
N LYS D 624 18.47 -24.78 -0.78
CA LYS D 624 19.45 -25.31 0.17
C LYS D 624 18.75 -25.92 1.39
N VAL D 625 17.70 -25.27 1.88
CA VAL D 625 17.05 -25.73 3.11
C VAL D 625 16.12 -26.91 2.85
N PHE D 626 15.10 -26.72 2.01
CA PHE D 626 14.07 -27.74 1.83
C PHE D 626 14.42 -28.79 0.78
N GLY D 627 15.54 -28.62 0.07
CA GLY D 627 15.99 -29.65 -0.86
C GLY D 627 15.10 -29.87 -2.07
N ILE D 628 14.80 -28.82 -2.82
CA ILE D 628 14.03 -28.93 -4.06
C ILE D 628 14.83 -28.28 -5.18
N LYS D 629 14.75 -28.90 -6.36
CA LYS D 629 15.43 -28.40 -7.56
C LYS D 629 14.52 -27.37 -8.23
N ILE D 630 15.07 -26.20 -8.55
CA ILE D 630 14.30 -25.11 -9.10
C ILE D 630 14.82 -24.77 -10.49
N THR D 631 13.91 -24.56 -11.44
CA THR D 631 14.25 -24.12 -12.78
C THR D 631 13.49 -22.84 -13.09
N THR D 632 14.22 -21.79 -13.44
CA THR D 632 13.63 -20.47 -13.67
C THR D 632 13.83 -20.02 -15.11
N PHE D 633 12.81 -19.32 -15.61
CA PHE D 633 12.78 -18.78 -16.97
C PHE D 633 12.40 -17.32 -16.93
N ASN D 634 12.92 -16.54 -17.87
CA ASN D 634 12.54 -15.15 -18.04
C ASN D 634 11.74 -14.98 -19.33
N ILE D 635 10.54 -14.42 -19.20
CA ILE D 635 9.62 -14.22 -20.30
C ILE D 635 9.43 -12.71 -20.49
N VAL D 636 9.62 -12.25 -21.72
CA VAL D 636 9.49 -10.83 -22.04
C VAL D 636 8.50 -10.70 -23.21
N LYS D 637 7.58 -9.74 -23.09
CA LYS D 637 6.53 -9.55 -24.08
C LYS D 637 6.70 -8.31 -24.94
N ARG D 638 7.51 -7.36 -24.50
CA ARG D 638 7.70 -6.08 -25.19
C ARG D 638 9.18 -5.84 -25.41
N HIS D 639 9.57 -5.84 -26.68
CA HIS D 639 10.94 -5.53 -27.09
C HIS D 639 10.85 -4.82 -28.44
N LEU D 640 12.00 -4.61 -29.07
CA LEU D 640 12.08 -3.86 -30.31
C LEU D 640 12.33 -4.73 -31.53
N LEU D 641 12.29 -6.05 -31.38
CA LEU D 641 12.62 -6.97 -32.47
C LEU D 641 11.34 -7.50 -33.11
N ARG D 642 11.30 -7.46 -34.44
CA ARG D 642 10.15 -7.92 -35.21
C ARG D 642 10.60 -8.97 -36.22
N ILE D 643 9.84 -10.05 -36.32
CA ILE D 643 10.06 -11.09 -37.31
C ILE D 643 8.95 -10.95 -38.35
N PHE D 644 9.35 -10.62 -39.58
CA PHE D 644 8.38 -10.30 -40.64
C PHE D 644 7.89 -11.62 -41.27
N ALA D 645 7.06 -12.32 -40.52
CA ALA D 645 6.41 -13.53 -40.98
C ALA D 645 5.16 -13.76 -40.16
N ASN D 646 4.25 -14.56 -40.70
CA ASN D 646 2.98 -14.88 -40.04
C ASN D 646 2.84 -16.39 -40.01
N ARG D 647 3.46 -17.02 -39.01
CA ARG D 647 3.44 -18.47 -38.84
C ARG D 647 4.10 -18.80 -37.51
N LYS D 648 3.72 -19.94 -36.95
CA LYS D 648 4.31 -20.38 -35.69
C LYS D 648 5.74 -20.85 -35.92
N LEU D 649 6.69 -20.29 -35.18
CA LEU D 649 8.09 -20.63 -35.34
C LEU D 649 8.85 -20.18 -34.09
N TYR D 650 10.15 -20.39 -34.10
CA TYR D 650 11.04 -19.88 -33.06
C TYR D 650 12.39 -19.57 -33.66
N LEU D 651 13.00 -18.50 -33.19
CA LEU D 651 14.28 -18.01 -33.69
C LEU D 651 15.29 -17.98 -32.56
N ARG D 652 16.42 -18.65 -32.75
CA ARG D 652 17.49 -18.67 -31.75
C ARG D 652 18.44 -17.53 -32.06
N LEU D 653 18.32 -16.43 -31.31
CA LEU D 653 19.10 -15.23 -31.57
C LEU D 653 19.89 -14.86 -30.32
N ALA D 654 21.20 -14.65 -30.50
CA ALA D 654 22.11 -14.39 -29.38
C ALA D 654 22.03 -15.52 -28.37
N ASN D 655 21.56 -15.20 -27.15
CA ASN D 655 21.35 -16.19 -26.11
C ASN D 655 19.88 -16.31 -25.72
N SER D 656 18.98 -15.90 -26.61
CA SER D 656 17.56 -15.91 -26.35
C SER D 656 16.82 -16.63 -27.46
N VAL D 657 15.56 -16.98 -27.18
CA VAL D 657 14.69 -17.65 -28.14
C VAL D 657 13.44 -16.79 -28.33
N TYR D 658 13.21 -16.36 -29.56
CA TYR D 658 12.04 -15.55 -29.91
C TYR D 658 10.98 -16.47 -30.51
N LEU D 659 9.90 -16.69 -29.76
CA LEU D 659 8.85 -17.63 -30.13
C LEU D 659 7.66 -16.88 -30.71
N LEU D 660 6.94 -17.54 -31.63
CA LEU D 660 5.70 -17.01 -32.20
C LEU D 660 4.63 -18.07 -31.98
N PRO D 661 4.07 -18.16 -30.78
CA PRO D 661 3.11 -19.22 -30.46
C PRO D 661 1.69 -18.97 -30.94
N HIS D 662 1.49 -18.02 -31.87
CA HIS D 662 0.15 -17.67 -32.30
C HIS D 662 0.22 -17.09 -33.71
N ARG D 663 -0.94 -17.02 -34.36
CA ARG D 663 -1.08 -16.44 -35.68
C ARG D 663 -2.14 -15.35 -35.63
N ILE D 664 -1.82 -14.19 -36.18
CA ILE D 664 -2.74 -13.06 -36.16
C ILE D 664 -3.88 -13.30 -37.16
N LYS D 665 -5.10 -13.09 -36.70
CA LYS D 665 -6.28 -13.26 -37.54
C LYS D 665 -6.66 -12.01 -38.31
N GLN D 666 -6.31 -10.82 -37.81
CA GLN D 666 -6.68 -9.59 -38.48
C GLN D 666 -5.80 -9.37 -39.72
N SER D 667 -6.20 -8.40 -40.54
CA SER D 667 -5.48 -8.06 -41.75
C SER D 667 -4.57 -6.85 -41.58
N VAL D 668 -4.41 -6.37 -40.35
CA VAL D 668 -3.52 -5.24 -40.07
C VAL D 668 -2.72 -5.57 -38.81
N GLY D 669 -1.43 -5.29 -38.84
CA GLY D 669 -0.57 -5.49 -37.67
C GLY D 669 0.49 -6.55 -37.87
N THR D 670 1.65 -6.32 -37.25
CA THR D 670 2.74 -7.29 -37.26
C THR D 670 2.76 -8.03 -35.94
N PRO D 671 2.78 -9.36 -35.92
CA PRO D 671 2.79 -10.08 -34.64
C PRO D 671 4.03 -9.75 -33.83
N VAL D 672 3.85 -9.72 -32.51
CA VAL D 672 4.92 -9.40 -31.57
C VAL D 672 5.41 -10.71 -30.96
N PRO D 673 6.67 -11.09 -31.17
CA PRO D 673 7.16 -12.37 -30.64
C PRO D 673 7.40 -12.29 -29.14
N LEU D 674 7.53 -13.47 -28.53
CA LEU D 674 7.77 -13.62 -27.10
C LEU D 674 9.22 -13.99 -26.88
N LYS D 675 9.91 -13.26 -26.01
CA LYS D 675 11.32 -13.49 -25.76
C LYS D 675 11.49 -14.40 -24.54
N LEU D 676 12.24 -15.49 -24.74
CA LEU D 676 12.59 -16.42 -23.68
C LEU D 676 14.09 -16.30 -23.42
N SER D 677 14.47 -16.07 -22.18
CA SER D 677 15.88 -15.85 -21.86
C SER D 677 16.16 -16.21 -20.41
N GLU D 678 17.44 -16.36 -20.11
CA GLU D 678 17.96 -16.54 -18.76
C GLU D 678 17.32 -17.74 -18.06
N LYS D 679 17.59 -18.93 -18.62
CA LYS D 679 17.21 -20.16 -17.95
C LYS D 679 18.24 -20.46 -16.87
N ARG D 680 17.76 -20.75 -15.65
CA ARG D 680 18.64 -20.98 -14.52
C ARG D 680 18.21 -22.22 -13.76
N LEU D 681 19.19 -22.95 -13.23
CA LEU D 681 18.95 -24.12 -12.41
C LEU D 681 19.55 -23.91 -11.03
N ILE D 682 18.72 -24.03 -10.01
CA ILE D 682 19.13 -23.88 -8.62
C ILE D 682 19.04 -25.25 -7.96
N LEU D 683 20.18 -25.72 -7.45
CA LEU D 683 20.31 -27.03 -6.82
C LEU D 683 21.23 -26.91 -5.63
N ASP D 684 20.71 -27.27 -4.45
CA ASP D 684 21.49 -27.25 -3.20
C ASP D 684 22.13 -25.89 -2.94
N GLY D 685 21.41 -24.83 -3.26
CA GLY D 685 21.91 -23.49 -3.04
C GLY D 685 22.89 -22.99 -4.08
N THR D 686 23.11 -23.75 -5.15
CA THR D 686 24.00 -23.35 -6.24
C THR D 686 23.16 -22.97 -7.45
N ILE D 687 23.43 -21.80 -8.01
CA ILE D 687 22.71 -21.30 -9.17
C ILE D 687 23.64 -21.40 -10.39
N THR D 688 23.21 -22.16 -11.39
CA THR D 688 23.98 -22.31 -12.62
C THR D 688 23.11 -21.92 -13.81
N SER D 689 23.77 -21.50 -14.88
CA SER D 689 23.07 -21.19 -16.12
C SER D 689 22.96 -22.44 -16.98
N GLN D 690 21.94 -22.46 -17.84
CA GLN D 690 21.69 -23.59 -18.73
C GLN D 690 21.41 -23.06 -20.12
N GLU D 691 21.16 -23.98 -21.05
CA GLU D 691 20.83 -23.66 -22.43
C GLU D 691 19.45 -24.16 -22.76
N ILE D 692 18.65 -23.33 -23.44
CA ILE D 692 17.26 -23.67 -23.72
C ILE D 692 17.22 -24.79 -24.76
N THR D 693 16.72 -25.94 -24.36
CA THR D 693 16.60 -27.10 -25.23
C THR D 693 15.31 -27.00 -26.05
N TYR D 694 15.24 -27.77 -27.14
CA TYR D 694 14.03 -27.79 -27.95
C TYR D 694 12.83 -28.31 -27.15
N ASN D 695 13.07 -29.21 -26.18
CA ASN D 695 11.97 -29.69 -25.36
C ASN D 695 11.36 -28.57 -24.53
N ASP D 696 12.18 -27.64 -24.01
CA ASP D 696 11.65 -26.52 -23.26
C ASP D 696 10.77 -25.64 -24.13
N ILE D 697 11.20 -25.37 -25.36
CA ILE D 697 10.39 -24.57 -26.28
C ILE D 697 9.08 -25.27 -26.61
N PHE D 698 9.14 -26.59 -26.82
CA PHE D 698 7.93 -27.36 -27.08
C PHE D 698 6.97 -27.28 -25.90
N GLU D 699 7.50 -27.38 -24.68
CA GLU D 699 6.66 -27.32 -23.49
C GLU D 699 6.02 -25.94 -23.34
N ILE D 700 6.79 -24.88 -23.62
CA ILE D 700 6.24 -23.53 -23.55
C ILE D 700 5.13 -23.36 -24.58
N LEU D 701 5.36 -23.83 -25.81
CA LEU D 701 4.35 -23.71 -26.85
C LEU D 701 3.09 -24.49 -26.49
N LEU D 702 3.24 -25.68 -25.90
CA LEU D 702 2.07 -26.44 -25.48
C LEU D 702 1.32 -25.75 -24.35
N LEU D 703 2.04 -25.13 -23.41
CA LEU D 703 1.38 -24.39 -22.35
C LEU D 703 0.66 -23.16 -22.89
N SER D 704 1.12 -22.61 -24.01
CA SER D 704 0.45 -21.46 -24.61
C SER D 704 -0.97 -21.81 -25.09
N GLU D 705 -1.28 -23.09 -25.25
CA GLU D 705 -2.63 -23.52 -25.59
C GLU D 705 -3.46 -23.65 -24.32
N LEU D 706 -4.61 -24.32 -24.42
CA LEU D 706 -5.49 -24.63 -23.28
C LEU D 706 -5.94 -23.36 -22.57
N ASN D 707 -6.66 -22.54 -23.32
CA ASN D 707 -7.33 -21.38 -22.75
C ASN D 707 -8.70 -21.78 -22.20
N TYR D 708 -9.11 -21.12 -21.14
CA TYR D 708 -10.39 -21.41 -20.50
C TYR D 708 -11.34 -20.21 -20.50
N GLY D 709 -11.08 -19.21 -21.34
CA GLY D 709 -11.94 -18.05 -21.41
C GLY D 709 -12.69 -17.95 -22.72
N SER D 710 -12.07 -18.38 -23.81
CA SER D 710 -12.71 -18.31 -25.12
C SER D 710 -12.36 -19.55 -25.92
N ILE D 711 -13.24 -19.89 -26.86
CA ILE D 711 -13.03 -21.01 -27.75
C ILE D 711 -12.23 -20.65 -29.00
N SER D 712 -12.14 -19.37 -29.34
CA SER D 712 -11.34 -18.91 -30.46
C SER D 712 -10.07 -18.20 -30.00
N ALA D 713 -9.60 -18.51 -28.80
CA ALA D 713 -8.44 -17.83 -28.24
C ALA D 713 -7.15 -18.26 -28.94
N ASP D 714 -6.25 -17.30 -29.10
CA ASP D 714 -4.91 -17.55 -29.63
C ASP D 714 -3.90 -16.82 -28.78
N MET D 715 -4.00 -17.01 -27.46
CA MET D 715 -3.20 -16.24 -26.52
C MET D 715 -1.71 -16.54 -26.67
N LYS D 716 -0.90 -15.57 -26.26
CA LYS D 716 0.55 -15.62 -26.44
C LYS D 716 1.25 -16.23 -25.23
N LEU D 717 0.97 -15.73 -24.04
CA LEU D 717 1.64 -16.19 -22.84
C LEU D 717 1.24 -17.62 -22.50
N PRO D 718 2.08 -18.34 -21.75
CA PRO D 718 1.67 -19.65 -21.25
C PRO D 718 0.50 -19.53 -20.28
N ALA D 719 -0.16 -20.66 -20.03
CA ALA D 719 -1.32 -20.66 -19.16
C ALA D 719 -1.01 -20.21 -17.73
N PRO D 720 0.03 -20.73 -17.05
CA PRO D 720 0.28 -20.24 -15.68
C PRO D 720 0.51 -18.75 -15.57
N VAL D 721 1.27 -18.16 -16.50
CA VAL D 721 1.54 -16.73 -16.44
C VAL D 721 0.27 -15.93 -16.69
N HIS D 722 -0.52 -16.34 -17.69
CA HIS D 722 -1.76 -15.64 -18.00
C HIS D 722 -2.73 -15.69 -16.82
N TYR D 723 -2.85 -16.85 -16.19
CA TYR D 723 -3.78 -16.97 -15.07
C TYR D 723 -3.25 -16.31 -13.81
N ALA D 724 -1.93 -16.23 -13.62
CA ALA D 724 -1.38 -15.43 -12.53
C ALA D 724 -1.69 -13.95 -12.75
N HIS D 725 -1.61 -13.49 -14.01
CA HIS D 725 -2.01 -12.12 -14.32
C HIS D 725 -3.47 -11.88 -13.98
N LYS D 726 -4.35 -12.81 -14.34
CA LYS D 726 -5.77 -12.65 -14.02
C LYS D 726 -6.02 -12.69 -12.52
N PHE D 727 -5.30 -13.55 -11.79
CA PHE D 727 -5.50 -13.63 -10.35
C PHE D 727 -5.02 -12.37 -9.65
N VAL D 728 -3.92 -11.78 -10.13
CA VAL D 728 -3.46 -10.54 -9.50
C VAL D 728 -4.35 -9.38 -9.90
N ARG D 729 -4.96 -9.43 -11.09
CA ARG D 729 -6.09 -8.55 -11.41
C ARG D 729 -7.17 -8.65 -10.35
N ALA D 730 -7.60 -9.87 -10.04
CA ALA D 730 -8.70 -10.05 -9.10
C ALA D 730 -8.34 -9.54 -7.72
N LEU D 731 -7.10 -9.78 -7.26
CA LEU D 731 -6.70 -9.32 -5.94
C LEU D 731 -6.54 -7.81 -5.88
N ARG D 732 -6.07 -7.18 -6.96
CA ARG D 732 -5.87 -5.73 -6.93
C ARG D 732 -7.18 -4.99 -6.75
N LYS D 733 -8.22 -5.39 -7.48
CA LYS D 733 -9.51 -4.71 -7.45
C LYS D 733 -10.42 -5.19 -6.34
N GLY D 734 -9.93 -6.07 -5.46
CA GLY D 734 -10.66 -6.44 -4.26
C GLY D 734 -11.67 -7.54 -4.43
N TRP D 735 -11.83 -8.12 -5.62
CA TRP D 735 -12.79 -9.20 -5.82
C TRP D 735 -12.29 -10.46 -5.10
N ARG D 736 -12.87 -10.70 -3.92
CA ARG D 736 -12.60 -11.91 -3.15
C ARG D 736 -11.11 -12.07 -2.83
ZN ZN G . 5.53 7.14 -2.02
MG MG H . -4.49 4.31 16.62
MG MG I . -5.42 7.59 14.59
MG MG J . -1.72 -9.51 23.56
MG MG K . 0.84 -8.58 -15.32
MG MG L . 4.69 -8.40 -14.37
MG MG M . -14.47 -10.67 -18.19
#